data_2K6P
#
_entry.id   2K6P
#
_entity_poly.entity_id   1
_entity_poly.type   'polypeptide(L)'
_entity_poly.pdbx_seq_one_letter_code
;MRIDKFLQSVGLVKRRVLATDMCNVGAVWLNGSCAKASKEVKAGDTISLHYLKGIEEYTILQIPALKNVPRKDTHLYIAP
KTKELEHHHHHH
;
_entity_poly.pdbx_strand_id   A
#
# COMPACT_ATOMS: atom_id res chain seq x y z
N MET A 1 5.64 9.77 -2.55
CA MET A 1 4.76 8.57 -2.53
C MET A 1 4.45 8.14 -1.10
N ARG A 2 3.18 7.83 -0.84
CA ARG A 2 2.76 7.41 0.49
C ARG A 2 1.83 6.19 0.41
N ILE A 3 1.73 5.45 1.51
CA ILE A 3 0.88 4.27 1.56
C ILE A 3 -0.52 4.56 1.04
N ASP A 4 -0.95 5.81 1.15
CA ASP A 4 -2.28 6.22 0.70
C ASP A 4 -2.40 6.11 -0.82
N LYS A 5 -1.52 6.82 -1.53
CA LYS A 5 -1.54 6.82 -2.99
C LYS A 5 -0.64 5.72 -3.56
N PHE A 6 0.08 5.01 -2.70
CA PHE A 6 0.99 3.95 -3.14
C PHE A 6 0.25 2.70 -3.58
N LEU A 7 -0.45 2.05 -2.64
CA LEU A 7 -1.18 0.84 -2.94
C LEU A 7 -2.58 1.12 -3.47
N GLN A 8 -3.04 2.35 -3.32
CA GLN A 8 -4.36 2.72 -3.81
C GLN A 8 -4.32 3.22 -5.25
N SER A 9 -3.12 3.50 -5.76
CA SER A 9 -2.96 3.99 -7.12
C SER A 9 -2.09 3.04 -7.95
N VAL A 10 -2.07 1.77 -7.57
CA VAL A 10 -1.28 0.77 -8.29
C VAL A 10 -2.17 -0.27 -8.96
N GLY A 11 -3.40 -0.40 -8.47
CA GLY A 11 -4.33 -1.37 -9.04
C GLY A 11 -4.85 -2.36 -8.02
N LEU A 12 -4.49 -2.15 -6.75
CA LEU A 12 -4.92 -3.04 -5.68
C LEU A 12 -6.36 -2.71 -5.25
N VAL A 13 -6.55 -1.48 -4.77
CA VAL A 13 -7.87 -1.05 -4.33
C VAL A 13 -8.29 0.24 -5.03
N LYS A 14 -9.28 0.15 -5.90
CA LYS A 14 -9.78 1.31 -6.63
C LYS A 14 -11.08 1.82 -6.01
N ARG A 15 -11.09 3.12 -5.71
CA ARG A 15 -12.27 3.75 -5.11
C ARG A 15 -12.37 5.22 -5.50
N ARG A 16 -13.47 5.86 -5.13
CA ARG A 16 -13.69 7.26 -5.43
C ARG A 16 -14.21 8.01 -4.22
N VAL A 17 -13.30 8.44 -3.35
CA VAL A 17 -13.67 9.17 -2.14
C VAL A 17 -12.54 10.07 -1.67
N LEU A 18 -12.87 11.30 -1.30
CA LEU A 18 -11.88 12.26 -0.84
C LEU A 18 -11.46 12.00 0.61
N ALA A 19 -12.06 10.99 1.23
CA ALA A 19 -11.75 10.66 2.62
C ALA A 19 -11.14 9.26 2.72
N THR A 20 -9.85 9.20 3.01
CA THR A 20 -9.15 7.93 3.13
C THR A 20 -9.76 7.08 4.23
N ASP A 21 -10.37 5.96 3.84
CA ASP A 21 -10.99 5.05 4.79
C ASP A 21 -10.02 3.96 5.22
N MET A 22 -9.09 3.62 4.33
CA MET A 22 -8.10 2.59 4.63
C MET A 22 -7.31 2.92 5.89
N CYS A 23 -7.14 4.21 6.15
CA CYS A 23 -6.40 4.66 7.33
C CYS A 23 -7.29 4.62 8.57
N ASN A 24 -8.60 4.65 8.37
CA ASN A 24 -9.55 4.62 9.48
C ASN A 24 -9.94 3.19 9.81
N VAL A 25 -10.23 2.40 8.78
CA VAL A 25 -10.62 1.01 8.97
C VAL A 25 -9.54 0.23 9.71
N GLY A 26 -8.29 0.65 9.54
CA GLY A 26 -7.19 -0.02 10.20
C GLY A 26 -6.40 -0.91 9.25
N ALA A 27 -6.36 -0.52 7.98
CA ALA A 27 -5.64 -1.28 6.97
C ALA A 27 -4.25 -0.72 6.75
N VAL A 28 -4.10 0.58 6.93
CA VAL A 28 -2.81 1.24 6.76
C VAL A 28 -1.84 0.86 7.89
N TRP A 29 -0.80 0.11 7.53
CA TRP A 29 0.19 -0.32 8.51
C TRP A 29 1.57 -0.39 7.87
N LEU A 30 2.48 0.46 8.33
CA LEU A 30 3.84 0.50 7.81
C LEU A 30 4.83 -0.01 8.85
N ASN A 31 5.70 -0.93 8.43
CA ASN A 31 6.70 -1.50 9.32
C ASN A 31 6.05 -2.15 10.53
N GLY A 32 4.93 -2.83 10.30
CA GLY A 32 4.22 -3.50 11.37
C GLY A 32 3.67 -2.52 12.40
N SER A 33 3.35 -1.32 11.95
CA SER A 33 2.80 -0.29 12.82
C SER A 33 1.69 0.49 12.13
N CYS A 34 0.61 0.74 12.85
CA CYS A 34 -0.52 1.48 12.30
C CYS A 34 -0.11 2.90 11.91
N ALA A 35 -0.55 3.32 10.73
CA ALA A 35 -0.22 4.65 10.23
C ALA A 35 -1.45 5.34 9.63
N LYS A 36 -1.44 6.66 9.63
CA LYS A 36 -2.55 7.43 9.09
C LYS A 36 -2.47 7.51 7.57
N ALA A 37 -3.24 8.42 6.99
CA ALA A 37 -3.25 8.60 5.54
C ALA A 37 -2.32 9.72 5.11
N SER A 38 -1.26 9.93 5.89
CA SER A 38 -0.29 10.98 5.60
C SER A 38 1.12 10.52 5.96
N LYS A 39 1.33 9.21 5.94
CA LYS A 39 2.64 8.64 6.27
C LYS A 39 3.41 8.30 5.00
N GLU A 40 4.57 8.94 4.82
CA GLU A 40 5.40 8.69 3.65
C GLU A 40 6.02 7.30 3.71
N VAL A 41 6.08 6.63 2.56
CA VAL A 41 6.64 5.30 2.48
C VAL A 41 8.08 5.35 1.95
N LYS A 42 8.82 4.26 2.18
CA LYS A 42 10.21 4.19 1.73
C LYS A 42 10.44 2.91 0.91
N ALA A 43 11.56 2.87 0.19
CA ALA A 43 11.89 1.71 -0.63
C ALA A 43 12.40 0.56 0.24
N GLY A 44 12.27 -0.66 -0.28
CA GLY A 44 12.72 -1.82 0.45
C GLY A 44 12.03 -1.97 1.79
N ASP A 45 10.81 -1.44 1.89
CA ASP A 45 10.04 -1.51 3.13
C ASP A 45 8.89 -2.50 3.00
N THR A 46 8.06 -2.57 4.04
CA THR A 46 6.92 -3.47 4.05
C THR A 46 5.61 -2.70 3.95
N ILE A 47 4.55 -3.38 3.52
CA ILE A 47 3.23 -2.77 3.40
C ILE A 47 2.14 -3.71 3.88
N SER A 48 1.55 -3.40 5.03
CA SER A 48 0.49 -4.22 5.59
C SER A 48 -0.88 -3.78 5.10
N LEU A 49 -1.82 -4.71 5.09
CA LEU A 49 -3.18 -4.41 4.65
C LEU A 49 -4.19 -5.25 5.41
N HIS A 50 -5.21 -4.60 5.97
CA HIS A 50 -6.24 -5.29 6.74
C HIS A 50 -7.52 -5.43 5.92
N TYR A 51 -8.09 -6.63 5.94
CA TYR A 51 -9.31 -6.91 5.21
C TYR A 51 -10.26 -7.78 6.04
N LEU A 52 -11.39 -8.16 5.46
CA LEU A 52 -12.36 -8.99 6.15
C LEU A 52 -12.14 -10.48 5.86
N LYS A 53 -11.32 -10.77 4.86
CA LYS A 53 -11.03 -12.15 4.48
C LYS A 53 -9.67 -12.59 4.99
N GLY A 54 -8.78 -11.62 5.20
CA GLY A 54 -7.45 -11.93 5.69
C GLY A 54 -6.49 -10.76 5.54
N ILE A 55 -5.36 -10.84 6.23
CA ILE A 55 -4.35 -9.78 6.17
C ILE A 55 -3.32 -10.06 5.09
N GLU A 56 -2.74 -9.00 4.53
CA GLU A 56 -1.74 -9.12 3.48
C GLU A 56 -0.57 -8.16 3.73
N GLU A 57 0.64 -8.70 3.76
CA GLU A 57 1.83 -7.90 3.98
C GLU A 57 2.74 -7.91 2.77
N TYR A 58 2.76 -6.80 2.04
CA TYR A 58 3.59 -6.67 0.85
C TYR A 58 4.94 -6.03 1.18
N THR A 59 5.78 -5.86 0.17
CA THR A 59 7.09 -5.26 0.36
C THR A 59 7.42 -4.31 -0.79
N ILE A 60 7.85 -3.10 -0.44
CA ILE A 60 8.19 -2.09 -1.44
C ILE A 60 9.58 -2.34 -2.01
N LEU A 61 9.65 -2.56 -3.32
CA LEU A 61 10.91 -2.81 -3.99
C LEU A 61 11.64 -1.50 -4.28
N GLN A 62 10.89 -0.42 -4.43
CA GLN A 62 11.45 0.89 -4.71
C GLN A 62 10.37 1.95 -4.77
N ILE A 63 10.78 3.22 -4.75
CA ILE A 63 9.83 4.33 -4.80
C ILE A 63 10.04 5.16 -6.06
N PRO A 64 9.34 4.82 -7.16
CA PRO A 64 9.45 5.55 -8.43
C PRO A 64 8.81 6.92 -8.37
N ALA A 65 8.07 7.19 -7.31
CA ALA A 65 7.41 8.48 -7.14
C ALA A 65 6.39 8.73 -8.25
N LEU A 66 5.50 7.75 -8.46
CA LEU A 66 4.48 7.86 -9.50
C LEU A 66 3.11 8.17 -8.89
N LYS A 67 2.21 8.69 -9.70
CA LYS A 67 0.87 9.03 -9.25
C LYS A 67 -0.08 7.84 -9.39
N ASN A 68 -0.29 7.41 -10.63
CA ASN A 68 -1.18 6.29 -10.91
C ASN A 68 -0.46 5.22 -11.74
N VAL A 69 0.09 4.22 -11.06
CA VAL A 69 0.80 3.14 -11.75
C VAL A 69 -0.18 2.14 -12.36
N PRO A 70 -0.26 2.09 -13.70
CA PRO A 70 -1.17 1.17 -14.40
C PRO A 70 -0.76 -0.29 -14.22
N ARG A 71 -1.37 -1.17 -15.00
CA ARG A 71 -1.07 -2.60 -14.92
C ARG A 71 0.06 -2.97 -15.87
N LYS A 72 1.17 -2.24 -15.77
CA LYS A 72 2.33 -2.50 -16.61
C LYS A 72 3.61 -2.52 -15.79
N ASP A 73 3.88 -1.44 -15.07
CA ASP A 73 5.07 -1.34 -14.24
C ASP A 73 4.71 -1.37 -12.76
N THR A 74 3.57 -2.00 -12.44
CA THR A 74 3.11 -2.10 -11.07
C THR A 74 3.45 -3.47 -10.48
N HIS A 75 4.53 -4.07 -10.98
CA HIS A 75 4.96 -5.38 -10.51
C HIS A 75 6.45 -5.37 -10.15
N LEU A 76 7.03 -4.19 -10.04
CA LEU A 76 8.44 -4.05 -9.69
C LEU A 76 8.65 -3.02 -8.59
N TYR A 77 7.55 -2.57 -7.98
CA TYR A 77 7.63 -1.58 -6.91
C TYR A 77 7.09 -2.14 -5.60
N ILE A 78 6.15 -3.08 -5.71
CA ILE A 78 5.56 -3.70 -4.53
C ILE A 78 5.10 -5.13 -4.83
N ALA A 79 5.32 -6.03 -3.89
CA ALA A 79 4.94 -7.43 -4.05
C ALA A 79 4.59 -8.07 -2.71
N PRO A 80 3.72 -9.08 -2.71
CA PRO A 80 3.31 -9.78 -1.49
C PRO A 80 4.46 -10.60 -0.89
N LYS A 81 4.81 -10.27 0.35
CA LYS A 81 5.89 -10.97 1.05
C LYS A 81 5.58 -12.46 1.17
N THR A 82 6.62 -13.28 1.13
CA THR A 82 6.46 -14.73 1.24
C THR A 82 7.80 -15.40 1.54
N LYS A 83 7.73 -16.63 2.02
CA LYS A 83 8.93 -17.40 2.36
C LYS A 83 8.83 -18.83 1.85
N GLU A 84 9.53 -19.12 0.76
CA GLU A 84 9.51 -20.45 0.18
C GLU A 84 10.72 -21.26 0.64
N MET A 1 6.00 9.31 -1.62
CA MET A 1 4.70 8.62 -1.75
C MET A 1 4.20 8.13 -0.39
N ARG A 2 2.88 8.07 -0.23
CA ARG A 2 2.28 7.62 1.02
C ARG A 2 1.38 6.42 0.78
N ILE A 3 1.27 5.56 1.79
CA ILE A 3 0.44 4.36 1.70
C ILE A 3 -0.95 4.68 1.15
N ASP A 4 -1.40 5.90 1.40
CA ASP A 4 -2.72 6.34 0.93
C ASP A 4 -2.78 6.40 -0.60
N LYS A 5 -1.90 7.19 -1.19
CA LYS A 5 -1.86 7.35 -2.63
C LYS A 5 -0.92 6.35 -3.31
N PHE A 6 -0.21 5.55 -2.50
CA PHE A 6 0.73 4.57 -3.03
C PHE A 6 0.02 3.35 -3.62
N LEU A 7 -0.60 2.55 -2.76
CA LEU A 7 -1.29 1.34 -3.20
C LEU A 7 -2.66 1.65 -3.80
N GLN A 8 -3.14 2.87 -3.59
CA GLN A 8 -4.43 3.26 -4.11
C GLN A 8 -4.31 3.85 -5.52
N SER A 9 -3.10 4.26 -5.88
CA SER A 9 -2.85 4.83 -7.21
C SER A 9 -2.25 3.80 -8.15
N VAL A 10 -1.51 2.85 -7.59
CA VAL A 10 -0.88 1.80 -8.37
C VAL A 10 -1.89 1.05 -9.24
N GLY A 11 -3.13 0.97 -8.76
CA GLY A 11 -4.17 0.30 -9.51
C GLY A 11 -4.89 -0.77 -8.70
N LEU A 12 -4.42 -1.00 -7.47
CA LEU A 12 -5.03 -2.00 -6.60
C LEU A 12 -6.46 -1.64 -6.26
N VAL A 13 -6.64 -0.54 -5.53
CA VAL A 13 -7.98 -0.09 -5.14
C VAL A 13 -8.34 1.21 -5.87
N LYS A 14 -9.57 1.26 -6.36
CA LYS A 14 -10.05 2.44 -7.07
C LYS A 14 -11.53 2.70 -6.77
N ARG A 15 -12.10 3.69 -7.44
CA ARG A 15 -13.50 4.04 -7.25
C ARG A 15 -13.76 4.45 -5.80
N ARG A 16 -13.36 5.67 -5.46
CA ARG A 16 -13.55 6.18 -4.11
C ARG A 16 -13.47 7.70 -4.09
N VAL A 17 -12.40 8.24 -4.66
CA VAL A 17 -12.20 9.69 -4.72
C VAL A 17 -12.04 10.28 -3.31
N LEU A 18 -10.80 10.47 -2.91
CA LEU A 18 -10.50 11.03 -1.59
C LEU A 18 -11.08 10.16 -0.48
N ALA A 19 -10.95 10.62 0.76
CA ALA A 19 -11.46 9.89 1.92
C ALA A 19 -10.62 8.64 2.20
N THR A 20 -10.01 8.60 3.38
CA THR A 20 -9.18 7.47 3.78
C THR A 20 -9.73 6.82 5.05
N ASP A 21 -10.43 5.70 4.87
CA ASP A 21 -11.02 4.98 5.99
C ASP A 21 -10.12 3.83 6.44
N MET A 22 -9.38 3.27 5.49
CA MET A 22 -8.48 2.16 5.78
C MET A 22 -7.47 2.54 6.86
N CYS A 23 -7.16 3.84 6.95
CA CYS A 23 -6.21 4.32 7.93
C CYS A 23 -6.83 4.36 9.33
N ASN A 24 -8.16 4.50 9.38
CA ASN A 24 -8.87 4.55 10.65
C ASN A 24 -9.23 3.15 11.13
N VAL A 25 -9.80 2.34 10.24
CA VAL A 25 -10.19 0.97 10.57
C VAL A 25 -9.00 0.17 11.10
N GLY A 26 -7.82 0.48 10.59
CA GLY A 26 -6.62 -0.23 11.02
C GLY A 26 -5.98 -1.02 9.89
N ALA A 27 -6.25 -0.61 8.65
CA ALA A 27 -5.69 -1.29 7.49
C ALA A 27 -4.32 -0.71 7.12
N VAL A 28 -4.13 0.57 7.42
CA VAL A 28 -2.87 1.23 7.13
C VAL A 28 -1.82 0.94 8.21
N TRP A 29 -0.83 0.14 7.85
CA TRP A 29 0.24 -0.21 8.79
C TRP A 29 1.57 -0.37 8.04
N LEU A 30 2.48 0.56 8.27
CA LEU A 30 3.78 0.53 7.62
C LEU A 30 4.84 0.00 8.58
N ASN A 31 5.66 -0.93 8.07
CA ASN A 31 6.73 -1.52 8.88
C ASN A 31 6.17 -2.15 10.15
N GLY A 32 5.03 -2.82 10.01
CA GLY A 32 4.40 -3.46 11.15
C GLY A 32 4.00 -2.48 12.23
N SER A 33 3.70 -1.24 11.82
CA SER A 33 3.30 -0.21 12.75
C SER A 33 2.10 0.58 12.21
N CYS A 34 1.22 1.00 13.11
CA CYS A 34 0.04 1.76 12.72
C CYS A 34 0.43 3.05 12.01
N ALA A 35 0.02 3.19 10.77
CA ALA A 35 0.33 4.39 9.98
C ALA A 35 -0.94 5.13 9.60
N LYS A 36 -0.78 6.37 9.13
CA LYS A 36 -1.92 7.18 8.73
C LYS A 36 -2.03 7.24 7.21
N ALA A 37 -2.93 8.08 6.71
CA ALA A 37 -3.15 8.22 5.28
C ALA A 37 -2.33 9.38 4.72
N SER A 38 -1.21 9.70 5.37
CA SER A 38 -0.35 10.78 4.93
C SER A 38 1.10 10.52 5.37
N LYS A 39 1.45 9.26 5.51
CA LYS A 39 2.80 8.88 5.92
C LYS A 39 3.63 8.44 4.71
N GLU A 40 4.76 9.10 4.51
CA GLU A 40 5.65 8.77 3.39
C GLU A 40 6.25 7.38 3.56
N VAL A 41 6.48 6.71 2.44
CA VAL A 41 7.05 5.37 2.46
C VAL A 41 8.29 5.28 1.56
N LYS A 42 9.26 4.50 1.98
CA LYS A 42 10.50 4.33 1.22
C LYS A 42 10.55 2.95 0.57
N ALA A 43 11.56 2.74 -0.28
CA ALA A 43 11.72 1.47 -0.95
C ALA A 43 12.20 0.39 0.01
N GLY A 44 11.48 -0.73 0.04
CA GLY A 44 11.83 -1.82 0.94
C GLY A 44 11.03 -1.80 2.22
N ASP A 45 9.81 -1.27 2.15
CA ASP A 45 8.95 -1.18 3.32
C ASP A 45 7.81 -2.20 3.22
N THR A 46 7.28 -2.61 4.37
CA THR A 46 6.19 -3.57 4.41
C THR A 46 4.84 -2.86 4.50
N ILE A 47 4.01 -3.04 3.49
CA ILE A 47 2.69 -2.41 3.46
C ILE A 47 1.61 -3.40 3.86
N SER A 48 1.18 -3.30 5.12
CA SER A 48 0.14 -4.20 5.64
C SER A 48 -1.25 -3.70 5.27
N LEU A 49 -2.18 -4.63 5.08
CA LEU A 49 -3.55 -4.29 4.71
C LEU A 49 -4.55 -5.16 5.48
N HIS A 50 -5.62 -4.54 5.95
CA HIS A 50 -6.64 -5.27 6.70
C HIS A 50 -7.83 -5.61 5.81
N TYR A 51 -8.02 -6.90 5.54
CA TYR A 51 -9.13 -7.36 4.70
C TYR A 51 -10.05 -8.28 5.49
N LEU A 52 -11.07 -8.81 4.81
CA LEU A 52 -12.03 -9.70 5.44
C LEU A 52 -11.55 -11.15 5.38
N LYS A 53 -10.88 -11.50 4.29
CA LYS A 53 -10.38 -12.85 4.10
C LYS A 53 -9.08 -13.06 4.87
N GLY A 54 -8.32 -11.98 5.03
CA GLY A 54 -7.06 -12.07 5.75
C GLY A 54 -6.09 -10.98 5.35
N ILE A 55 -5.02 -10.82 6.13
CA ILE A 55 -4.00 -9.80 5.85
C ILE A 55 -3.13 -10.21 4.67
N GLU A 56 -2.93 -9.26 3.75
CA GLU A 56 -2.11 -9.52 2.56
C GLU A 56 -0.64 -9.26 2.87
N GLU A 57 -0.35 -8.10 3.45
CA GLU A 57 1.02 -7.73 3.79
C GLU A 57 1.90 -7.65 2.55
N TYR A 58 1.99 -6.46 1.97
CA TYR A 58 2.79 -6.24 0.78
C TYR A 58 4.17 -5.70 1.15
N THR A 59 5.01 -5.46 0.15
CA THR A 59 6.35 -4.95 0.38
C THR A 59 6.80 -4.06 -0.78
N ILE A 60 7.16 -2.82 -0.46
CA ILE A 60 7.61 -1.88 -1.48
C ILE A 60 9.03 -2.20 -1.93
N LEU A 61 9.23 -2.24 -3.24
CA LEU A 61 10.54 -2.54 -3.81
C LEU A 61 11.20 -1.29 -4.39
N GLN A 62 10.43 -0.20 -4.48
CA GLN A 62 10.95 1.05 -5.01
C GLN A 62 9.88 2.14 -4.99
N ILE A 63 10.33 3.40 -5.00
CA ILE A 63 9.41 4.54 -4.97
C ILE A 63 9.66 5.46 -6.15
N PRO A 64 9.00 5.21 -7.30
CA PRO A 64 9.16 6.03 -8.50
C PRO A 64 8.53 7.41 -8.36
N ALA A 65 7.74 7.58 -7.30
CA ALA A 65 7.08 8.86 -7.04
C ALA A 65 6.13 9.22 -8.19
N LEU A 66 5.19 8.32 -8.47
CA LEU A 66 4.23 8.55 -9.54
C LEU A 66 2.80 8.64 -8.98
N LYS A 67 1.86 8.99 -9.85
CA LYS A 67 0.46 9.11 -9.44
C LYS A 67 -0.35 7.91 -9.92
N ASN A 68 0.31 6.92 -10.49
CA ASN A 68 -0.35 5.72 -10.98
C ASN A 68 0.65 4.76 -11.62
N VAL A 69 0.39 3.46 -11.49
CA VAL A 69 1.26 2.44 -12.06
C VAL A 69 0.48 1.50 -12.97
N PRO A 70 0.99 1.22 -14.19
CA PRO A 70 0.33 0.33 -15.13
C PRO A 70 0.43 -1.14 -14.71
N ARG A 71 -0.16 -2.02 -15.50
CA ARG A 71 -0.13 -3.45 -15.20
C ARG A 71 1.01 -4.13 -15.95
N LYS A 72 2.17 -3.50 -15.94
CA LYS A 72 3.35 -4.04 -16.61
C LYS A 72 4.58 -3.99 -15.72
N ASP A 73 4.78 -2.85 -15.07
CA ASP A 73 5.93 -2.67 -14.18
C ASP A 73 5.48 -2.44 -12.74
N THR A 74 4.26 -2.87 -12.42
CA THR A 74 3.72 -2.72 -11.07
C THR A 74 4.11 -3.89 -10.18
N HIS A 75 4.96 -4.78 -10.70
CA HIS A 75 5.40 -5.94 -9.93
C HIS A 75 6.78 -5.71 -9.31
N LEU A 76 7.46 -4.66 -9.76
CA LEU A 76 8.78 -4.33 -9.24
C LEU A 76 8.71 -3.18 -8.24
N TYR A 77 7.50 -2.79 -7.86
CA TYR A 77 7.31 -1.70 -6.90
C TYR A 77 6.67 -2.22 -5.62
N ILE A 78 5.79 -3.21 -5.74
CA ILE A 78 5.12 -3.79 -4.59
C ILE A 78 4.70 -5.23 -4.88
N ALA A 79 4.93 -6.11 -3.92
CA ALA A 79 4.57 -7.52 -4.07
C ALA A 79 4.02 -8.09 -2.77
N PRO A 80 2.84 -8.73 -2.81
CA PRO A 80 2.22 -9.33 -1.62
C PRO A 80 3.13 -10.33 -0.93
N LYS A 81 3.68 -9.93 0.22
CA LYS A 81 4.57 -10.80 0.97
C LYS A 81 3.79 -11.66 1.95
N THR A 82 3.21 -12.74 1.44
CA THR A 82 2.42 -13.66 2.26
C THR A 82 2.64 -15.10 1.83
N LYS A 83 1.98 -16.03 2.53
CA LYS A 83 2.09 -17.46 2.23
C LYS A 83 3.54 -17.86 1.93
N GLU A 84 4.27 -18.23 2.98
CA GLU A 84 5.67 -18.64 2.84
C GLU A 84 5.90 -19.99 3.49
N MET A 1 6.01 9.58 -1.94
CA MET A 1 4.99 8.50 -2.01
C MET A 1 4.43 8.18 -0.63
N ARG A 2 3.15 7.80 -0.60
CA ARG A 2 2.49 7.48 0.66
C ARG A 2 1.58 6.26 0.50
N ILE A 3 1.45 5.48 1.57
CA ILE A 3 0.61 4.29 1.55
C ILE A 3 -0.78 4.60 1.01
N ASP A 4 -1.21 5.84 1.15
CA ASP A 4 -2.52 6.25 0.67
C ASP A 4 -2.55 6.26 -0.86
N LYS A 5 -1.58 6.93 -1.47
CA LYS A 5 -1.50 7.01 -2.93
C LYS A 5 -0.66 5.88 -3.52
N PHE A 6 -0.05 5.06 -2.67
CA PHE A 6 0.81 3.97 -3.14
C PHE A 6 0.00 2.74 -3.59
N LEU A 7 -0.60 2.05 -2.63
CA LEU A 7 -1.37 0.85 -2.94
C LEU A 7 -2.72 1.18 -3.58
N GLN A 8 -3.10 2.46 -3.52
CA GLN A 8 -4.35 2.91 -4.10
C GLN A 8 -4.17 3.33 -5.55
N SER A 9 -2.94 3.63 -5.94
CA SER A 9 -2.63 4.05 -7.30
C SER A 9 -2.33 2.84 -8.19
N VAL A 10 -1.57 1.90 -7.65
CA VAL A 10 -1.21 0.70 -8.39
C VAL A 10 -2.44 0.01 -8.98
N GLY A 11 -3.59 0.21 -8.34
CA GLY A 11 -4.81 -0.41 -8.82
C GLY A 11 -5.36 -1.46 -7.87
N LEU A 12 -4.68 -1.66 -6.75
CA LEU A 12 -5.11 -2.64 -5.76
C LEU A 12 -6.51 -2.32 -5.25
N VAL A 13 -6.73 -1.06 -4.88
CA VAL A 13 -8.03 -0.63 -4.38
C VAL A 13 -8.58 0.52 -5.22
N LYS A 14 -9.91 0.58 -5.32
CA LYS A 14 -10.57 1.63 -6.10
C LYS A 14 -10.62 2.93 -5.30
N ARG A 15 -11.11 3.99 -5.94
CA ARG A 15 -11.22 5.29 -5.30
C ARG A 15 -12.29 5.28 -4.22
N ARG A 16 -12.43 6.39 -3.51
CA ARG A 16 -13.41 6.50 -2.44
C ARG A 16 -14.17 7.83 -2.53
N VAL A 17 -15.37 7.86 -1.97
CA VAL A 17 -16.19 9.07 -1.99
C VAL A 17 -15.87 9.95 -0.79
N LEU A 18 -15.47 9.34 0.31
CA LEU A 18 -15.13 10.08 1.53
C LEU A 18 -13.63 10.20 1.69
N ALA A 19 -13.20 10.67 2.87
CA ALA A 19 -11.78 10.84 3.14
C ALA A 19 -11.09 9.49 3.39
N THR A 20 -9.80 9.54 3.67
CA THR A 20 -9.03 8.33 3.93
C THR A 20 -9.61 7.55 5.11
N ASP A 21 -10.30 6.46 4.81
CA ASP A 21 -10.90 5.63 5.84
C ASP A 21 -10.00 4.44 6.19
N MET A 22 -9.24 3.98 5.20
CA MET A 22 -8.33 2.85 5.40
C MET A 22 -7.37 3.11 6.55
N CYS A 23 -7.13 4.39 6.84
CA CYS A 23 -6.22 4.78 7.92
C CYS A 23 -6.89 4.61 9.29
N ASN A 24 -8.21 4.56 9.30
CA ASN A 24 -8.96 4.41 10.56
C ASN A 24 -9.38 2.97 10.78
N VAL A 25 -9.88 2.33 9.73
CA VAL A 25 -10.34 0.94 9.81
C VAL A 25 -9.24 0.04 10.38
N GLY A 26 -7.99 0.37 10.07
CA GLY A 26 -6.87 -0.42 10.55
C GLY A 26 -6.18 -1.18 9.44
N ALA A 27 -6.33 -0.69 8.21
CA ALA A 27 -5.70 -1.33 7.05
C ALA A 27 -4.34 -0.71 6.76
N VAL A 28 -4.21 0.57 7.08
CA VAL A 28 -2.95 1.29 6.85
C VAL A 28 -1.95 0.99 7.96
N TRP A 29 -0.94 0.19 7.63
CA TRP A 29 0.09 -0.18 8.59
C TRP A 29 1.45 -0.29 7.90
N LEU A 30 2.39 0.56 8.30
CA LEU A 30 3.72 0.55 7.73
C LEU A 30 4.74 -0.03 8.70
N ASN A 31 5.56 -0.95 8.20
CA ASN A 31 6.58 -1.60 9.04
C ASN A 31 5.95 -2.30 10.23
N GLY A 32 4.79 -2.91 10.01
CA GLY A 32 4.10 -3.61 11.07
C GLY A 32 3.68 -2.68 12.20
N SER A 33 3.43 -1.42 11.86
CA SER A 33 3.01 -0.44 12.84
C SER A 33 1.86 0.41 12.31
N CYS A 34 0.95 0.80 13.20
CA CYS A 34 -0.20 1.61 12.81
C CYS A 34 0.25 2.94 12.20
N ALA A 35 -0.35 3.29 11.07
CA ALA A 35 -0.01 4.53 10.38
C ALA A 35 -1.26 5.27 9.94
N LYS A 36 -1.09 6.53 9.54
CA LYS A 36 -2.21 7.34 9.08
C LYS A 36 -2.24 7.43 7.57
N ALA A 37 -3.03 8.36 7.04
CA ALA A 37 -3.14 8.54 5.60
C ALA A 37 -2.24 9.66 5.12
N SER A 38 -1.15 9.90 5.84
CA SER A 38 -0.20 10.94 5.47
C SER A 38 1.22 10.54 5.85
N LYS A 39 1.47 9.24 5.89
CA LYS A 39 2.79 8.73 6.24
C LYS A 39 3.57 8.35 4.99
N GLU A 40 4.60 9.14 4.67
CA GLU A 40 5.43 8.89 3.50
C GLU A 40 6.09 7.52 3.59
N VAL A 41 5.99 6.76 2.51
CA VAL A 41 6.58 5.42 2.46
C VAL A 41 8.02 5.47 1.97
N LYS A 42 8.73 4.36 2.09
CA LYS A 42 10.12 4.27 1.66
C LYS A 42 10.40 2.95 0.96
N ALA A 43 11.41 2.95 0.10
CA ALA A 43 11.78 1.75 -0.63
C ALA A 43 12.25 0.65 0.31
N GLY A 44 11.74 -0.56 0.10
CA GLY A 44 12.12 -1.68 0.95
C GLY A 44 11.34 -1.70 2.25
N ASP A 45 10.10 -1.23 2.21
CA ASP A 45 9.26 -1.20 3.40
C ASP A 45 8.11 -2.20 3.28
N THR A 46 7.52 -2.54 4.41
CA THR A 46 6.41 -3.49 4.44
C THR A 46 5.07 -2.76 4.49
N ILE A 47 4.23 -3.02 3.49
CA ILE A 47 2.91 -2.39 3.42
C ILE A 47 1.82 -3.35 3.87
N SER A 48 1.37 -3.17 5.11
CA SER A 48 0.33 -4.02 5.67
C SER A 48 -1.05 -3.54 5.24
N LEU A 49 -1.93 -4.49 4.89
CA LEU A 49 -3.28 -4.16 4.47
C LEU A 49 -4.30 -5.09 5.11
N HIS A 50 -5.45 -4.54 5.47
CA HIS A 50 -6.51 -5.33 6.09
C HIS A 50 -7.56 -5.74 5.07
N TYR A 51 -7.76 -7.05 4.92
CA TYR A 51 -8.74 -7.58 3.98
C TYR A 51 -9.77 -8.44 4.69
N LEU A 52 -10.70 -9.00 3.91
CA LEU A 52 -11.75 -9.84 4.46
C LEU A 52 -11.19 -11.20 4.89
N LYS A 53 -10.19 -11.68 4.16
CA LYS A 53 -9.57 -12.96 4.47
C LYS A 53 -8.34 -12.80 5.36
N GLY A 54 -8.12 -11.58 5.85
CA GLY A 54 -6.98 -11.33 6.72
C GLY A 54 -6.07 -10.25 6.17
N ILE A 55 -4.80 -10.28 6.56
CA ILE A 55 -3.83 -9.29 6.11
C ILE A 55 -2.95 -9.86 5.00
N GLU A 56 -2.73 -9.06 3.96
CA GLU A 56 -1.89 -9.47 2.84
C GLU A 56 -0.42 -9.21 3.13
N GLU A 57 -0.12 -8.01 3.61
CA GLU A 57 1.24 -7.61 3.92
C GLU A 57 2.12 -7.61 2.67
N TYR A 58 2.30 -6.43 2.09
CA TYR A 58 3.12 -6.28 0.90
C TYR A 58 4.49 -5.68 1.24
N THR A 59 5.32 -5.50 0.23
CA THR A 59 6.65 -4.95 0.42
C THR A 59 7.06 -4.05 -0.73
N ILE A 60 7.44 -2.82 -0.42
CA ILE A 60 7.86 -1.87 -1.45
C ILE A 60 9.27 -2.18 -1.94
N LEU A 61 9.38 -2.41 -3.25
CA LEU A 61 10.68 -2.72 -3.86
C LEU A 61 11.42 -1.45 -4.26
N GLN A 62 10.70 -0.33 -4.33
CA GLN A 62 11.31 0.95 -4.71
C GLN A 62 10.28 2.07 -4.66
N ILE A 63 10.76 3.31 -4.74
CA ILE A 63 9.88 4.47 -4.72
C ILE A 63 10.17 5.40 -5.90
N PRO A 64 9.57 5.12 -7.07
CA PRO A 64 9.78 5.94 -8.27
C PRO A 64 9.10 7.30 -8.17
N ALA A 65 8.29 7.48 -7.12
CA ALA A 65 7.59 8.74 -6.91
C ALA A 65 6.63 9.04 -8.07
N LEU A 66 5.74 8.10 -8.34
CA LEU A 66 4.77 8.25 -9.43
C LEU A 66 3.39 8.59 -8.87
N LYS A 67 2.40 8.60 -9.76
CA LYS A 67 1.02 8.91 -9.37
C LYS A 67 0.10 7.74 -9.67
N ASN A 68 0.33 7.08 -10.81
CA ASN A 68 -0.48 5.94 -11.21
C ASN A 68 0.29 5.05 -12.17
N VAL A 69 0.48 3.79 -11.79
CA VAL A 69 1.21 2.84 -12.62
C VAL A 69 0.26 1.91 -13.37
N PRO A 70 0.51 1.67 -14.67
CA PRO A 70 -0.33 0.79 -15.49
C PRO A 70 -0.36 -0.63 -14.96
N ARG A 71 -0.67 -1.59 -15.83
CA ARG A 71 -0.71 -3.00 -15.45
C ARG A 71 0.43 -3.78 -16.08
N LYS A 72 1.65 -3.31 -15.87
CA LYS A 72 2.84 -3.96 -16.43
C LYS A 72 4.04 -3.79 -15.51
N ASP A 73 4.28 -2.56 -15.08
CA ASP A 73 5.40 -2.26 -14.19
C ASP A 73 4.95 -2.18 -12.73
N THR A 74 3.64 -2.12 -12.52
CA THR A 74 3.08 -2.04 -11.18
C THR A 74 3.51 -3.23 -10.32
N HIS A 75 3.93 -4.31 -10.98
CA HIS A 75 4.36 -5.51 -10.27
C HIS A 75 5.88 -5.51 -10.06
N LEU A 76 6.47 -4.32 -10.05
CA LEU A 76 7.92 -4.19 -9.85
C LEU A 76 8.23 -3.22 -8.71
N TYR A 77 7.21 -2.68 -8.07
CA TYR A 77 7.39 -1.74 -6.97
C TYR A 77 6.83 -2.30 -5.67
N ILE A 78 5.92 -3.26 -5.78
CA ILE A 78 5.30 -3.86 -4.59
C ILE A 78 4.83 -5.28 -4.89
N ALA A 79 4.86 -6.13 -3.87
CA ALA A 79 4.42 -7.52 -4.02
C ALA A 79 3.86 -8.06 -2.72
N PRO A 80 2.87 -8.97 -2.79
CA PRO A 80 2.25 -9.56 -1.61
C PRO A 80 3.20 -10.52 -0.87
N LYS A 81 3.62 -10.11 0.33
CA LYS A 81 4.52 -10.93 1.13
C LYS A 81 3.91 -12.29 1.44
N THR A 82 4.37 -13.31 0.71
CA THR A 82 3.87 -14.66 0.91
C THR A 82 4.96 -15.58 1.46
N LYS A 83 4.62 -16.85 1.65
CA LYS A 83 5.56 -17.84 2.17
C LYS A 83 6.38 -17.27 3.34
N GLU A 84 5.72 -17.12 4.48
CA GLU A 84 6.39 -16.59 5.67
C GLU A 84 7.56 -17.47 6.08
N MET A 1 6.53 9.68 -1.71
CA MET A 1 5.41 8.72 -1.85
C MET A 1 4.84 8.35 -0.49
N ARG A 2 3.54 8.07 -0.46
CA ARG A 2 2.87 7.70 0.78
C ARG A 2 1.90 6.54 0.56
N ILE A 3 1.66 5.76 1.60
CA ILE A 3 0.75 4.63 1.51
C ILE A 3 -0.58 5.02 0.88
N ASP A 4 -0.97 6.28 1.04
CA ASP A 4 -2.22 6.77 0.48
C ASP A 4 -2.23 6.64 -1.05
N LYS A 5 -1.27 7.28 -1.70
CA LYS A 5 -1.17 7.23 -3.15
C LYS A 5 -0.30 6.06 -3.63
N PHE A 6 0.31 5.35 -2.69
CA PHE A 6 1.19 4.23 -3.03
C PHE A 6 0.40 3.00 -3.51
N LEU A 7 -0.41 2.43 -2.63
CA LEU A 7 -1.18 1.24 -2.95
C LEU A 7 -2.53 1.58 -3.57
N GLN A 8 -2.94 2.83 -3.47
CA GLN A 8 -4.23 3.26 -4.02
C GLN A 8 -4.10 3.68 -5.47
N SER A 9 -2.89 4.09 -5.87
CA SER A 9 -2.65 4.51 -7.24
C SER A 9 -2.31 3.32 -8.13
N VAL A 10 -1.66 2.32 -7.55
CA VAL A 10 -1.29 1.12 -8.30
C VAL A 10 -2.52 0.36 -8.76
N GLY A 11 -3.60 0.47 -8.00
CA GLY A 11 -4.83 -0.22 -8.34
C GLY A 11 -5.13 -1.37 -7.40
N LEU A 12 -4.98 -1.13 -6.11
CA LEU A 12 -5.23 -2.17 -5.10
C LEU A 12 -6.43 -1.78 -4.23
N VAL A 13 -6.54 -0.50 -3.90
CA VAL A 13 -7.63 -0.01 -3.07
C VAL A 13 -8.97 -0.18 -3.77
N LYS A 14 -10.02 -0.38 -2.98
CA LYS A 14 -11.37 -0.54 -3.52
C LYS A 14 -12.11 0.80 -3.54
N ARG A 15 -13.42 0.73 -3.71
CA ARG A 15 -14.25 1.94 -3.73
C ARG A 15 -13.83 2.84 -4.89
N ARG A 16 -14.74 3.75 -5.28
CA ARG A 16 -14.47 4.67 -6.37
C ARG A 16 -14.28 6.10 -5.84
N VAL A 17 -13.27 6.26 -4.98
CA VAL A 17 -12.98 7.56 -4.40
C VAL A 17 -11.48 7.73 -4.15
N LEU A 18 -11.02 8.98 -4.14
CA LEU A 18 -9.62 9.27 -3.90
C LEU A 18 -9.32 9.40 -2.42
N ALA A 19 -10.33 9.79 -1.64
CA ALA A 19 -10.18 9.96 -0.20
C ALA A 19 -9.64 8.68 0.45
N THR A 20 -8.71 8.84 1.37
CA THR A 20 -8.12 7.70 2.06
C THR A 20 -8.99 7.27 3.24
N ASP A 21 -9.60 6.11 3.12
CA ASP A 21 -10.46 5.58 4.18
C ASP A 21 -9.80 4.40 4.87
N MET A 22 -8.95 3.67 4.14
CA MET A 22 -8.25 2.52 4.69
C MET A 22 -7.53 2.88 5.99
N CYS A 23 -7.12 4.13 6.10
CA CYS A 23 -6.41 4.61 7.29
C CYS A 23 -7.32 4.54 8.53
N ASN A 24 -8.63 4.51 8.30
CA ASN A 24 -9.59 4.45 9.39
C ASN A 24 -9.98 3.00 9.68
N VAL A 25 -10.36 2.27 8.65
CA VAL A 25 -10.76 0.88 8.80
C VAL A 25 -9.65 0.04 9.41
N GLY A 26 -8.40 0.45 9.16
CA GLY A 26 -7.26 -0.26 9.70
C GLY A 26 -6.49 -1.03 8.63
N ALA A 27 -6.67 -0.63 7.37
CA ALA A 27 -5.99 -1.28 6.27
C ALA A 27 -4.75 -0.50 5.85
N VAL A 28 -4.12 0.16 6.82
CA VAL A 28 -2.91 0.94 6.56
C VAL A 28 -1.86 0.68 7.62
N TRP A 29 -0.80 -0.03 7.23
CA TRP A 29 0.28 -0.35 8.15
C TRP A 29 1.64 -0.22 7.45
N LEU A 30 2.37 0.83 7.79
CA LEU A 30 3.68 1.07 7.20
C LEU A 30 4.77 0.39 8.01
N ASN A 31 5.53 -0.49 7.36
CA ASN A 31 6.62 -1.21 8.02
C ASN A 31 6.07 -2.23 9.03
N GLY A 32 5.45 -1.72 10.09
CA GLY A 32 4.89 -2.59 11.10
C GLY A 32 4.56 -1.86 12.39
N SER A 33 3.84 -0.75 12.27
CA SER A 33 3.47 0.04 13.44
C SER A 33 2.28 0.95 13.12
N CYS A 34 1.43 0.49 12.19
CA CYS A 34 0.26 1.26 11.80
C CYS A 34 0.65 2.62 11.23
N ALA A 35 -0.25 3.20 10.45
CA ALA A 35 0.00 4.50 9.84
C ALA A 35 -1.30 5.19 9.44
N LYS A 36 -1.22 6.50 9.20
CA LYS A 36 -2.40 7.27 8.81
C LYS A 36 -2.44 7.46 7.30
N ALA A 37 -3.25 8.42 6.84
CA ALA A 37 -3.37 8.71 5.42
C ALA A 37 -2.43 9.83 5.00
N SER A 38 -1.32 9.97 5.71
CA SER A 38 -0.34 11.02 5.41
C SER A 38 1.07 10.55 5.79
N LYS A 39 1.29 9.25 5.75
CA LYS A 39 2.60 8.69 6.08
C LYS A 39 3.37 8.33 4.82
N GLU A 40 4.59 8.87 4.70
CA GLU A 40 5.43 8.60 3.54
C GLU A 40 6.00 7.20 3.59
N VAL A 41 6.26 6.63 2.42
CA VAL A 41 6.80 5.28 2.33
C VAL A 41 8.20 5.28 1.71
N LYS A 42 8.97 4.23 1.99
CA LYS A 42 10.32 4.11 1.46
C LYS A 42 10.52 2.79 0.74
N ALA A 43 11.72 2.56 0.24
CA ALA A 43 12.03 1.33 -0.46
C ALA A 43 12.43 0.22 0.49
N GLY A 44 11.95 -1.00 0.23
CA GLY A 44 12.26 -2.12 1.09
C GLY A 44 11.46 -2.12 2.38
N ASP A 45 10.26 -1.53 2.32
CA ASP A 45 9.40 -1.47 3.49
C ASP A 45 8.27 -2.48 3.38
N THR A 46 7.57 -2.71 4.49
CA THR A 46 6.46 -3.66 4.51
C THR A 46 5.12 -2.93 4.48
N ILE A 47 4.23 -3.38 3.59
CA ILE A 47 2.91 -2.77 3.46
C ILE A 47 1.82 -3.77 3.85
N SER A 48 1.31 -3.63 5.07
CA SER A 48 0.26 -4.52 5.56
C SER A 48 -1.11 -3.98 5.17
N LEU A 49 -2.05 -4.90 4.93
CA LEU A 49 -3.40 -4.53 4.56
C LEU A 49 -4.43 -5.28 5.40
N HIS A 50 -5.60 -4.68 5.58
CA HIS A 50 -6.66 -5.30 6.37
C HIS A 50 -7.77 -5.84 5.47
N TYR A 51 -8.09 -7.12 5.64
CA TYR A 51 -9.13 -7.76 4.84
C TYR A 51 -10.07 -8.56 5.72
N LEU A 52 -11.03 -9.24 5.10
CA LEU A 52 -12.00 -10.05 5.84
C LEU A 52 -11.48 -11.46 6.03
N LYS A 53 -10.77 -11.96 5.03
CA LYS A 53 -10.21 -13.31 5.08
C LYS A 53 -8.93 -13.34 5.92
N GLY A 54 -8.26 -12.20 5.99
CA GLY A 54 -7.02 -12.12 6.76
C GLY A 54 -6.15 -10.95 6.35
N ILE A 55 -4.85 -11.19 6.28
CA ILE A 55 -3.91 -10.14 5.89
C ILE A 55 -3.03 -10.59 4.73
N GLU A 56 -2.61 -9.64 3.90
CA GLU A 56 -1.77 -9.93 2.75
C GLU A 56 -0.30 -9.66 3.07
N GLU A 57 -0.02 -8.46 3.56
CA GLU A 57 1.35 -8.07 3.91
C GLU A 57 2.24 -8.05 2.66
N TYR A 58 2.51 -6.85 2.16
CA TYR A 58 3.35 -6.69 0.98
C TYR A 58 4.69 -6.08 1.35
N THR A 59 5.54 -5.88 0.34
CA THR A 59 6.86 -5.29 0.56
C THR A 59 7.23 -4.37 -0.59
N ILE A 60 7.62 -3.14 -0.25
CA ILE A 60 7.99 -2.16 -1.27
C ILE A 60 9.39 -2.45 -1.80
N LEU A 61 9.49 -2.56 -3.12
CA LEU A 61 10.77 -2.84 -3.77
C LEU A 61 11.47 -1.55 -4.19
N GLN A 62 10.72 -0.45 -4.23
CA GLN A 62 11.28 0.84 -4.62
C GLN A 62 10.22 1.93 -4.56
N ILE A 63 10.66 3.18 -4.69
CA ILE A 63 9.75 4.32 -4.64
C ILE A 63 9.98 5.25 -5.84
N PRO A 64 9.21 5.05 -6.93
CA PRO A 64 9.33 5.88 -8.14
C PRO A 64 8.85 7.30 -7.92
N ALA A 65 8.15 7.53 -6.81
CA ALA A 65 7.63 8.86 -6.50
C ALA A 65 6.69 9.35 -7.59
N LEU A 66 5.98 8.42 -8.21
CA LEU A 66 5.04 8.76 -9.27
C LEU A 66 3.65 9.05 -8.70
N LYS A 67 2.68 9.24 -9.59
CA LYS A 67 1.31 9.53 -9.18
C LYS A 67 0.41 8.31 -9.39
N ASN A 68 0.50 7.71 -10.58
CA ASN A 68 -0.30 6.54 -10.92
C ASN A 68 0.54 5.49 -11.63
N VAL A 69 0.24 4.22 -11.37
CA VAL A 69 0.97 3.12 -11.99
C VAL A 69 0.00 2.13 -12.64
N PRO A 70 0.08 1.94 -13.97
CA PRO A 70 -0.80 1.01 -14.68
C PRO A 70 -0.78 -0.38 -14.07
N ARG A 71 -1.46 -1.31 -14.73
CA ARG A 71 -1.54 -2.69 -14.24
C ARG A 71 -0.52 -3.58 -14.96
N LYS A 72 0.60 -2.97 -15.36
CA LYS A 72 1.66 -3.70 -16.05
C LYS A 72 2.99 -3.56 -15.32
N ASP A 73 3.30 -2.33 -14.90
CA ASP A 73 4.54 -2.06 -14.18
C ASP A 73 4.28 -1.82 -12.70
N THR A 74 3.19 -2.40 -12.19
CA THR A 74 2.83 -2.25 -10.79
C THR A 74 3.42 -3.38 -9.93
N HIS A 75 3.94 -4.42 -10.59
CA HIS A 75 4.52 -5.55 -9.89
C HIS A 75 6.04 -5.39 -9.73
N LEU A 76 6.51 -4.15 -9.79
CA LEU A 76 7.94 -3.87 -9.66
C LEU A 76 8.21 -2.91 -8.50
N TYR A 77 7.14 -2.42 -7.86
CA TYR A 77 7.27 -1.50 -6.73
C TYR A 77 6.85 -2.16 -5.43
N ILE A 78 6.01 -3.19 -5.53
CA ILE A 78 5.52 -3.90 -4.36
C ILE A 78 5.19 -5.35 -4.68
N ALA A 79 5.53 -6.25 -3.76
CA ALA A 79 5.27 -7.67 -3.94
C ALA A 79 4.89 -8.33 -2.63
N PRO A 80 3.77 -9.09 -2.61
CA PRO A 80 3.30 -9.77 -1.40
C PRO A 80 4.42 -10.53 -0.68
N LYS A 81 4.59 -10.22 0.61
CA LYS A 81 5.63 -10.86 1.40
C LYS A 81 5.18 -12.24 1.87
N THR A 82 5.67 -13.28 1.19
CA THR A 82 5.31 -14.65 1.54
C THR A 82 6.44 -15.62 1.17
N LYS A 83 6.51 -16.73 1.90
CA LYS A 83 7.55 -17.73 1.65
C LYS A 83 7.01 -19.14 1.88
N GLU A 84 7.66 -20.12 1.28
CA GLU A 84 7.25 -21.51 1.42
C GLU A 84 8.09 -22.23 2.48
N MET A 1 6.52 8.43 -1.89
CA MET A 1 5.20 7.75 -2.00
C MET A 1 4.62 7.45 -0.62
N ARG A 2 3.31 7.28 -0.56
CA ARG A 2 2.63 6.98 0.70
C ARG A 2 1.61 5.85 0.51
N ILE A 3 1.45 5.03 1.55
CA ILE A 3 0.50 3.92 1.52
C ILE A 3 -0.83 4.33 0.89
N ASP A 4 -1.19 5.59 1.05
CA ASP A 4 -2.44 6.11 0.49
C ASP A 4 -2.43 6.06 -1.03
N LYS A 5 -1.47 6.74 -1.65
CA LYS A 5 -1.37 6.77 -3.10
C LYS A 5 -0.49 5.64 -3.65
N PHE A 6 0.12 4.86 -2.76
CA PHE A 6 0.99 3.77 -3.19
C PHE A 6 0.21 2.57 -3.70
N LEU A 7 -0.59 1.96 -2.83
CA LEU A 7 -1.38 0.79 -3.20
C LEU A 7 -2.69 1.18 -3.88
N GLN A 8 -3.09 2.43 -3.73
CA GLN A 8 -4.34 2.91 -4.33
C GLN A 8 -4.11 3.45 -5.73
N SER A 9 -2.86 3.81 -6.05
CA SER A 9 -2.54 4.33 -7.38
C SER A 9 -1.75 3.33 -8.20
N VAL A 10 -1.84 2.06 -7.84
CA VAL A 10 -1.13 1.00 -8.56
C VAL A 10 -2.10 0.07 -9.27
N GLY A 11 -3.34 0.02 -8.79
CA GLY A 11 -4.34 -0.84 -9.39
C GLY A 11 -4.90 -1.85 -8.41
N LEU A 12 -5.06 -1.42 -7.15
CA LEU A 12 -5.59 -2.28 -6.11
C LEU A 12 -6.85 -1.68 -5.50
N VAL A 13 -6.80 -0.37 -5.23
CA VAL A 13 -7.93 0.34 -4.65
C VAL A 13 -8.33 1.53 -5.51
N LYS A 14 -9.57 1.98 -5.34
CA LYS A 14 -10.08 3.12 -6.10
C LYS A 14 -10.22 4.35 -5.21
N ARG A 15 -10.73 5.44 -5.78
CA ARG A 15 -10.91 6.68 -5.04
C ARG A 15 -9.58 7.21 -4.53
N ARG A 16 -9.52 8.51 -4.27
CA ARG A 16 -8.31 9.14 -3.78
C ARG A 16 -8.57 10.61 -3.42
N VAL A 17 -7.51 11.32 -3.04
CA VAL A 17 -7.62 12.73 -2.68
C VAL A 17 -8.41 12.90 -1.38
N LEU A 18 -8.28 14.06 -0.75
CA LEU A 18 -8.97 14.35 0.50
C LEU A 18 -8.46 13.45 1.62
N ALA A 19 -8.89 12.20 1.61
CA ALA A 19 -8.46 11.24 2.64
C ALA A 19 -8.98 9.84 2.33
N THR A 20 -8.41 8.84 3.00
CA THR A 20 -8.81 7.46 2.80
C THR A 20 -9.62 6.95 3.99
N ASP A 21 -10.12 5.72 3.88
CA ASP A 21 -10.91 5.13 4.95
C ASP A 21 -10.15 3.99 5.63
N MET A 22 -9.26 3.34 4.87
CA MET A 22 -8.48 2.23 5.40
C MET A 22 -7.70 2.65 6.64
N CYS A 23 -7.28 3.91 6.67
CA CYS A 23 -6.52 4.45 7.80
C CYS A 23 -7.38 4.47 9.06
N ASN A 24 -8.70 4.51 8.89
CA ASN A 24 -9.62 4.55 10.02
C ASN A 24 -10.01 3.13 10.44
N VAL A 25 -10.43 2.32 9.47
CA VAL A 25 -10.84 0.95 9.74
C VAL A 25 -9.70 0.14 10.35
N GLY A 26 -8.48 0.40 9.88
CA GLY A 26 -7.33 -0.32 10.39
C GLY A 26 -6.61 -1.10 9.31
N ALA A 27 -6.58 -0.56 8.10
CA ALA A 27 -5.92 -1.21 6.97
C ALA A 27 -4.74 -0.38 6.47
N VAL A 28 -4.12 0.36 7.39
CA VAL A 28 -2.98 1.20 7.04
C VAL A 28 -1.89 1.10 8.11
N TRP A 29 -0.94 0.20 7.89
CA TRP A 29 0.17 0.00 8.83
C TRP A 29 1.49 -0.05 8.08
N LEU A 30 2.38 0.88 8.40
CA LEU A 30 3.70 0.93 7.77
C LEU A 30 4.75 0.23 8.62
N ASN A 31 5.36 -0.82 8.07
CA ASN A 31 6.38 -1.57 8.78
C ASN A 31 5.84 -2.13 10.08
N GLY A 32 4.68 -2.77 10.01
CA GLY A 32 4.07 -3.35 11.19
C GLY A 32 3.75 -2.32 12.25
N SER A 33 3.42 -1.11 11.80
CA SER A 33 3.09 -0.01 12.72
C SER A 33 1.88 0.75 12.22
N CYS A 34 0.94 1.03 13.12
CA CYS A 34 -0.27 1.77 12.77
C CYS A 34 0.07 3.14 12.19
N ALA A 35 -0.30 3.34 10.93
CA ALA A 35 -0.03 4.60 10.25
C ALA A 35 -1.32 5.22 9.71
N LYS A 36 -1.31 6.54 9.55
CA LYS A 36 -2.48 7.25 9.04
C LYS A 36 -2.44 7.33 7.52
N ALA A 37 -3.21 8.26 6.96
CA ALA A 37 -3.27 8.44 5.51
C ALA A 37 -2.30 9.51 5.05
N SER A 38 -1.22 9.70 5.81
CA SER A 38 -0.21 10.70 5.47
C SER A 38 1.19 10.19 5.78
N LYS A 39 1.36 8.87 5.75
CA LYS A 39 2.65 8.26 6.03
C LYS A 39 3.43 8.01 4.74
N GLU A 40 4.60 8.62 4.63
CA GLU A 40 5.45 8.46 3.45
C GLU A 40 6.31 7.21 3.56
N VAL A 41 6.07 6.25 2.67
CA VAL A 41 6.82 5.00 2.67
C VAL A 41 8.13 5.15 1.89
N LYS A 42 9.01 4.17 2.03
CA LYS A 42 10.29 4.19 1.34
C LYS A 42 10.57 2.86 0.66
N ALA A 43 11.74 2.75 0.03
CA ALA A 43 12.12 1.52 -0.66
C ALA A 43 12.50 0.43 0.34
N GLY A 44 12.15 -0.81 0.01
CA GLY A 44 12.46 -1.92 0.89
C GLY A 44 11.67 -1.89 2.18
N ASP A 45 10.48 -1.30 2.13
CA ASP A 45 9.62 -1.20 3.30
C ASP A 45 8.46 -2.17 3.21
N THR A 46 7.75 -2.37 4.32
CA THR A 46 6.63 -3.28 4.37
C THR A 46 5.30 -2.51 4.27
N ILE A 47 4.33 -3.11 3.60
CA ILE A 47 3.02 -2.50 3.42
C ILE A 47 1.91 -3.44 3.91
N SER A 48 1.44 -3.21 5.13
CA SER A 48 0.38 -4.05 5.70
C SER A 48 -1.00 -3.61 5.21
N LEU A 49 -1.90 -4.58 5.09
CA LEU A 49 -3.26 -4.31 4.64
C LEU A 49 -4.26 -5.23 5.34
N HIS A 50 -5.37 -4.66 5.79
CA HIS A 50 -6.40 -5.42 6.48
C HIS A 50 -7.53 -5.79 5.53
N TYR A 51 -7.83 -7.09 5.45
CA TYR A 51 -8.90 -7.58 4.58
C TYR A 51 -9.91 -8.39 5.36
N LEU A 52 -10.98 -8.81 4.69
CA LEU A 52 -12.02 -9.60 5.32
C LEU A 52 -11.54 -11.02 5.61
N LYS A 53 -10.91 -11.64 4.61
CA LYS A 53 -10.39 -12.99 4.76
C LYS A 53 -9.22 -13.03 5.73
N GLY A 54 -8.46 -11.94 5.78
CA GLY A 54 -7.31 -11.87 6.67
C GLY A 54 -6.47 -10.63 6.44
N ILE A 55 -5.20 -10.70 6.82
CA ILE A 55 -4.29 -9.57 6.64
C ILE A 55 -3.10 -9.96 5.77
N GLU A 56 -2.78 -9.10 4.81
CA GLU A 56 -1.66 -9.35 3.90
C GLU A 56 -0.74 -8.14 3.84
N GLU A 57 0.54 -8.35 4.12
CA GLU A 57 1.51 -7.26 4.09
C GLU A 57 2.48 -7.42 2.92
N TYR A 58 2.57 -6.37 2.10
CA TYR A 58 3.44 -6.36 0.94
C TYR A 58 4.79 -5.74 1.28
N THR A 59 5.67 -5.67 0.29
CA THR A 59 7.00 -5.09 0.48
C THR A 59 7.39 -4.22 -0.70
N ILE A 60 7.78 -2.98 -0.40
CA ILE A 60 8.18 -2.04 -1.44
C ILE A 60 9.59 -2.35 -1.94
N LEU A 61 9.74 -2.47 -3.25
CA LEU A 61 11.04 -2.76 -3.84
C LEU A 61 11.72 -1.48 -4.34
N GLN A 62 10.96 -0.40 -4.45
CA GLN A 62 11.50 0.86 -4.91
C GLN A 62 10.45 1.97 -4.87
N ILE A 63 10.90 3.22 -4.87
CA ILE A 63 10.00 4.37 -4.82
C ILE A 63 10.24 5.30 -6.01
N PRO A 64 9.58 5.04 -7.14
CA PRO A 64 9.73 5.86 -8.35
C PRO A 64 9.12 7.24 -8.19
N ALA A 65 8.35 7.44 -7.12
CA ALA A 65 7.72 8.72 -6.86
C ALA A 65 6.76 9.10 -7.99
N LEU A 66 5.85 8.18 -8.32
CA LEU A 66 4.87 8.42 -9.37
C LEU A 66 3.51 8.77 -8.79
N LYS A 67 2.55 9.05 -9.67
CA LYS A 67 1.20 9.40 -9.25
C LYS A 67 0.23 8.26 -9.54
N ASN A 68 0.50 7.51 -10.59
CA ASN A 68 -0.35 6.39 -10.98
C ASN A 68 0.40 5.42 -11.87
N VAL A 69 0.59 4.19 -11.38
CA VAL A 69 1.29 3.16 -12.13
C VAL A 69 0.36 2.44 -13.09
N PRO A 70 0.81 2.20 -14.35
CA PRO A 70 -0.01 1.52 -15.36
C PRO A 70 -0.43 0.12 -14.92
N ARG A 71 -1.08 -0.61 -15.81
CA ARG A 71 -1.54 -1.96 -15.51
C ARG A 71 -0.58 -3.00 -16.07
N LYS A 72 0.71 -2.66 -16.09
CA LYS A 72 1.73 -3.58 -16.59
C LYS A 72 2.97 -3.55 -15.70
N ASP A 73 3.42 -2.35 -15.35
CA ASP A 73 4.59 -2.20 -14.50
C ASP A 73 4.19 -1.97 -13.04
N THR A 74 3.04 -2.51 -12.66
CA THR A 74 2.54 -2.37 -11.29
C THR A 74 2.89 -3.59 -10.45
N HIS A 75 4.01 -4.23 -10.77
CA HIS A 75 4.45 -5.42 -10.05
C HIS A 75 5.97 -5.42 -9.88
N LEU A 76 6.58 -4.24 -9.98
CA LEU A 76 8.02 -4.12 -9.83
C LEU A 76 8.40 -3.18 -8.68
N TYR A 77 7.39 -2.55 -8.08
CA TYR A 77 7.63 -1.64 -6.97
C TYR A 77 7.16 -2.25 -5.64
N ILE A 78 6.30 -3.26 -5.74
CA ILE A 78 5.79 -3.92 -4.54
C ILE A 78 5.45 -5.38 -4.83
N ALA A 79 5.57 -6.22 -3.80
CA ALA A 79 5.28 -7.65 -3.95
C ALA A 79 4.76 -8.23 -2.64
N PRO A 80 3.74 -9.11 -2.70
CA PRO A 80 3.16 -9.73 -1.52
C PRO A 80 4.20 -10.44 -0.66
N LYS A 81 4.23 -10.11 0.63
CA LYS A 81 5.18 -10.71 1.55
C LYS A 81 4.48 -11.21 2.82
N THR A 82 3.61 -12.20 2.67
CA THR A 82 2.88 -12.76 3.80
C THR A 82 2.75 -14.27 3.68
N LYS A 83 2.58 -14.94 4.81
CA LYS A 83 2.45 -16.39 4.83
C LYS A 83 1.73 -16.86 6.09
N GLU A 84 0.78 -16.05 6.55
CA GLU A 84 0.01 -16.37 7.75
C GLU A 84 -0.94 -17.54 7.49
N MET A 1 6.73 8.16 -1.82
CA MET A 1 5.27 8.24 -2.05
C MET A 1 4.50 8.09 -0.75
N ARG A 2 3.17 8.02 -0.86
CA ARG A 2 2.31 7.88 0.31
C ARG A 2 1.45 6.62 0.22
N ILE A 3 1.42 5.86 1.30
CA ILE A 3 0.64 4.62 1.35
C ILE A 3 -0.78 4.82 0.80
N ASP A 4 -1.28 6.05 0.89
CA ASP A 4 -2.61 6.36 0.40
C ASP A 4 -2.69 6.18 -1.12
N LYS A 5 -1.87 6.93 -1.84
CA LYS A 5 -1.84 6.86 -3.30
C LYS A 5 -0.84 5.82 -3.81
N PHE A 6 -0.08 5.22 -2.90
CA PHE A 6 0.92 4.22 -3.29
C PHE A 6 0.28 2.90 -3.70
N LEU A 7 -0.33 2.21 -2.75
CA LEU A 7 -0.95 0.92 -3.02
C LEU A 7 -2.35 1.07 -3.63
N GLN A 8 -2.89 2.28 -3.59
CA GLN A 8 -4.21 2.55 -4.15
C GLN A 8 -4.13 2.95 -5.62
N SER A 9 -2.92 3.27 -6.08
CA SER A 9 -2.73 3.68 -7.46
C SER A 9 -1.85 2.67 -8.22
N VAL A 10 -1.84 1.42 -7.75
CA VAL A 10 -1.06 0.38 -8.37
C VAL A 10 -1.94 -0.78 -8.83
N GLY A 11 -2.88 -1.17 -7.98
CA GLY A 11 -3.79 -2.25 -8.32
C GLY A 11 -4.14 -3.09 -7.11
N LEU A 12 -4.41 -2.43 -5.98
CA LEU A 12 -4.77 -3.13 -4.76
C LEU A 12 -6.11 -2.63 -4.23
N VAL A 13 -6.28 -1.32 -4.22
CA VAL A 13 -7.52 -0.71 -3.75
C VAL A 13 -8.18 0.11 -4.85
N LYS A 14 -9.51 0.10 -4.87
CA LYS A 14 -10.26 0.85 -5.88
C LYS A 14 -10.88 2.11 -5.27
N ARG A 15 -10.22 3.25 -5.49
CA ARG A 15 -10.70 4.52 -4.97
C ARG A 15 -10.14 5.69 -5.78
N ARG A 16 -11.02 6.53 -6.29
CA ARG A 16 -10.61 7.68 -7.08
C ARG A 16 -10.80 8.98 -6.30
N VAL A 17 -12.03 9.44 -6.21
CA VAL A 17 -12.35 10.67 -5.48
C VAL A 17 -13.15 10.37 -4.22
N LEU A 18 -12.55 9.61 -3.31
CA LEU A 18 -13.21 9.26 -2.06
C LEU A 18 -12.28 9.52 -0.87
N ALA A 19 -12.87 9.72 0.30
CA ALA A 19 -12.12 9.98 1.52
C ALA A 19 -11.38 8.73 1.99
N THR A 20 -10.11 8.89 2.33
CA THR A 20 -9.30 7.76 2.79
C THR A 20 -9.91 7.13 4.04
N ASP A 21 -10.33 5.88 3.91
CA ASP A 21 -10.93 5.16 5.02
C ASP A 21 -9.96 4.13 5.60
N MET A 22 -8.99 3.71 4.79
CA MET A 22 -8.00 2.73 5.22
C MET A 22 -7.26 3.21 6.47
N CYS A 23 -7.04 4.52 6.56
CA CYS A 23 -6.34 5.10 7.69
C CYS A 23 -7.18 5.00 8.97
N ASN A 24 -8.47 4.69 8.82
CA ASN A 24 -9.35 4.58 9.97
C ASN A 24 -9.68 3.12 10.27
N VAL A 25 -10.10 2.38 9.25
CA VAL A 25 -10.44 0.97 9.41
C VAL A 25 -9.28 0.19 10.02
N GLY A 26 -8.06 0.57 9.67
CA GLY A 26 -6.89 -0.11 10.20
C GLY A 26 -6.27 -1.05 9.17
N ALA A 27 -6.03 -0.54 7.97
CA ALA A 27 -5.42 -1.34 6.91
C ALA A 27 -3.99 -0.91 6.65
N VAL A 28 -3.73 0.38 6.81
CA VAL A 28 -2.39 0.93 6.59
C VAL A 28 -1.41 0.43 7.64
N TRP A 29 -0.31 -0.14 7.19
CA TRP A 29 0.70 -0.64 8.10
C TRP A 29 2.09 -0.43 7.52
N LEU A 30 2.77 0.61 7.98
CA LEU A 30 4.12 0.91 7.50
C LEU A 30 5.17 0.30 8.42
N ASN A 31 5.96 -0.62 7.88
CA ASN A 31 7.01 -1.28 8.65
C ASN A 31 6.42 -2.04 9.83
N GLY A 32 5.35 -2.80 9.56
CA GLY A 32 4.71 -3.57 10.62
C GLY A 32 4.13 -2.69 11.71
N SER A 33 3.59 -1.54 11.31
CA SER A 33 3.00 -0.61 12.27
C SER A 33 1.95 0.27 11.59
N CYS A 34 0.81 0.44 12.26
CA CYS A 34 -0.27 1.25 11.72
C CYS A 34 0.19 2.68 11.47
N ALA A 35 -0.14 3.21 10.30
CA ALA A 35 0.23 4.56 9.94
C ALA A 35 -1.00 5.44 9.71
N LYS A 36 -0.77 6.65 9.21
CA LYS A 36 -1.87 7.58 8.94
C LYS A 36 -2.13 7.68 7.44
N ALA A 37 -2.92 8.68 7.05
CA ALA A 37 -3.25 8.89 5.65
C ALA A 37 -2.35 9.95 5.02
N SER A 38 -1.14 10.10 5.58
CA SER A 38 -0.19 11.08 5.06
C SER A 38 1.23 10.73 5.50
N LYS A 39 1.49 9.43 5.67
CA LYS A 39 2.80 8.96 6.08
C LYS A 39 3.60 8.44 4.89
N GLU A 40 4.55 9.23 4.43
CA GLU A 40 5.37 8.86 3.29
C GLU A 40 6.12 7.55 3.55
N VAL A 41 5.96 6.60 2.64
CA VAL A 41 6.62 5.30 2.78
C VAL A 41 8.07 5.37 2.32
N LYS A 42 8.77 4.25 2.43
CA LYS A 42 10.16 4.18 2.02
C LYS A 42 10.46 2.86 1.29
N ALA A 43 11.55 2.85 0.53
CA ALA A 43 11.94 1.67 -0.22
C ALA A 43 12.29 0.52 0.72
N GLY A 44 11.99 -0.70 0.30
CA GLY A 44 12.28 -1.86 1.11
C GLY A 44 11.45 -1.92 2.39
N ASP A 45 10.29 -1.29 2.34
CA ASP A 45 9.39 -1.27 3.50
C ASP A 45 8.33 -2.36 3.38
N THR A 46 7.59 -2.59 4.47
CA THR A 46 6.55 -3.61 4.47
C THR A 46 5.17 -2.96 4.55
N ILE A 47 4.38 -3.14 3.49
CA ILE A 47 3.03 -2.57 3.44
C ILE A 47 1.98 -3.63 3.71
N SER A 48 1.38 -3.60 4.89
CA SER A 48 0.35 -4.55 5.26
C SER A 48 -1.03 -3.98 4.97
N LEU A 49 -2.01 -4.87 4.83
CA LEU A 49 -3.38 -4.45 4.54
C LEU A 49 -4.38 -5.32 5.30
N HIS A 50 -5.42 -4.69 5.85
CA HIS A 50 -6.45 -5.40 6.58
C HIS A 50 -7.69 -5.60 5.74
N TYR A 51 -8.26 -6.81 5.80
CA TYR A 51 -9.46 -7.13 5.03
C TYR A 51 -10.40 -8.01 5.85
N LEU A 52 -11.53 -8.39 5.24
CA LEU A 52 -12.51 -9.22 5.91
C LEU A 52 -12.17 -10.71 5.74
N LYS A 53 -11.50 -11.03 4.64
CA LYS A 53 -11.12 -12.41 4.37
C LYS A 53 -9.81 -12.77 5.07
N GLY A 54 -8.95 -11.76 5.25
CA GLY A 54 -7.68 -11.98 5.90
C GLY A 54 -6.77 -10.77 5.83
N ILE A 55 -5.46 -10.99 5.97
CA ILE A 55 -4.50 -9.91 5.91
C ILE A 55 -3.36 -10.23 4.94
N GLU A 56 -2.87 -9.20 4.25
CA GLU A 56 -1.78 -9.36 3.31
C GLU A 56 -0.65 -8.40 3.60
N GLU A 57 0.56 -8.94 3.76
CA GLU A 57 1.73 -8.12 4.05
C GLU A 57 2.62 -7.98 2.81
N TYR A 58 2.57 -6.80 2.21
CA TYR A 58 3.37 -6.53 1.01
C TYR A 58 4.72 -5.92 1.39
N THR A 59 5.52 -5.63 0.37
CA THR A 59 6.84 -5.04 0.59
C THR A 59 7.22 -4.11 -0.56
N ILE A 60 7.62 -2.88 -0.22
CA ILE A 60 8.01 -1.91 -1.23
C ILE A 60 9.40 -2.20 -1.77
N LEU A 61 9.52 -2.26 -3.09
CA LEU A 61 10.79 -2.53 -3.74
C LEU A 61 11.53 -1.24 -4.07
N GLN A 62 10.78 -0.13 -4.12
CA GLN A 62 11.37 1.17 -4.42
C GLN A 62 10.30 2.26 -4.41
N ILE A 63 10.75 3.51 -4.30
CA ILE A 63 9.83 4.65 -4.27
C ILE A 63 10.07 5.56 -5.47
N PRO A 64 9.43 5.25 -6.61
CA PRO A 64 9.58 6.05 -7.84
C PRO A 64 8.76 7.34 -7.80
N ALA A 65 8.02 7.54 -6.71
CA ALA A 65 7.20 8.74 -6.56
C ALA A 65 6.06 8.72 -7.58
N LEU A 66 5.59 7.53 -7.92
CA LEU A 66 4.52 7.36 -8.89
C LEU A 66 3.22 7.96 -8.37
N LYS A 67 2.22 8.05 -9.24
CA LYS A 67 0.92 8.61 -8.88
C LYS A 67 -0.20 7.66 -9.29
N ASN A 68 -0.11 7.12 -10.51
CA ASN A 68 -1.12 6.21 -11.02
C ASN A 68 -0.57 5.39 -12.18
N VAL A 69 0.28 4.43 -11.87
CA VAL A 69 0.88 3.57 -12.89
C VAL A 69 -0.10 2.51 -13.37
N PRO A 70 -0.39 2.46 -14.69
CA PRO A 70 -1.32 1.47 -15.25
C PRO A 70 -0.91 0.04 -14.94
N ARG A 71 -1.46 -0.91 -15.70
CA ARG A 71 -1.14 -2.32 -15.51
C ARG A 71 -0.06 -2.77 -16.48
N LYS A 72 1.20 -2.63 -16.05
CA LYS A 72 2.33 -3.02 -16.89
C LYS A 72 3.60 -3.11 -16.07
N ASP A 73 4.08 -1.97 -15.59
CA ASP A 73 5.29 -1.91 -14.79
C ASP A 73 4.98 -1.56 -13.34
N THR A 74 3.78 -1.94 -12.88
CA THR A 74 3.36 -1.65 -11.51
C THR A 74 3.43 -2.91 -10.66
N HIS A 75 4.37 -3.79 -10.98
CA HIS A 75 4.54 -5.03 -10.23
C HIS A 75 5.95 -5.15 -9.64
N LEU A 76 6.79 -4.15 -9.91
CA LEU A 76 8.16 -4.15 -9.39
C LEU A 76 8.35 -3.08 -8.33
N TYR A 77 7.25 -2.64 -7.73
CA TYR A 77 7.31 -1.62 -6.69
C TYR A 77 6.79 -2.16 -5.35
N ILE A 78 5.86 -3.11 -5.43
CA ILE A 78 5.29 -3.70 -4.23
C ILE A 78 4.82 -5.13 -4.51
N ALA A 79 5.10 -6.04 -3.58
CA ALA A 79 4.70 -7.43 -3.71
C ALA A 79 4.34 -8.05 -2.37
N PRO A 80 3.42 -9.03 -2.36
CA PRO A 80 2.98 -9.70 -1.13
C PRO A 80 4.10 -10.56 -0.53
N LYS A 81 4.68 -10.09 0.56
CA LYS A 81 5.75 -10.81 1.23
C LYS A 81 5.27 -12.18 1.70
N THR A 82 6.03 -13.21 1.35
CA THR A 82 5.68 -14.58 1.73
C THR A 82 6.92 -15.35 2.19
N LYS A 83 6.84 -15.96 3.37
CA LYS A 83 7.94 -16.72 3.91
C LYS A 83 7.45 -17.93 4.71
N GLU A 84 8.16 -19.04 4.59
CA GLU A 84 7.78 -20.26 5.29
C GLU A 84 8.31 -20.26 6.72
N MET A 1 6.63 8.95 -1.67
CA MET A 1 5.26 8.38 -1.76
C MET A 1 4.72 8.01 -0.39
N ARG A 2 3.44 7.70 -0.32
CA ARG A 2 2.81 7.33 0.94
C ARG A 2 1.82 6.18 0.74
N ILE A 3 1.70 5.32 1.76
CA ILE A 3 0.80 4.18 1.69
C ILE A 3 -0.56 4.56 1.14
N ASP A 4 -0.96 5.81 1.36
CA ASP A 4 -2.25 6.29 0.89
C ASP A 4 -2.32 6.27 -0.63
N LYS A 5 -1.40 6.99 -1.28
CA LYS A 5 -1.36 7.06 -2.74
C LYS A 5 -0.48 5.97 -3.34
N PHE A 6 0.20 5.20 -2.50
CA PHE A 6 1.09 4.14 -2.97
C PHE A 6 0.33 2.94 -3.50
N LEU A 7 -0.35 2.22 -2.61
CA LEU A 7 -1.09 1.02 -3.00
C LEU A 7 -2.44 1.37 -3.60
N GLN A 8 -2.87 2.62 -3.45
CA GLN A 8 -4.15 3.06 -3.99
C GLN A 8 -4.00 3.58 -5.41
N SER A 9 -2.76 3.82 -5.83
CA SER A 9 -2.49 4.33 -7.18
C SER A 9 -1.99 3.23 -8.09
N VAL A 10 -1.21 2.31 -7.52
CA VAL A 10 -0.66 1.20 -8.30
C VAL A 10 -1.77 0.40 -8.97
N GLY A 11 -2.87 0.19 -8.26
CA GLY A 11 -3.98 -0.57 -8.82
C GLY A 11 -4.42 -1.70 -7.92
N LEU A 12 -4.44 -1.45 -6.61
CA LEU A 12 -4.83 -2.46 -5.64
C LEU A 12 -6.23 -2.17 -5.10
N VAL A 13 -6.39 -1.01 -4.47
CA VAL A 13 -7.66 -0.62 -3.90
C VAL A 13 -8.02 0.81 -4.30
N LYS A 14 -8.46 0.99 -5.54
CA LYS A 14 -8.83 2.30 -6.05
C LYS A 14 -10.35 2.44 -6.14
N ARG A 15 -10.91 3.34 -5.34
CA ARG A 15 -12.34 3.56 -5.34
C ARG A 15 -12.67 4.99 -4.91
N ARG A 16 -12.29 5.34 -3.69
CA ARG A 16 -12.54 6.67 -3.16
C ARG A 16 -11.41 7.63 -3.52
N VAL A 17 -11.73 8.92 -3.58
CA VAL A 17 -10.74 9.93 -3.92
C VAL A 17 -10.60 10.95 -2.81
N LEU A 18 -11.72 11.46 -2.32
CA LEU A 18 -11.73 12.44 -1.25
C LEU A 18 -11.27 11.82 0.06
N ALA A 19 -12.09 10.91 0.59
CA ALA A 19 -11.78 10.23 1.85
C ALA A 19 -11.04 8.93 1.58
N THR A 20 -10.30 8.45 2.58
CA THR A 20 -9.56 7.21 2.46
C THR A 20 -10.26 6.07 3.20
N ASP A 21 -10.64 6.33 4.44
CA ASP A 21 -11.32 5.32 5.26
C ASP A 21 -10.36 4.25 5.76
N MET A 22 -9.62 3.63 4.83
CA MET A 22 -8.67 2.57 5.17
C MET A 22 -7.84 2.93 6.41
N CYS A 23 -7.38 4.18 6.47
CA CYS A 23 -6.57 4.63 7.60
C CYS A 23 -7.33 4.48 8.92
N ASN A 24 -8.66 4.50 8.86
CA ASN A 24 -9.48 4.37 10.05
C ASN A 24 -9.81 2.91 10.34
N VAL A 25 -10.41 2.24 9.37
CA VAL A 25 -10.78 0.84 9.52
C VAL A 25 -9.59 -0.02 9.98
N GLY A 26 -8.40 0.36 9.55
CA GLY A 26 -7.20 -0.38 9.92
C GLY A 26 -6.52 -1.01 8.73
N ALA A 27 -6.75 -0.46 7.54
CA ALA A 27 -6.13 -0.98 6.33
C ALA A 27 -4.92 -0.15 5.93
N VAL A 28 -4.23 0.38 6.92
CA VAL A 28 -3.04 1.20 6.69
C VAL A 28 -2.00 0.97 7.77
N TRP A 29 -1.06 0.07 7.50
CA TRP A 29 0.00 -0.25 8.46
C TRP A 29 1.35 -0.31 7.76
N LEU A 30 2.35 0.36 8.33
CA LEU A 30 3.69 0.38 7.76
C LEU A 30 4.68 -0.36 8.65
N ASN A 31 5.27 -1.43 8.11
CA ASN A 31 6.24 -2.22 8.85
C ASN A 31 5.65 -2.73 10.16
N GLY A 32 4.43 -3.26 10.10
CA GLY A 32 3.78 -3.78 11.28
C GLY A 32 3.47 -2.69 12.28
N SER A 33 3.06 -1.53 11.80
CA SER A 33 2.73 -0.40 12.66
C SER A 33 1.62 0.46 12.05
N CYS A 34 0.59 0.73 12.84
CA CYS A 34 -0.53 1.54 12.37
C CYS A 34 -0.07 2.92 11.92
N ALA A 35 -0.54 3.35 10.77
CA ALA A 35 -0.17 4.66 10.23
C ALA A 35 -1.38 5.36 9.61
N LYS A 36 -1.34 6.69 9.61
CA LYS A 36 -2.43 7.48 9.05
C LYS A 36 -2.40 7.45 7.51
N ALA A 37 -3.14 8.35 6.89
CA ALA A 37 -3.18 8.42 5.44
C ALA A 37 -2.23 9.48 4.90
N SER A 38 -1.17 9.75 5.66
CA SER A 38 -0.19 10.75 5.27
C SER A 38 1.21 10.35 5.74
N LYS A 39 1.43 9.05 5.90
CA LYS A 39 2.72 8.55 6.35
C LYS A 39 3.62 8.24 5.17
N GLU A 40 4.70 9.00 5.02
CA GLU A 40 5.64 8.81 3.92
C GLU A 40 6.25 7.42 3.98
N VAL A 41 6.51 6.85 2.80
CA VAL A 41 7.09 5.52 2.70
C VAL A 41 8.45 5.56 1.99
N LYS A 42 9.07 4.41 1.83
CA LYS A 42 10.37 4.31 1.19
C LYS A 42 10.55 2.96 0.51
N ALA A 43 11.65 2.83 -0.24
CA ALA A 43 11.93 1.57 -0.93
C ALA A 43 12.36 0.48 0.04
N GLY A 44 11.96 -0.75 -0.24
CA GLY A 44 12.31 -1.86 0.62
C GLY A 44 11.54 -1.84 1.93
N ASP A 45 10.34 -1.28 1.89
CA ASP A 45 9.49 -1.20 3.08
C ASP A 45 8.33 -2.18 2.99
N THR A 46 7.64 -2.38 4.11
CA THR A 46 6.51 -3.29 4.16
C THR A 46 5.19 -2.53 4.11
N ILE A 47 4.22 -3.07 3.38
CA ILE A 47 2.92 -2.45 3.25
C ILE A 47 1.81 -3.39 3.73
N SER A 48 1.36 -3.17 4.97
CA SER A 48 0.31 -4.01 5.55
C SER A 48 -1.08 -3.54 5.14
N LEU A 49 -2.00 -4.49 4.98
CA LEU A 49 -3.36 -4.18 4.59
C LEU A 49 -4.34 -5.06 5.35
N HIS A 50 -5.53 -4.54 5.62
CA HIS A 50 -6.55 -5.28 6.35
C HIS A 50 -7.53 -5.96 5.38
N TYR A 51 -7.90 -7.19 5.69
CA TYR A 51 -8.83 -7.94 4.86
C TYR A 51 -9.89 -8.64 5.72
N LEU A 52 -10.76 -9.40 5.06
CA LEU A 52 -11.83 -10.12 5.77
C LEU A 52 -11.35 -11.50 6.20
N LYS A 53 -10.54 -12.14 5.37
CA LYS A 53 -10.02 -13.47 5.68
C LYS A 53 -8.66 -13.38 6.37
N GLY A 54 -8.35 -12.22 6.93
CA GLY A 54 -7.08 -12.04 7.62
C GLY A 54 -6.39 -10.74 7.22
N ILE A 55 -5.07 -10.73 7.30
CA ILE A 55 -4.29 -9.55 6.95
C ILE A 55 -3.24 -9.88 5.91
N GLU A 56 -3.21 -9.09 4.83
CA GLU A 56 -2.24 -9.29 3.76
C GLU A 56 -1.33 -8.08 3.64
N GLU A 57 -0.02 -8.33 3.69
CA GLU A 57 0.96 -7.25 3.59
C GLU A 57 1.80 -7.40 2.32
N TYR A 58 2.39 -6.29 1.90
CA TYR A 58 3.23 -6.27 0.70
C TYR A 58 4.60 -5.71 1.02
N THR A 59 5.46 -5.63 0.01
CA THR A 59 6.81 -5.11 0.19
C THR A 59 7.20 -4.22 -0.99
N ILE A 60 7.61 -2.99 -0.68
CA ILE A 60 8.01 -2.04 -1.70
C ILE A 60 9.42 -2.34 -2.20
N LEU A 61 9.55 -2.53 -3.51
CA LEU A 61 10.84 -2.83 -4.12
C LEU A 61 11.57 -1.55 -4.53
N GLN A 62 10.81 -0.46 -4.63
CA GLN A 62 11.39 0.83 -5.02
C GLN A 62 10.33 1.92 -5.02
N ILE A 63 10.77 3.17 -5.10
CA ILE A 63 9.86 4.31 -5.10
C ILE A 63 10.09 5.19 -6.33
N PRO A 64 9.37 4.90 -7.44
CA PRO A 64 9.50 5.68 -8.67
C PRO A 64 8.94 7.08 -8.54
N ALA A 65 8.21 7.33 -7.47
CA ALA A 65 7.61 8.65 -7.22
C ALA A 65 6.64 9.02 -8.33
N LEU A 66 5.75 8.09 -8.66
CA LEU A 66 4.76 8.32 -9.71
C LEU A 66 3.40 8.66 -9.11
N LYS A 67 2.45 9.00 -9.97
CA LYS A 67 1.10 9.35 -9.53
C LYS A 67 0.14 8.18 -9.72
N ASN A 68 0.32 7.46 -10.83
CA ASN A 68 -0.53 6.31 -11.15
C ASN A 68 0.20 5.33 -12.06
N VAL A 69 0.62 4.21 -11.48
CA VAL A 69 1.34 3.19 -12.25
C VAL A 69 0.35 2.23 -12.92
N PRO A 70 0.29 2.24 -14.26
CA PRO A 70 -0.62 1.36 -15.02
C PRO A 70 -0.42 -0.10 -14.66
N ARG A 71 -1.38 -0.94 -15.06
CA ARG A 71 -1.31 -2.37 -14.77
C ARG A 71 -0.28 -3.04 -15.66
N LYS A 72 1.00 -2.87 -15.33
CA LYS A 72 2.08 -3.47 -16.09
C LYS A 72 3.43 -3.18 -15.44
N ASP A 73 3.62 -1.94 -15.00
CA ASP A 73 4.87 -1.54 -14.36
C ASP A 73 4.71 -1.52 -12.84
N THR A 74 3.84 -2.38 -12.32
CA THR A 74 3.60 -2.45 -10.89
C THR A 74 4.00 -3.82 -10.34
N HIS A 75 5.03 -4.41 -10.94
CA HIS A 75 5.51 -5.72 -10.51
C HIS A 75 6.87 -5.61 -9.83
N LEU A 76 7.62 -4.57 -10.17
CA LEU A 76 8.94 -4.36 -9.58
C LEU A 76 8.92 -3.21 -8.58
N TYR A 77 7.73 -2.85 -8.10
CA TYR A 77 7.58 -1.77 -7.14
C TYR A 77 6.99 -2.28 -5.83
N ILE A 78 6.06 -3.22 -5.93
CA ILE A 78 5.41 -3.80 -4.76
C ILE A 78 4.95 -5.22 -5.02
N ALA A 79 5.12 -6.10 -4.04
CA ALA A 79 4.71 -7.49 -4.16
C ALA A 79 4.21 -8.04 -2.84
N PRO A 80 3.10 -8.80 -2.85
CA PRO A 80 2.52 -9.38 -1.64
C PRO A 80 3.53 -10.21 -0.86
N LYS A 81 3.68 -9.92 0.43
CA LYS A 81 4.61 -10.65 1.28
C LYS A 81 3.86 -11.61 2.21
N THR A 82 3.79 -12.87 1.81
CA THR A 82 3.11 -13.89 2.60
C THR A 82 4.02 -15.10 2.84
N LYS A 83 4.04 -15.57 4.08
CA LYS A 83 4.87 -16.72 4.44
C LYS A 83 4.05 -17.75 5.23
N GLU A 84 4.63 -18.93 5.41
CA GLU A 84 3.96 -20.00 6.16
C GLU A 84 4.97 -20.80 6.97
N MET A 1 6.24 9.66 -2.17
CA MET A 1 4.98 8.87 -2.22
C MET A 1 4.55 8.42 -0.83
N ARG A 2 3.30 8.00 -0.71
CA ARG A 2 2.76 7.54 0.57
C ARG A 2 1.83 6.36 0.37
N ILE A 3 1.60 5.61 1.45
CA ILE A 3 0.71 4.44 1.40
C ILE A 3 -0.63 4.79 0.78
N ASP A 4 -1.01 6.07 0.83
CA ASP A 4 -2.27 6.52 0.27
C ASP A 4 -2.23 6.51 -1.25
N LYS A 5 -1.26 7.21 -1.82
CA LYS A 5 -1.12 7.29 -3.27
C LYS A 5 -0.23 6.18 -3.84
N PHE A 6 0.36 5.37 -2.96
CA PHE A 6 1.25 4.30 -3.40
C PHE A 6 0.50 3.09 -3.91
N LEU A 7 -0.22 2.40 -3.02
CA LEU A 7 -0.97 1.20 -3.40
C LEU A 7 -2.30 1.54 -4.06
N GLN A 8 -2.71 2.80 -3.98
CA GLN A 8 -3.97 3.23 -4.57
C GLN A 8 -3.76 3.70 -6.01
N SER A 9 -2.56 4.18 -6.31
CA SER A 9 -2.24 4.66 -7.66
C SER A 9 -1.70 3.54 -8.52
N VAL A 10 -0.93 2.64 -7.91
CA VAL A 10 -0.35 1.51 -8.63
C VAL A 10 -1.43 0.63 -9.24
N GLY A 11 -2.53 0.47 -8.51
CA GLY A 11 -3.63 -0.36 -8.98
C GLY A 11 -3.92 -1.52 -8.06
N LEU A 12 -4.18 -1.21 -6.79
CA LEU A 12 -4.48 -2.24 -5.80
C LEU A 12 -5.81 -1.96 -5.10
N VAL A 13 -6.01 -0.69 -4.74
CA VAL A 13 -7.23 -0.29 -4.06
C VAL A 13 -7.87 0.92 -4.74
N LYS A 14 -9.17 1.08 -4.56
CA LYS A 14 -9.89 2.19 -5.17
C LYS A 14 -9.71 3.47 -4.35
N ARG A 15 -9.22 4.52 -5.00
CA ARG A 15 -8.99 5.79 -4.34
C ARG A 15 -10.30 6.57 -4.20
N ARG A 16 -11.25 6.01 -3.46
CA ARG A 16 -12.54 6.65 -3.24
C ARG A 16 -12.39 7.92 -2.42
N VAL A 17 -12.61 9.06 -3.05
CA VAL A 17 -12.50 10.34 -2.37
C VAL A 17 -11.09 10.55 -1.82
N LEU A 18 -10.74 11.82 -1.58
CA LEU A 18 -9.41 12.14 -1.06
C LEU A 18 -9.17 11.46 0.28
N ALA A 19 -10.18 11.47 1.14
CA ALA A 19 -10.08 10.85 2.45
C ALA A 19 -9.98 9.33 2.34
N THR A 20 -8.93 8.76 2.92
CA THR A 20 -8.73 7.32 2.89
C THR A 20 -9.20 6.67 4.19
N ASP A 21 -10.41 6.12 4.17
CA ASP A 21 -10.97 5.47 5.34
C ASP A 21 -10.18 4.22 5.72
N MET A 22 -9.39 3.71 4.77
CA MET A 22 -8.59 2.50 4.99
C MET A 22 -7.71 2.66 6.24
N CYS A 23 -7.33 3.89 6.54
CA CYS A 23 -6.48 4.16 7.70
C CYS A 23 -7.29 4.09 9.00
N ASN A 24 -8.57 4.44 8.90
CA ASN A 24 -9.46 4.41 10.06
C ASN A 24 -9.90 2.98 10.37
N VAL A 25 -10.22 2.23 9.33
CA VAL A 25 -10.65 0.85 9.48
C VAL A 25 -9.54 -0.03 10.04
N GLY A 26 -8.30 0.29 9.66
CA GLY A 26 -7.16 -0.47 10.13
C GLY A 26 -6.42 -1.17 9.00
N ALA A 27 -6.68 -0.75 7.77
CA ALA A 27 -6.02 -1.35 6.60
C ALA A 27 -4.61 -0.81 6.44
N VAL A 28 -4.48 0.51 6.51
CA VAL A 28 -3.18 1.15 6.37
C VAL A 28 -2.25 0.76 7.52
N TRP A 29 -1.20 0.01 7.20
CA TRP A 29 -0.24 -0.43 8.20
C TRP A 29 1.18 -0.36 7.66
N LEU A 30 1.97 0.56 8.20
CA LEU A 30 3.34 0.74 7.77
C LEU A 30 4.32 0.17 8.80
N ASN A 31 5.28 -0.61 8.34
CA ASN A 31 6.27 -1.23 9.21
C ASN A 31 5.61 -2.12 10.25
N GLY A 32 4.43 -2.66 9.89
CA GLY A 32 3.72 -3.54 10.80
C GLY A 32 3.44 -2.88 12.14
N SER A 33 3.15 -1.58 12.11
CA SER A 33 2.86 -0.84 13.33
C SER A 33 1.72 0.16 13.10
N CYS A 34 0.86 -0.15 12.14
CA CYS A 34 -0.28 0.72 11.82
C CYS A 34 0.20 2.09 11.35
N ALA A 35 -0.59 2.74 10.51
CA ALA A 35 -0.25 4.05 9.99
C ALA A 35 -1.49 4.77 9.46
N LYS A 36 -1.44 6.10 9.47
CA LYS A 36 -2.56 6.91 8.99
C LYS A 36 -2.52 7.03 7.46
N ALA A 37 -3.28 7.99 6.94
CA ALA A 37 -3.32 8.21 5.50
C ALA A 37 -2.34 9.30 5.07
N SER A 38 -1.27 9.46 5.84
CA SER A 38 -0.26 10.47 5.54
C SER A 38 1.12 10.00 5.96
N LYS A 39 1.32 8.68 5.94
CA LYS A 39 2.60 8.10 6.32
C LYS A 39 3.51 7.92 5.10
N GLU A 40 4.60 8.68 5.06
CA GLU A 40 5.55 8.61 3.95
C GLU A 40 6.16 7.21 3.86
N VAL A 41 6.19 6.67 2.65
CA VAL A 41 6.75 5.34 2.42
C VAL A 41 8.07 5.43 1.67
N LYS A 42 8.88 4.38 1.78
CA LYS A 42 10.18 4.34 1.12
C LYS A 42 10.40 2.98 0.45
N ALA A 43 11.55 2.82 -0.19
CA ALA A 43 11.89 1.58 -0.85
C ALA A 43 12.23 0.49 0.16
N GLY A 44 12.02 -0.77 -0.23
CA GLY A 44 12.31 -1.88 0.66
C GLY A 44 11.52 -1.80 1.96
N ASP A 45 10.38 -1.12 1.92
CA ASP A 45 9.54 -0.98 3.10
C ASP A 45 8.45 -2.05 3.11
N THR A 46 7.67 -2.08 4.18
CA THR A 46 6.59 -3.05 4.32
C THR A 46 5.22 -2.38 4.24
N ILE A 47 4.31 -3.00 3.50
CA ILE A 47 2.96 -2.47 3.34
C ILE A 47 1.92 -3.49 3.78
N SER A 48 1.36 -3.29 4.97
CA SER A 48 0.35 -4.21 5.50
C SER A 48 -1.05 -3.76 5.10
N LEU A 49 -1.98 -4.71 5.09
CA LEU A 49 -3.37 -4.43 4.73
C LEU A 49 -4.32 -5.23 5.61
N HIS A 50 -5.51 -4.68 5.83
CA HIS A 50 -6.51 -5.35 6.65
C HIS A 50 -7.70 -5.80 5.81
N TYR A 51 -8.04 -7.08 5.92
CA TYR A 51 -9.16 -7.64 5.16
C TYR A 51 -10.03 -8.51 6.06
N LEU A 52 -11.07 -9.11 5.48
CA LEU A 52 -11.97 -9.97 6.24
C LEU A 52 -11.44 -11.40 6.31
N LYS A 53 -10.70 -11.80 5.28
CA LYS A 53 -10.14 -13.15 5.22
C LYS A 53 -8.85 -13.23 6.03
N GLY A 54 -8.13 -12.12 6.10
CA GLY A 54 -6.89 -12.09 6.85
C GLY A 54 -6.03 -10.89 6.51
N ILE A 55 -4.96 -10.69 7.27
CA ILE A 55 -4.06 -9.57 7.04
C ILE A 55 -2.98 -9.93 6.02
N GLU A 56 -2.59 -8.95 5.21
CA GLU A 56 -1.57 -9.17 4.18
C GLU A 56 -0.44 -8.16 4.34
N GLU A 57 0.79 -8.67 4.42
CA GLU A 57 1.97 -7.82 4.57
C GLU A 57 2.81 -7.82 3.30
N TYR A 58 2.76 -6.72 2.56
CA TYR A 58 3.52 -6.59 1.33
C TYR A 58 4.85 -5.89 1.58
N THR A 59 5.64 -5.71 0.52
CA THR A 59 6.94 -5.06 0.63
C THR A 59 7.22 -4.19 -0.59
N ILE A 60 7.62 -2.95 -0.35
CA ILE A 60 7.92 -2.03 -1.44
C ILE A 60 9.28 -2.34 -2.06
N LEU A 61 9.30 -2.58 -3.36
CA LEU A 61 10.53 -2.89 -4.07
C LEU A 61 11.28 -1.62 -4.47
N GLN A 62 10.56 -0.51 -4.58
CA GLN A 62 11.17 0.76 -4.95
C GLN A 62 10.15 1.89 -4.94
N ILE A 63 10.63 3.12 -4.96
CA ILE A 63 9.77 4.29 -4.95
C ILE A 63 10.15 5.28 -6.05
N PRO A 64 9.58 5.11 -7.26
CA PRO A 64 9.88 5.99 -8.39
C PRO A 64 9.36 7.41 -8.18
N ALA A 65 8.53 7.59 -7.16
CA ALA A 65 7.96 8.90 -6.85
C ALA A 65 7.15 9.44 -8.03
N LEU A 66 6.20 8.64 -8.50
CA LEU A 66 5.36 9.04 -9.61
C LEU A 66 3.92 9.29 -9.15
N LYS A 67 3.03 9.48 -10.12
CA LYS A 67 1.62 9.75 -9.80
C LYS A 67 0.79 8.47 -9.92
N ASN A 68 0.67 7.96 -11.15
CA ASN A 68 -0.11 6.75 -11.39
C ASN A 68 0.72 5.73 -12.17
N VAL A 69 0.43 4.45 -11.95
CA VAL A 69 1.14 3.38 -12.65
C VAL A 69 0.17 2.46 -13.38
N PRO A 70 0.42 2.18 -14.67
CA PRO A 70 -0.45 1.30 -15.47
C PRO A 70 -0.65 -0.06 -14.81
N ARG A 71 -1.41 -0.93 -15.47
CA ARG A 71 -1.66 -2.26 -14.95
C ARG A 71 -0.79 -3.30 -15.64
N LYS A 72 0.49 -2.96 -15.82
CA LYS A 72 1.43 -3.86 -16.46
C LYS A 72 2.74 -3.94 -15.67
N ASP A 73 3.30 -2.77 -15.34
CA ASP A 73 4.54 -2.71 -14.58
C ASP A 73 4.29 -2.27 -13.15
N THR A 74 3.11 -2.59 -12.64
CA THR A 74 2.74 -2.23 -11.27
C THR A 74 3.17 -3.30 -10.28
N HIS A 75 3.67 -4.43 -10.78
CA HIS A 75 4.13 -5.53 -9.93
C HIS A 75 5.63 -5.45 -9.69
N LEU A 76 6.21 -4.26 -9.86
CA LEU A 76 7.64 -4.06 -9.65
C LEU A 76 7.90 -3.02 -8.58
N TYR A 77 6.85 -2.63 -7.84
CA TYR A 77 6.99 -1.64 -6.79
C TYR A 77 6.56 -2.20 -5.44
N ILE A 78 5.63 -3.15 -5.46
CA ILE A 78 5.14 -3.77 -4.23
C ILE A 78 4.76 -5.23 -4.47
N ALA A 79 5.06 -6.07 -3.49
CA ALA A 79 4.75 -7.50 -3.59
C ALA A 79 4.45 -8.09 -2.22
N PRO A 80 3.60 -9.12 -2.16
CA PRO A 80 3.24 -9.78 -0.90
C PRO A 80 4.40 -10.57 -0.30
N LYS A 81 4.81 -10.19 0.89
CA LYS A 81 5.92 -10.86 1.57
C LYS A 81 5.40 -11.99 2.45
N THR A 82 4.63 -12.90 1.85
CA THR A 82 4.08 -14.02 2.57
C THR A 82 3.85 -15.21 1.63
N LYS A 83 4.32 -16.39 2.05
CA LYS A 83 4.17 -17.60 1.25
C LYS A 83 3.80 -18.79 2.13
N GLU A 84 3.05 -18.51 3.19
CA GLU A 84 2.61 -19.56 4.11
C GLU A 84 1.42 -19.11 4.93
N MET A 1 7.06 9.21 -1.69
CA MET A 1 5.98 8.19 -1.82
C MET A 1 5.29 7.95 -0.48
N ARG A 2 3.99 7.70 -0.53
CA ARG A 2 3.21 7.45 0.68
C ARG A 2 2.26 6.28 0.48
N ILE A 3 2.13 5.45 1.51
CA ILE A 3 1.23 4.29 1.45
C ILE A 3 -0.15 4.67 0.94
N ASP A 4 -0.63 5.83 1.36
CA ASP A 4 -1.94 6.31 0.95
C ASP A 4 -2.09 6.32 -0.58
N LYS A 5 -1.22 7.06 -1.24
CA LYS A 5 -1.26 7.16 -2.71
C LYS A 5 -0.40 6.09 -3.38
N PHE A 6 0.32 5.30 -2.58
CA PHE A 6 1.20 4.27 -3.12
C PHE A 6 0.41 3.06 -3.62
N LEU A 7 -0.26 2.37 -2.71
CA LEU A 7 -1.02 1.18 -3.06
C LEU A 7 -2.43 1.51 -3.54
N GLN A 8 -2.87 2.74 -3.30
CA GLN A 8 -4.20 3.16 -3.71
C GLN A 8 -4.20 3.76 -5.12
N SER A 9 -3.02 4.10 -5.61
CA SER A 9 -2.87 4.68 -6.95
C SER A 9 -2.37 3.64 -7.94
N VAL A 10 -1.51 2.74 -7.47
CA VAL A 10 -0.96 1.69 -8.33
C VAL A 10 -2.07 0.87 -8.98
N GLY A 11 -3.19 0.71 -8.27
CA GLY A 11 -4.29 -0.05 -8.80
C GLY A 11 -4.60 -1.29 -7.98
N LEU A 12 -4.42 -1.18 -6.66
CA LEU A 12 -4.69 -2.29 -5.76
C LEU A 12 -6.07 -2.16 -5.13
N VAL A 13 -6.40 -0.95 -4.67
CA VAL A 13 -7.69 -0.70 -4.05
C VAL A 13 -8.45 0.39 -4.80
N LYS A 14 -9.52 0.00 -5.47
CA LYS A 14 -10.34 0.93 -6.22
C LYS A 14 -11.78 0.42 -6.37
N ARG A 15 -12.73 1.34 -6.27
CA ARG A 15 -14.14 0.98 -6.39
C ARG A 15 -14.93 2.09 -7.08
N ARG A 16 -15.00 3.24 -6.43
CA ARG A 16 -15.73 4.38 -6.98
C ARG A 16 -15.22 5.69 -6.39
N VAL A 17 -15.05 5.71 -5.08
CA VAL A 17 -14.57 6.90 -4.38
C VAL A 17 -13.05 7.04 -4.51
N LEU A 18 -12.58 8.27 -4.60
CA LEU A 18 -11.15 8.54 -4.72
C LEU A 18 -10.50 8.69 -3.35
N ALA A 19 -11.31 9.03 -2.35
CA ALA A 19 -10.81 9.20 -0.99
C ALA A 19 -10.11 7.94 -0.50
N THR A 20 -9.80 7.90 0.80
CA THR A 20 -9.14 6.75 1.39
C THR A 20 -9.91 6.20 2.58
N ASP A 21 -10.16 4.91 2.58
CA ASP A 21 -10.90 4.26 3.66
C ASP A 21 -10.00 3.31 4.45
N MET A 22 -8.96 2.80 3.79
CA MET A 22 -8.03 1.88 4.43
C MET A 22 -7.44 2.49 5.70
N CYS A 23 -7.14 3.78 5.64
CA CYS A 23 -6.56 4.47 6.79
C CYS A 23 -7.54 4.50 7.96
N ASN A 24 -8.83 4.45 7.65
CA ASN A 24 -9.88 4.47 8.67
C ASN A 24 -10.15 3.06 9.19
N VAL A 25 -10.43 2.13 8.28
CA VAL A 25 -10.71 0.76 8.66
C VAL A 25 -9.55 0.14 9.44
N GLY A 26 -8.33 0.49 9.04
CA GLY A 26 -7.15 -0.03 9.72
C GLY A 26 -6.30 -0.89 8.81
N ALA A 27 -6.32 -0.59 7.52
CA ALA A 27 -5.54 -1.34 6.54
C ALA A 27 -4.13 -0.78 6.42
N VAL A 28 -4.02 0.54 6.48
CA VAL A 28 -2.72 1.20 6.38
C VAL A 28 -1.83 0.86 7.57
N TRP A 29 -0.77 0.12 7.32
CA TRP A 29 0.15 -0.27 8.37
C TRP A 29 1.60 -0.25 7.86
N LEU A 30 2.39 0.68 8.39
CA LEU A 30 3.78 0.81 7.99
C LEU A 30 4.71 0.19 9.03
N ASN A 31 5.80 -0.41 8.56
CA ASN A 31 6.78 -1.04 9.44
C ASN A 31 6.10 -1.87 10.53
N GLY A 32 4.99 -2.51 10.18
CA GLY A 32 4.26 -3.32 11.13
C GLY A 32 3.60 -2.48 12.22
N SER A 33 3.15 -1.29 11.86
CA SER A 33 2.51 -0.40 12.80
C SER A 33 1.37 0.36 12.14
N CYS A 34 0.33 0.67 12.91
CA CYS A 34 -0.82 1.40 12.40
C CYS A 34 -0.43 2.79 11.94
N ALA A 35 -0.81 3.13 10.70
CA ALA A 35 -0.48 4.44 10.14
C ALA A 35 -1.69 5.03 9.41
N LYS A 36 -1.78 6.35 9.41
CA LYS A 36 -2.88 7.04 8.74
C LYS A 36 -2.64 7.13 7.25
N ALA A 37 -3.37 8.03 6.58
CA ALA A 37 -3.25 8.20 5.14
C ALA A 37 -2.27 9.33 4.81
N SER A 38 -1.32 9.57 5.71
CA SER A 38 -0.34 10.62 5.51
C SER A 38 1.06 10.15 5.94
N LYS A 39 1.27 8.83 5.88
CA LYS A 39 2.56 8.26 6.27
C LYS A 39 3.51 8.19 5.08
N GLU A 40 4.78 8.47 5.32
CA GLU A 40 5.78 8.43 4.26
C GLU A 40 6.45 7.06 4.18
N VAL A 41 6.51 6.52 2.97
CA VAL A 41 7.11 5.20 2.75
C VAL A 41 8.47 5.33 2.08
N LYS A 42 9.13 4.21 1.84
CA LYS A 42 10.44 4.20 1.21
C LYS A 42 10.69 2.86 0.51
N ALA A 43 11.79 2.79 -0.24
CA ALA A 43 12.15 1.57 -0.96
C ALA A 43 12.63 0.49 0.01
N GLY A 44 12.09 -0.72 -0.15
CA GLY A 44 12.47 -1.81 0.71
C GLY A 44 11.75 -1.78 2.04
N ASP A 45 10.55 -1.20 2.05
CA ASP A 45 9.76 -1.11 3.27
C ASP A 45 8.60 -2.10 3.25
N THR A 46 8.03 -2.37 4.42
CA THR A 46 6.92 -3.30 4.52
C THR A 46 5.58 -2.56 4.48
N ILE A 47 4.60 -3.18 3.84
CA ILE A 47 3.27 -2.59 3.73
C ILE A 47 2.18 -3.60 4.10
N SER A 48 1.63 -3.45 5.29
CA SER A 48 0.58 -4.35 5.77
C SER A 48 -0.80 -3.82 5.41
N LEU A 49 -1.71 -4.74 5.08
CA LEU A 49 -3.08 -4.37 4.72
C LEU A 49 -4.08 -5.15 5.54
N HIS A 50 -5.25 -4.55 5.77
CA HIS A 50 -6.30 -5.21 6.54
C HIS A 50 -7.51 -5.52 5.66
N TYR A 51 -7.89 -6.79 5.62
CA TYR A 51 -9.03 -7.23 4.82
C TYR A 51 -9.97 -8.12 5.64
N LEU A 52 -11.03 -8.59 5.00
CA LEU A 52 -11.99 -9.46 5.67
C LEU A 52 -11.49 -10.90 5.71
N LYS A 53 -10.75 -11.29 4.68
CA LYS A 53 -10.21 -12.65 4.61
C LYS A 53 -9.00 -12.81 5.52
N GLY A 54 -8.26 -11.72 5.70
CA GLY A 54 -7.09 -11.75 6.55
C GLY A 54 -6.18 -10.55 6.35
N ILE A 55 -4.93 -10.68 6.78
CA ILE A 55 -3.97 -9.59 6.64
C ILE A 55 -2.86 -9.94 5.66
N GLU A 56 -2.46 -8.98 4.84
CA GLU A 56 -1.40 -9.19 3.86
C GLU A 56 -0.27 -8.20 4.06
N GLU A 57 0.95 -8.73 4.21
CA GLU A 57 2.12 -7.89 4.42
C GLU A 57 2.97 -7.82 3.16
N TYR A 58 2.87 -6.70 2.44
CA TYR A 58 3.62 -6.51 1.21
C TYR A 58 4.97 -5.85 1.50
N THR A 59 5.75 -5.62 0.46
CA THR A 59 7.06 -5.00 0.60
C THR A 59 7.40 -4.15 -0.62
N ILE A 60 7.80 -2.90 -0.39
CA ILE A 60 8.15 -2.00 -1.47
C ILE A 60 9.51 -2.36 -2.05
N LEU A 61 9.56 -2.55 -3.37
CA LEU A 61 10.79 -2.91 -4.05
C LEU A 61 11.39 -1.72 -4.81
N GLN A 62 10.71 -0.57 -4.77
CA GLN A 62 11.20 0.62 -5.46
C GLN A 62 10.25 1.79 -5.28
N ILE A 63 10.71 2.98 -5.64
CA ILE A 63 9.91 4.19 -5.52
C ILE A 63 9.98 5.02 -6.80
N PRO A 64 8.93 4.97 -7.64
CA PRO A 64 8.89 5.71 -8.91
C PRO A 64 8.63 7.20 -8.69
N ALA A 65 8.34 7.59 -7.46
CA ALA A 65 8.09 8.99 -7.12
C ALA A 65 6.83 9.51 -7.81
N LEU A 66 5.82 8.64 -7.93
CA LEU A 66 4.57 9.03 -8.56
C LEU A 66 3.39 8.38 -7.85
N LYS A 67 2.19 8.63 -8.36
CA LYS A 67 0.97 8.07 -7.77
C LYS A 67 0.36 7.02 -8.70
N ASN A 68 -0.21 7.48 -9.81
CA ASN A 68 -0.83 6.57 -10.78
C ASN A 68 0.23 5.73 -11.48
N VAL A 69 0.00 4.42 -11.51
CA VAL A 69 0.93 3.50 -12.15
C VAL A 69 0.23 2.68 -13.24
N PRO A 70 0.90 2.47 -14.39
CA PRO A 70 0.33 1.71 -15.51
C PRO A 70 -0.15 0.33 -15.07
N ARG A 71 -1.09 -0.23 -15.83
CA ARG A 71 -1.63 -1.56 -15.52
C ARG A 71 -0.78 -2.65 -16.17
N LYS A 72 0.50 -2.64 -15.88
CA LYS A 72 1.43 -3.63 -16.44
C LYS A 72 2.57 -3.92 -15.47
N ASP A 73 3.29 -2.88 -15.09
CA ASP A 73 4.41 -3.02 -14.17
C ASP A 73 4.04 -2.50 -12.79
N THR A 74 2.76 -2.61 -12.44
CA THR A 74 2.28 -2.15 -11.14
C THR A 74 2.48 -3.21 -10.06
N HIS A 75 3.06 -4.35 -10.43
CA HIS A 75 3.31 -5.43 -9.48
C HIS A 75 4.80 -5.66 -9.28
N LEU A 76 5.59 -4.62 -9.49
CA LEU A 76 7.04 -4.71 -9.33
C LEU A 76 7.52 -3.85 -8.17
N TYR A 77 6.85 -2.71 -7.96
CA TYR A 77 7.22 -1.81 -6.88
C TYR A 77 6.80 -2.37 -5.51
N ILE A 78 5.90 -3.35 -5.54
CA ILE A 78 5.42 -3.97 -4.30
C ILE A 78 5.04 -5.42 -4.53
N ALA A 79 5.41 -6.29 -3.59
CA ALA A 79 5.10 -7.71 -3.70
C ALA A 79 4.71 -8.29 -2.34
N PRO A 80 3.69 -9.17 -2.30
CA PRO A 80 3.23 -9.79 -1.05
C PRO A 80 4.32 -10.61 -0.38
N LYS A 81 4.65 -10.26 0.85
CA LYS A 81 5.68 -10.97 1.61
C LYS A 81 5.10 -12.20 2.29
N THR A 82 5.73 -13.36 2.06
CA THR A 82 5.27 -14.61 2.66
C THR A 82 6.43 -15.57 2.82
N LYS A 83 6.44 -16.29 3.94
CA LYS A 83 7.50 -17.26 4.22
C LYS A 83 6.94 -18.49 4.95
N GLU A 84 6.26 -19.35 4.21
CA GLU A 84 5.67 -20.55 4.78
C GLU A 84 6.76 -21.58 5.10
N MET A 1 6.59 8.94 -1.68
CA MET A 1 5.13 8.73 -1.68
C MET A 1 4.64 8.29 -0.30
N ARG A 2 3.32 8.19 -0.14
CA ARG A 2 2.73 7.78 1.12
C ARG A 2 1.82 6.58 0.94
N ILE A 3 1.54 5.88 2.04
CA ILE A 3 0.68 4.71 2.01
C ILE A 3 -0.67 5.01 1.36
N ASP A 4 -1.06 6.27 1.38
CA ASP A 4 -2.32 6.68 0.79
C ASP A 4 -2.24 6.69 -0.74
N LYS A 5 -1.20 7.33 -1.26
CA LYS A 5 -1.01 7.42 -2.71
C LYS A 5 -0.15 6.27 -3.24
N PHE A 6 0.36 5.43 -2.34
CA PHE A 6 1.22 4.32 -2.74
C PHE A 6 0.42 3.12 -3.25
N LEU A 7 -0.27 2.43 -2.35
CA LEU A 7 -1.04 1.25 -2.72
C LEU A 7 -2.35 1.61 -3.40
N GLN A 8 -2.70 2.88 -3.38
CA GLN A 8 -3.94 3.34 -4.00
C GLN A 8 -3.72 3.72 -5.46
N SER A 9 -2.49 4.13 -5.79
CA SER A 9 -2.15 4.52 -7.15
C SER A 9 -1.59 3.36 -7.94
N VAL A 10 -0.87 2.47 -7.25
CA VAL A 10 -0.28 1.30 -7.90
C VAL A 10 -1.32 0.49 -8.65
N GLY A 11 -2.55 0.53 -8.18
CA GLY A 11 -3.63 -0.21 -8.83
C GLY A 11 -4.22 -1.26 -7.91
N LEU A 12 -4.33 -0.93 -6.62
CA LEU A 12 -4.90 -1.86 -5.65
C LEU A 12 -6.26 -1.37 -5.18
N VAL A 13 -6.37 -0.06 -4.95
CA VAL A 13 -7.62 0.54 -4.50
C VAL A 13 -8.33 1.23 -5.66
N LYS A 14 -8.79 0.44 -6.62
CA LYS A 14 -9.50 0.98 -7.78
C LYS A 14 -10.85 1.56 -7.38
N ARG A 15 -10.92 2.89 -7.32
CA ARG A 15 -12.15 3.57 -6.95
C ARG A 15 -12.21 4.96 -7.59
N ARG A 16 -13.42 5.49 -7.70
CA ARG A 16 -13.62 6.82 -8.29
C ARG A 16 -13.74 7.88 -7.21
N VAL A 17 -12.96 7.72 -6.14
CA VAL A 17 -12.98 8.68 -5.03
C VAL A 17 -11.56 9.04 -4.60
N LEU A 18 -11.44 10.10 -3.80
CA LEU A 18 -10.15 10.55 -3.32
C LEU A 18 -10.14 10.64 -1.79
N ALA A 19 -10.92 9.78 -1.15
CA ALA A 19 -11.01 9.76 0.30
C ALA A 19 -10.11 8.66 0.89
N THR A 20 -9.76 8.81 2.16
CA THR A 20 -8.90 7.84 2.84
C THR A 20 -9.69 7.07 3.89
N ASP A 21 -10.12 5.86 3.52
CA ASP A 21 -10.88 5.02 4.44
C ASP A 21 -9.98 3.98 5.10
N MET A 22 -8.90 3.60 4.41
CA MET A 22 -7.97 2.62 4.91
C MET A 22 -7.48 3.00 6.32
N CYS A 23 -6.99 4.22 6.46
CA CYS A 23 -6.50 4.71 7.74
C CYS A 23 -7.57 4.60 8.82
N ASN A 24 -8.83 4.58 8.40
CA ASN A 24 -9.94 4.49 9.32
C ASN A 24 -10.27 3.04 9.64
N VAL A 25 -10.54 2.26 8.61
CA VAL A 25 -10.88 0.84 8.78
C VAL A 25 -9.75 0.10 9.50
N GLY A 26 -8.54 0.62 9.39
CA GLY A 26 -7.40 -0.02 10.04
C GLY A 26 -6.67 -0.97 9.12
N ALA A 27 -6.23 -0.46 7.98
CA ALA A 27 -5.51 -1.27 6.99
C ALA A 27 -4.09 -0.76 6.79
N VAL A 28 -3.93 0.56 6.80
CA VAL A 28 -2.63 1.18 6.60
C VAL A 28 -1.66 0.79 7.72
N TRP A 29 -0.62 0.05 7.34
CA TRP A 29 0.39 -0.39 8.31
C TRP A 29 1.78 -0.37 7.67
N LEU A 30 2.60 0.58 8.11
CA LEU A 30 3.95 0.71 7.60
C LEU A 30 4.96 -0.01 8.48
N ASN A 31 5.69 -0.95 7.89
CA ASN A 31 6.69 -1.72 8.63
C ASN A 31 6.07 -2.38 9.86
N GLY A 32 4.91 -3.01 9.67
CA GLY A 32 4.25 -3.68 10.77
C GLY A 32 3.81 -2.71 11.85
N SER A 33 3.58 -1.46 11.47
CA SER A 33 3.16 -0.44 12.42
C SER A 33 2.01 0.39 11.85
N CYS A 34 1.07 0.75 12.72
CA CYS A 34 -0.08 1.54 12.31
C CYS A 34 0.35 2.87 11.69
N ALA A 35 -0.06 3.11 10.45
CA ALA A 35 0.29 4.34 9.75
C ALA A 35 -0.93 5.25 9.60
N LYS A 36 -0.78 6.31 8.82
CA LYS A 36 -1.87 7.26 8.61
C LYS A 36 -2.13 7.44 7.11
N ALA A 37 -2.92 8.46 6.77
CA ALA A 37 -3.26 8.74 5.39
C ALA A 37 -2.33 9.82 4.80
N SER A 38 -1.13 9.92 5.36
CA SER A 38 -0.16 10.91 4.90
C SER A 38 1.24 10.56 5.40
N LYS A 39 1.51 9.27 5.58
CA LYS A 39 2.81 8.82 6.06
C LYS A 39 3.74 8.53 4.88
N GLU A 40 4.86 9.25 4.84
CA GLU A 40 5.85 9.07 3.77
C GLU A 40 6.51 7.71 3.87
N VAL A 41 6.26 6.85 2.90
CA VAL A 41 6.84 5.50 2.88
C VAL A 41 8.23 5.54 2.27
N LYS A 42 8.86 4.36 2.19
CA LYS A 42 10.20 4.25 1.63
C LYS A 42 10.36 2.93 0.88
N ALA A 43 11.48 2.80 0.17
CA ALA A 43 11.76 1.59 -0.60
C ALA A 43 12.18 0.45 0.31
N GLY A 44 12.05 -0.78 -0.19
CA GLY A 44 12.43 -1.94 0.60
C GLY A 44 11.69 -2.02 1.92
N ASP A 45 10.49 -1.44 1.96
CA ASP A 45 9.68 -1.44 3.17
C ASP A 45 8.52 -2.42 3.05
N THR A 46 7.75 -2.56 4.13
CA THR A 46 6.61 -3.46 4.15
C THR A 46 5.30 -2.68 4.10
N ILE A 47 4.29 -3.26 3.47
CA ILE A 47 2.98 -2.63 3.35
C ILE A 47 1.86 -3.61 3.69
N SER A 48 1.36 -3.51 4.93
CA SER A 48 0.28 -4.38 5.37
C SER A 48 -1.08 -3.85 4.95
N LEU A 49 -2.05 -4.76 4.82
CA LEU A 49 -3.40 -4.38 4.42
C LEU A 49 -4.43 -5.26 5.12
N HIS A 50 -5.42 -4.62 5.74
CA HIS A 50 -6.47 -5.34 6.46
C HIS A 50 -7.63 -5.68 5.52
N TYR A 51 -7.99 -6.95 5.48
CA TYR A 51 -9.08 -7.41 4.63
C TYR A 51 -10.01 -8.34 5.40
N LEU A 52 -10.99 -8.92 4.70
CA LEU A 52 -11.94 -9.82 5.33
C LEU A 52 -11.54 -11.28 5.10
N LYS A 53 -10.82 -11.53 4.01
CA LYS A 53 -10.36 -12.88 3.69
C LYS A 53 -9.03 -13.18 4.37
N GLY A 54 -8.26 -12.14 4.64
CA GLY A 54 -6.96 -12.32 5.28
C GLY A 54 -6.07 -11.10 5.14
N ILE A 55 -5.19 -10.91 6.11
CA ILE A 55 -4.27 -9.77 6.09
C ILE A 55 -3.18 -9.97 5.03
N GLU A 56 -2.95 -8.94 4.22
CA GLU A 56 -1.93 -9.01 3.18
C GLU A 56 -0.76 -8.09 3.51
N GLU A 57 0.44 -8.66 3.53
CA GLU A 57 1.65 -7.90 3.81
C GLU A 57 2.54 -7.80 2.59
N TYR A 58 2.43 -6.68 1.87
CA TYR A 58 3.24 -6.48 0.68
C TYR A 58 4.62 -5.95 1.04
N THR A 59 5.45 -5.72 0.02
CA THR A 59 6.80 -5.22 0.22
C THR A 59 7.20 -4.24 -0.87
N ILE A 60 7.55 -3.02 -0.49
CA ILE A 60 7.95 -2.00 -1.45
C ILE A 60 9.36 -2.27 -1.97
N LEU A 61 9.50 -2.34 -3.28
CA LEU A 61 10.79 -2.59 -3.90
C LEU A 61 11.44 -1.29 -4.39
N GLN A 62 10.63 -0.23 -4.52
CA GLN A 62 11.11 1.06 -4.97
C GLN A 62 9.99 2.10 -4.98
N ILE A 63 10.36 3.36 -4.85
CA ILE A 63 9.38 4.45 -4.85
C ILE A 63 9.58 5.36 -6.06
N PRO A 64 8.92 5.06 -7.18
CA PRO A 64 9.03 5.86 -8.40
C PRO A 64 8.38 7.24 -8.25
N ALA A 65 7.63 7.43 -7.17
CA ALA A 65 6.96 8.70 -6.92
C ALA A 65 5.97 9.03 -8.03
N LEU A 66 5.04 8.11 -8.27
CA LEU A 66 4.04 8.30 -9.31
C LEU A 66 2.66 8.55 -8.70
N LYS A 67 1.71 8.97 -9.53
CA LYS A 67 0.35 9.24 -9.08
C LYS A 67 -0.60 8.13 -9.51
N ASN A 68 -0.29 7.48 -10.63
CA ASN A 68 -1.11 6.40 -11.14
C ASN A 68 -0.27 5.40 -11.93
N VAL A 69 -0.17 4.18 -11.40
CA VAL A 69 0.61 3.13 -12.05
C VAL A 69 -0.28 1.94 -12.40
N PRO A 70 -0.11 1.37 -13.61
CA PRO A 70 -0.91 0.22 -14.05
C PRO A 70 -0.62 -1.03 -13.23
N ARG A 71 -1.50 -2.03 -13.34
CA ARG A 71 -1.33 -3.28 -12.60
C ARG A 71 -0.54 -4.29 -13.42
N LYS A 72 0.62 -3.86 -13.92
CA LYS A 72 1.47 -4.74 -14.72
C LYS A 72 2.95 -4.51 -14.38
N ASP A 73 3.34 -3.24 -14.33
CA ASP A 73 4.72 -2.88 -14.03
C ASP A 73 4.89 -2.61 -12.54
N THR A 74 3.79 -2.29 -11.86
CA THR A 74 3.83 -2.01 -10.43
C THR A 74 4.38 -3.20 -9.64
N HIS A 75 4.33 -4.38 -10.25
CA HIS A 75 4.82 -5.60 -9.60
C HIS A 75 6.28 -5.45 -9.18
N LEU A 76 6.98 -4.50 -9.81
CA LEU A 76 8.38 -4.26 -9.50
C LEU A 76 8.54 -3.21 -8.39
N TYR A 77 7.43 -2.65 -7.95
CA TYR A 77 7.46 -1.64 -6.89
C TYR A 77 6.86 -2.19 -5.60
N ILE A 78 5.93 -3.13 -5.73
CA ILE A 78 5.28 -3.73 -4.58
C ILE A 78 4.75 -5.12 -4.92
N ALA A 79 4.96 -6.07 -4.01
CA ALA A 79 4.50 -7.45 -4.22
C ALA A 79 4.11 -8.10 -2.90
N PRO A 80 3.08 -8.97 -2.91
CA PRO A 80 2.61 -9.66 -1.71
C PRO A 80 3.71 -10.50 -1.06
N LYS A 81 4.03 -10.19 0.20
CA LYS A 81 5.07 -10.91 0.91
C LYS A 81 4.55 -11.40 2.26
N THR A 82 5.42 -12.07 3.03
CA THR A 82 5.05 -12.58 4.33
C THR A 82 6.25 -12.60 5.27
N LYS A 83 6.05 -12.14 6.51
CA LYS A 83 7.12 -12.10 7.50
C LYS A 83 6.74 -12.91 8.73
N GLU A 84 6.10 -14.05 8.52
CA GLU A 84 5.68 -14.92 9.62
C GLU A 84 6.70 -16.02 9.87
N MET A 1 6.07 8.47 -1.95
CA MET A 1 4.70 7.90 -2.08
C MET A 1 4.21 7.36 -0.74
N ARG A 2 2.94 7.62 -0.44
CA ARG A 2 2.34 7.15 0.80
C ARG A 2 1.46 5.94 0.56
N ILE A 3 1.28 5.13 1.61
CA ILE A 3 0.44 3.93 1.52
C ILE A 3 -0.92 4.24 0.92
N ASP A 4 -1.35 5.50 1.06
CA ASP A 4 -2.64 5.92 0.53
C ASP A 4 -2.66 5.84 -1.00
N LYS A 5 -1.77 6.60 -1.63
CA LYS A 5 -1.68 6.62 -3.08
C LYS A 5 -0.71 5.57 -3.63
N PHE A 6 -0.02 4.86 -2.72
CA PHE A 6 0.95 3.85 -3.13
C PHE A 6 0.26 2.60 -3.70
N LEU A 7 -0.49 1.91 -2.85
CA LEU A 7 -1.16 0.68 -3.26
C LEU A 7 -2.53 0.96 -3.90
N GLN A 8 -3.03 2.18 -3.75
CA GLN A 8 -4.31 2.55 -4.31
C GLN A 8 -4.17 3.10 -5.73
N SER A 9 -2.96 3.52 -6.08
CA SER A 9 -2.70 4.07 -7.41
C SER A 9 -1.99 3.07 -8.31
N VAL A 10 -1.59 1.92 -7.75
CA VAL A 10 -0.90 0.90 -8.52
C VAL A 10 -1.88 -0.12 -9.10
N GLY A 11 -3.16 0.23 -9.11
CA GLY A 11 -4.17 -0.67 -9.65
C GLY A 11 -4.44 -1.85 -8.74
N LEU A 12 -4.06 -1.72 -7.47
CA LEU A 12 -4.27 -2.79 -6.50
C LEU A 12 -5.72 -2.81 -6.02
N VAL A 13 -6.19 -1.66 -5.55
CA VAL A 13 -7.57 -1.55 -5.06
C VAL A 13 -8.51 -1.12 -6.18
N LYS A 14 -9.78 -1.50 -6.06
CA LYS A 14 -10.79 -1.16 -7.06
C LYS A 14 -12.18 -1.14 -6.45
N ARG A 15 -13.07 -0.37 -7.06
CA ARG A 15 -14.45 -0.26 -6.58
C ARG A 15 -14.50 0.33 -5.18
N ARG A 16 -15.50 1.17 -4.93
CA ARG A 16 -15.67 1.82 -3.64
C ARG A 16 -14.45 2.65 -3.29
N VAL A 17 -14.35 3.82 -3.90
CA VAL A 17 -13.23 4.73 -3.66
C VAL A 17 -13.70 6.02 -3.00
N LEU A 18 -13.26 6.26 -1.77
CA LEU A 18 -13.64 7.46 -1.05
C LEU A 18 -12.45 8.02 -0.26
N ALA A 19 -11.53 8.66 -0.98
CA ALA A 19 -10.35 9.24 -0.36
C ALA A 19 -9.48 8.17 0.29
N THR A 20 -9.85 7.75 1.50
CA THR A 20 -9.11 6.74 2.22
C THR A 20 -9.94 6.15 3.36
N ASP A 21 -10.14 4.84 3.33
CA ASP A 21 -10.92 4.17 4.36
C ASP A 21 -10.03 3.28 5.23
N MET A 22 -8.94 2.78 4.64
CA MET A 22 -8.02 1.92 5.35
C MET A 22 -7.50 2.59 6.63
N CYS A 23 -7.16 3.87 6.52
CA CYS A 23 -6.66 4.63 7.65
C CYS A 23 -7.73 4.76 8.74
N ASN A 24 -8.99 4.58 8.37
CA ASN A 24 -10.10 4.68 9.31
C ASN A 24 -10.43 3.32 9.90
N VAL A 25 -10.49 2.30 9.05
CA VAL A 25 -10.80 0.95 9.49
C VAL A 25 -9.65 0.35 10.28
N GLY A 26 -8.42 0.75 9.94
CA GLY A 26 -7.26 0.24 10.64
C GLY A 26 -6.52 -0.81 9.83
N ALA A 27 -6.20 -0.48 8.58
CA ALA A 27 -5.49 -1.39 7.71
C ALA A 27 -4.11 -0.86 7.35
N VAL A 28 -4.01 0.45 7.17
CA VAL A 28 -2.75 1.09 6.84
C VAL A 28 -1.71 0.87 7.92
N TRP A 29 -0.64 0.17 7.57
CA TRP A 29 0.44 -0.10 8.52
C TRP A 29 1.79 -0.08 7.80
N LEU A 30 2.58 0.95 8.09
CA LEU A 30 3.90 1.10 7.48
C LEU A 30 4.99 0.51 8.37
N ASN A 31 5.78 -0.40 7.81
CA ASN A 31 6.86 -1.04 8.54
C ASN A 31 6.34 -1.71 9.82
N GLY A 32 5.23 -2.43 9.69
CA GLY A 32 4.65 -3.10 10.83
C GLY A 32 4.23 -2.14 11.92
N SER A 33 3.89 -0.92 11.52
CA SER A 33 3.46 0.10 12.48
C SER A 33 2.28 0.89 11.93
N CYS A 34 1.47 1.44 12.83
CA CYS A 34 0.30 2.22 12.44
C CYS A 34 0.71 3.41 11.58
N ALA A 35 -0.10 3.71 10.57
CA ALA A 35 0.18 4.83 9.68
C ALA A 35 -1.09 5.62 9.37
N LYS A 36 -0.99 6.54 8.42
CA LYS A 36 -2.13 7.36 8.03
C LYS A 36 -2.39 7.27 6.53
N ALA A 37 -3.20 8.19 6.01
CA ALA A 37 -3.52 8.19 4.59
C ALA A 37 -2.64 9.18 3.82
N SER A 38 -1.45 9.44 4.36
CA SER A 38 -0.51 10.37 3.74
C SER A 38 0.89 10.19 4.30
N LYS A 39 1.22 8.97 4.70
CA LYS A 39 2.53 8.67 5.26
C LYS A 39 3.47 8.10 4.18
N GLU A 40 4.47 8.88 3.83
CA GLU A 40 5.45 8.47 2.82
C GLU A 40 6.12 7.16 3.21
N VAL A 41 6.24 6.26 2.25
CA VAL A 41 6.87 4.96 2.48
C VAL A 41 8.31 4.94 1.99
N LYS A 42 8.99 3.81 2.19
CA LYS A 42 10.37 3.67 1.75
C LYS A 42 10.56 2.38 0.97
N ALA A 43 11.73 2.22 0.38
CA ALA A 43 12.04 1.03 -0.40
C ALA A 43 12.36 -0.15 0.51
N GLY A 44 12.09 -1.36 0.03
CA GLY A 44 12.34 -2.55 0.81
C GLY A 44 11.59 -2.56 2.13
N ASP A 45 10.45 -1.88 2.14
CA ASP A 45 9.63 -1.79 3.35
C ASP A 45 8.43 -2.74 3.27
N THR A 46 7.74 -2.91 4.38
CA THR A 46 6.58 -3.79 4.43
C THR A 46 5.28 -2.98 4.39
N ILE A 47 4.22 -3.59 3.87
CA ILE A 47 2.92 -2.94 3.78
C ILE A 47 1.82 -3.85 4.28
N SER A 48 1.38 -3.63 5.52
CA SER A 48 0.33 -4.45 6.13
C SER A 48 -1.04 -3.97 5.68
N LEU A 49 -2.01 -4.89 5.66
CA LEU A 49 -3.37 -4.58 5.26
C LEU A 49 -4.36 -5.47 5.98
N HIS A 50 -5.27 -4.87 6.73
CA HIS A 50 -6.29 -5.63 7.47
C HIS A 50 -7.57 -5.76 6.65
N TYR A 51 -7.92 -6.99 6.32
CA TYR A 51 -9.13 -7.26 5.54
C TYR A 51 -10.10 -8.13 6.33
N LEU A 52 -11.29 -8.34 5.78
CA LEU A 52 -12.31 -9.14 6.43
C LEU A 52 -11.94 -10.62 6.41
N LYS A 53 -11.08 -11.00 5.47
CA LYS A 53 -10.65 -12.39 5.34
C LYS A 53 -9.32 -12.62 6.05
N GLY A 54 -8.54 -11.55 6.20
CA GLY A 54 -7.25 -11.66 6.86
C GLY A 54 -6.30 -10.55 6.46
N ILE A 55 -4.99 -10.84 6.55
CA ILE A 55 -3.98 -9.86 6.19
C ILE A 55 -3.11 -10.37 5.04
N GLU A 56 -2.71 -9.46 4.17
CA GLU A 56 -1.86 -9.82 3.02
C GLU A 56 -0.40 -9.49 3.29
N GLU A 57 -0.14 -8.26 3.73
CA GLU A 57 1.21 -7.83 4.03
C GLU A 57 2.09 -7.87 2.79
N TYR A 58 2.27 -6.72 2.15
CA TYR A 58 3.09 -6.62 0.96
C TYR A 58 4.47 -6.06 1.29
N THR A 59 5.30 -5.94 0.26
CA THR A 59 6.66 -5.41 0.44
C THR A 59 7.02 -4.45 -0.69
N ILE A 60 7.50 -3.26 -0.31
CA ILE A 60 7.89 -2.26 -1.29
C ILE A 60 9.30 -2.52 -1.82
N LEU A 61 9.46 -2.46 -3.12
CA LEU A 61 10.76 -2.69 -3.76
C LEU A 61 11.49 -1.37 -4.02
N GLN A 62 10.72 -0.29 -4.14
CA GLN A 62 11.29 1.04 -4.40
C GLN A 62 10.22 2.12 -4.33
N ILE A 63 10.66 3.37 -4.36
CA ILE A 63 9.74 4.50 -4.31
C ILE A 63 10.02 5.48 -5.45
N PRO A 64 9.34 5.32 -6.59
CA PRO A 64 9.52 6.20 -7.74
C PRO A 64 8.92 7.58 -7.53
N ALA A 65 8.14 7.73 -6.47
CA ALA A 65 7.50 9.00 -6.16
C ALA A 65 6.56 9.44 -7.28
N LEU A 66 5.65 8.55 -7.67
CA LEU A 66 4.70 8.85 -8.72
C LEU A 66 3.30 9.09 -8.16
N LYS A 67 2.32 9.24 -9.04
CA LYS A 67 0.94 9.47 -8.63
C LYS A 67 0.05 8.31 -9.05
N ASN A 68 0.24 7.84 -10.27
CA ASN A 68 -0.55 6.72 -10.79
C ASN A 68 0.30 5.82 -11.68
N VAL A 69 0.26 4.52 -11.41
CA VAL A 69 1.02 3.55 -12.19
C VAL A 69 0.14 2.38 -12.63
N PRO A 70 -0.48 2.50 -13.82
CA PRO A 70 -1.35 1.45 -14.37
C PRO A 70 -0.71 0.07 -14.32
N ARG A 71 -1.44 -0.94 -14.77
CA ARG A 71 -0.94 -2.31 -14.79
C ARG A 71 0.02 -2.52 -15.95
N LYS A 72 1.31 -2.50 -15.65
CA LYS A 72 2.33 -2.69 -16.68
C LYS A 72 3.73 -2.77 -16.05
N ASP A 73 4.12 -1.69 -15.37
CA ASP A 73 5.43 -1.64 -14.73
C ASP A 73 5.29 -1.25 -13.26
N THR A 74 4.14 -1.59 -12.67
CA THR A 74 3.89 -1.29 -11.26
C THR A 74 4.16 -2.50 -10.37
N HIS A 75 4.46 -3.64 -10.99
CA HIS A 75 4.74 -4.86 -10.23
C HIS A 75 6.19 -4.90 -9.75
N LEU A 76 6.95 -3.84 -10.04
CA LEU A 76 8.34 -3.77 -9.62
C LEU A 76 8.52 -2.83 -8.43
N TYR A 77 7.41 -2.43 -7.82
CA TYR A 77 7.46 -1.52 -6.67
C TYR A 77 6.85 -2.17 -5.42
N ILE A 78 5.95 -3.14 -5.64
CA ILE A 78 5.30 -3.83 -4.54
C ILE A 78 4.86 -5.22 -4.96
N ALA A 79 4.95 -6.18 -4.03
CA ALA A 79 4.55 -7.55 -4.31
C ALA A 79 3.84 -8.17 -3.11
N PRO A 80 2.86 -9.05 -3.34
CA PRO A 80 2.10 -9.70 -2.27
C PRO A 80 2.92 -10.77 -1.56
N LYS A 81 3.31 -10.48 -0.32
CA LYS A 81 4.10 -11.41 0.48
C LYS A 81 3.19 -12.33 1.29
N THR A 82 2.80 -13.44 0.67
CA THR A 82 1.93 -14.41 1.34
C THR A 82 2.51 -15.82 1.24
N LYS A 83 2.81 -16.41 2.39
CA LYS A 83 3.37 -17.76 2.44
C LYS A 83 3.03 -18.45 3.76
N GLU A 84 2.83 -19.77 3.70
CA GLU A 84 2.50 -20.54 4.88
C GLU A 84 3.13 -21.93 4.82
N MET A 1 6.51 9.30 -1.94
CA MET A 1 5.11 8.80 -2.02
C MET A 1 4.57 8.41 -0.65
N ARG A 2 3.33 7.96 -0.60
CA ARG A 2 2.70 7.56 0.65
C ARG A 2 1.78 6.36 0.44
N ILE A 3 1.61 5.57 1.50
CA ILE A 3 0.76 4.38 1.45
C ILE A 3 -0.60 4.70 0.83
N ASP A 4 -1.11 5.90 1.10
CA ASP A 4 -2.38 6.32 0.56
C ASP A 4 -2.39 6.23 -0.97
N LYS A 5 -1.39 6.83 -1.59
CA LYS A 5 -1.28 6.83 -3.05
C LYS A 5 -0.45 5.65 -3.55
N PHE A 6 0.12 4.87 -2.63
CA PHE A 6 0.96 3.72 -3.02
C PHE A 6 0.14 2.48 -3.38
N LEU A 7 -0.49 1.87 -2.38
CA LEU A 7 -1.27 0.66 -2.61
C LEU A 7 -2.60 0.97 -3.30
N GLN A 8 -2.96 2.25 -3.34
CA GLN A 8 -4.20 2.67 -3.97
C GLN A 8 -3.99 2.97 -5.45
N SER A 9 -2.75 3.28 -5.82
CA SER A 9 -2.42 3.59 -7.21
C SER A 9 -2.10 2.33 -8.00
N VAL A 10 -1.34 1.42 -7.38
CA VAL A 10 -0.95 0.17 -8.03
C VAL A 10 -2.14 -0.50 -8.71
N GLY A 11 -3.31 -0.45 -8.07
CA GLY A 11 -4.49 -1.06 -8.63
C GLY A 11 -5.35 -1.77 -7.59
N LEU A 12 -4.77 -2.06 -6.44
CA LEU A 12 -5.49 -2.74 -5.36
C LEU A 12 -6.85 -2.09 -5.12
N VAL A 13 -6.84 -0.88 -4.58
CA VAL A 13 -8.07 -0.15 -4.30
C VAL A 13 -8.13 1.16 -5.08
N LYS A 14 -8.34 1.05 -6.39
CA LYS A 14 -8.42 2.23 -7.24
C LYS A 14 -9.87 2.65 -7.48
N ARG A 15 -10.39 3.48 -6.59
CA ARG A 15 -11.76 3.95 -6.71
C ARG A 15 -11.84 5.46 -6.51
N ARG A 16 -12.87 6.07 -7.09
CA ARG A 16 -13.06 7.52 -6.98
C ARG A 16 -13.59 7.90 -5.61
N VAL A 17 -12.77 7.70 -4.58
CA VAL A 17 -13.16 8.01 -3.22
C VAL A 17 -12.70 9.43 -2.84
N LEU A 18 -13.45 10.06 -1.94
CA LEU A 18 -13.13 11.40 -1.49
C LEU A 18 -12.00 11.39 -0.46
N ALA A 19 -12.28 10.79 0.70
CA ALA A 19 -11.28 10.70 1.76
C ALA A 19 -10.84 9.26 1.97
N THR A 20 -9.59 9.09 2.40
CA THR A 20 -9.04 7.76 2.64
C THR A 20 -9.47 7.24 4.01
N ASP A 21 -10.27 6.17 4.01
CA ASP A 21 -10.75 5.57 5.25
C ASP A 21 -9.85 4.43 5.70
N MET A 22 -9.04 3.92 4.77
CA MET A 22 -8.12 2.82 5.07
C MET A 22 -7.26 3.14 6.30
N CYS A 23 -6.99 4.42 6.51
CA CYS A 23 -6.18 4.86 7.64
C CYS A 23 -7.00 4.87 8.93
N ASN A 24 -8.32 4.76 8.80
CA ASN A 24 -9.20 4.78 9.96
C ASN A 24 -9.64 3.36 10.33
N VAL A 25 -10.01 2.58 9.31
CA VAL A 25 -10.45 1.21 9.53
C VAL A 25 -9.38 0.38 10.23
N GLY A 26 -8.12 0.66 9.89
CA GLY A 26 -7.01 -0.06 10.50
C GLY A 26 -6.28 -0.95 9.50
N ALA A 27 -6.35 -0.58 8.22
CA ALA A 27 -5.70 -1.34 7.18
C ALA A 27 -4.33 -0.76 6.85
N VAL A 28 -4.20 0.55 7.00
CA VAL A 28 -2.94 1.23 6.72
C VAL A 28 -1.90 0.93 7.80
N TRP A 29 -0.89 0.16 7.44
CA TRP A 29 0.17 -0.20 8.39
C TRP A 29 1.53 -0.18 7.70
N LEU A 30 2.37 0.79 8.06
CA LEU A 30 3.69 0.92 7.48
C LEU A 30 4.75 0.33 8.41
N ASN A 31 5.43 -0.71 7.94
CA ASN A 31 6.47 -1.36 8.73
C ASN A 31 5.90 -1.92 10.03
N GLY A 32 4.71 -2.51 9.95
CA GLY A 32 4.08 -3.06 11.12
C GLY A 32 3.71 -2.00 12.15
N SER A 33 3.09 -0.92 11.68
CA SER A 33 2.70 0.16 12.56
C SER A 33 1.55 0.97 11.95
N CYS A 34 0.54 1.26 12.75
CA CYS A 34 -0.61 2.03 12.29
C CYS A 34 -0.18 3.41 11.79
N ALA A 35 -0.41 3.66 10.51
CA ALA A 35 -0.04 4.93 9.90
C ALA A 35 -1.26 5.62 9.30
N LYS A 36 -1.32 6.94 9.44
CA LYS A 36 -2.43 7.72 8.91
C LYS A 36 -2.42 7.70 7.39
N ALA A 37 -3.17 8.62 6.78
CA ALA A 37 -3.24 8.71 5.32
C ALA A 37 -2.27 9.76 4.80
N SER A 38 -1.19 10.01 5.54
CA SER A 38 -0.18 10.98 5.14
C SER A 38 1.21 10.55 5.59
N LYS A 39 1.41 9.23 5.67
CA LYS A 39 2.70 8.69 6.09
C LYS A 39 3.57 8.36 4.89
N GLU A 40 4.66 9.12 4.73
CA GLU A 40 5.58 8.90 3.61
C GLU A 40 6.17 7.50 3.65
N VAL A 41 6.05 6.78 2.54
CA VAL A 41 6.57 5.42 2.44
C VAL A 41 7.97 5.41 1.83
N LYS A 42 8.73 4.37 2.13
CA LYS A 42 10.09 4.23 1.61
C LYS A 42 10.27 2.89 0.90
N ALA A 43 11.41 2.74 0.23
CA ALA A 43 11.70 1.51 -0.50
C ALA A 43 12.05 0.38 0.46
N GLY A 44 11.88 -0.85 0.01
CA GLY A 44 12.18 -2.01 0.84
C GLY A 44 11.40 -2.02 2.13
N ASP A 45 10.21 -1.42 2.09
CA ASP A 45 9.35 -1.35 3.27
C ASP A 45 8.21 -2.36 3.17
N THR A 46 7.52 -2.58 4.29
CA THR A 46 6.41 -3.52 4.32
C THR A 46 5.07 -2.78 4.33
N ILE A 47 4.15 -3.23 3.48
CA ILE A 47 2.84 -2.62 3.38
C ILE A 47 1.74 -3.60 3.81
N SER A 48 1.25 -3.43 5.04
CA SER A 48 0.21 -4.31 5.56
C SER A 48 -1.18 -3.82 5.14
N LEU A 49 -2.11 -4.76 5.02
CA LEU A 49 -3.47 -4.43 4.62
C LEU A 49 -4.48 -5.30 5.37
N HIS A 50 -5.51 -4.68 5.90
CA HIS A 50 -6.54 -5.40 6.65
C HIS A 50 -7.68 -5.82 5.73
N TYR A 51 -8.00 -7.11 5.75
CA TYR A 51 -9.07 -7.65 4.92
C TYR A 51 -9.91 -8.66 5.70
N LEU A 52 -10.88 -9.26 5.02
CA LEU A 52 -11.76 -10.24 5.65
C LEU A 52 -11.09 -11.61 5.68
N LYS A 53 -10.52 -12.02 4.55
CA LYS A 53 -9.85 -13.30 4.45
C LYS A 53 -8.60 -13.33 5.32
N GLY A 54 -8.00 -12.16 5.54
CA GLY A 54 -6.81 -12.08 6.35
C GLY A 54 -5.94 -10.89 5.99
N ILE A 55 -4.64 -11.03 6.19
CA ILE A 55 -3.69 -9.96 5.88
C ILE A 55 -2.77 -10.35 4.73
N GLU A 56 -2.61 -9.45 3.77
CA GLU A 56 -1.74 -9.70 2.62
C GLU A 56 -0.29 -9.41 2.94
N GLU A 57 -0.04 -8.22 3.48
CA GLU A 57 1.31 -7.81 3.85
C GLU A 57 2.22 -7.78 2.63
N TYR A 58 2.27 -6.65 1.94
CA TYR A 58 3.10 -6.50 0.76
C TYR A 58 4.47 -5.94 1.12
N THR A 59 5.32 -5.76 0.12
CA THR A 59 6.66 -5.23 0.34
C THR A 59 7.07 -4.32 -0.81
N ILE A 60 7.43 -3.08 -0.46
CA ILE A 60 7.85 -2.10 -1.46
C ILE A 60 9.26 -2.40 -1.95
N LEU A 61 9.40 -2.57 -3.27
CA LEU A 61 10.69 -2.85 -3.87
C LEU A 61 11.43 -1.57 -4.22
N GLN A 62 10.69 -0.46 -4.35
CA GLN A 62 11.27 0.82 -4.69
C GLN A 62 10.23 1.93 -4.67
N ILE A 63 10.68 3.17 -4.87
CA ILE A 63 9.78 4.31 -4.87
C ILE A 63 9.96 5.15 -6.14
N PRO A 64 9.22 4.81 -7.20
CA PRO A 64 9.30 5.53 -8.48
C PRO A 64 8.88 6.99 -8.35
N ALA A 65 8.20 7.31 -7.24
CA ALA A 65 7.74 8.67 -7.00
C ALA A 65 6.78 9.13 -8.08
N LEU A 66 5.89 8.23 -8.50
CA LEU A 66 4.91 8.56 -9.54
C LEU A 66 3.55 8.84 -8.91
N LYS A 67 2.64 9.39 -9.73
CA LYS A 67 1.29 9.71 -9.26
C LYS A 67 0.39 8.48 -9.28
N ASN A 68 0.58 7.64 -10.28
CA ASN A 68 -0.22 6.43 -10.42
C ASN A 68 0.53 5.36 -11.23
N VAL A 69 0.50 4.12 -10.74
CA VAL A 69 1.17 3.02 -11.43
C VAL A 69 0.18 2.24 -12.29
N PRO A 70 0.40 2.20 -13.62
CA PRO A 70 -0.47 1.48 -14.55
C PRO A 70 -0.43 -0.03 -14.32
N ARG A 71 -0.98 -0.78 -15.26
CA ARG A 71 -1.01 -2.23 -15.17
C ARG A 71 0.16 -2.85 -15.95
N LYS A 72 1.31 -2.19 -15.90
CA LYS A 72 2.49 -2.68 -16.61
C LYS A 72 3.71 -2.66 -15.69
N ASP A 73 3.89 -1.56 -14.97
CA ASP A 73 5.03 -1.42 -14.06
C ASP A 73 4.57 -1.50 -12.60
N THR A 74 3.45 -2.17 -12.37
CA THR A 74 2.92 -2.32 -11.02
C THR A 74 3.23 -3.70 -10.45
N HIS A 75 4.34 -4.27 -10.90
CA HIS A 75 4.76 -5.60 -10.43
C HIS A 75 6.24 -5.61 -10.06
N LEU A 76 6.86 -4.44 -10.02
CA LEU A 76 8.27 -4.33 -9.68
C LEU A 76 8.50 -3.33 -8.53
N TYR A 77 7.41 -2.78 -8.00
CA TYR A 77 7.50 -1.81 -6.91
C TYR A 77 6.88 -2.38 -5.63
N ILE A 78 6.00 -3.37 -5.78
CA ILE A 78 5.35 -3.98 -4.64
C ILE A 78 4.90 -5.40 -4.95
N ALA A 79 5.13 -6.31 -4.01
CA ALA A 79 4.75 -7.71 -4.20
C ALA A 79 4.22 -8.31 -2.89
N PRO A 80 3.13 -9.09 -2.96
CA PRO A 80 2.52 -9.71 -1.78
C PRO A 80 3.51 -10.61 -1.04
N LYS A 81 3.73 -10.30 0.24
CA LYS A 81 4.66 -11.09 1.06
C LYS A 81 3.92 -11.73 2.23
N THR A 82 3.76 -13.04 2.17
CA THR A 82 3.08 -13.78 3.23
C THR A 82 3.80 -15.09 3.54
N LYS A 83 3.83 -15.46 4.81
CA LYS A 83 4.49 -16.69 5.23
C LYS A 83 3.63 -17.44 6.25
N GLU A 84 3.91 -18.73 6.42
CA GLU A 84 3.18 -19.56 7.37
C GLU A 84 3.98 -20.79 7.76
N MET A 1 5.85 9.49 -1.88
CA MET A 1 4.67 8.58 -1.95
C MET A 1 4.26 8.12 -0.56
N ARG A 2 3.02 7.64 -0.44
CA ARG A 2 2.49 7.17 0.84
C ARG A 2 1.59 5.96 0.64
N ILE A 3 1.40 5.20 1.71
CA ILE A 3 0.54 4.01 1.66
C ILE A 3 -0.81 4.33 1.04
N ASP A 4 -1.22 5.59 1.13
CA ASP A 4 -2.49 6.02 0.57
C ASP A 4 -2.46 6.01 -0.96
N LYS A 5 -1.52 6.74 -1.54
CA LYS A 5 -1.39 6.83 -2.98
C LYS A 5 -0.46 5.74 -3.55
N PHE A 6 0.15 4.96 -2.67
CA PHE A 6 1.07 3.91 -3.11
C PHE A 6 0.34 2.68 -3.64
N LEU A 7 -0.40 2.02 -2.76
CA LEU A 7 -1.13 0.80 -3.14
C LEU A 7 -2.47 1.12 -3.81
N GLN A 8 -2.95 2.34 -3.63
CA GLN A 8 -4.23 2.74 -4.21
C GLN A 8 -4.06 3.24 -5.64
N SER A 9 -2.85 3.70 -5.98
CA SER A 9 -2.57 4.21 -7.31
C SER A 9 -2.12 3.08 -8.23
N VAL A 10 -1.43 2.09 -7.65
CA VAL A 10 -0.93 0.95 -8.43
C VAL A 10 -2.08 0.14 -9.01
N GLY A 11 -3.21 0.14 -8.31
CA GLY A 11 -4.37 -0.60 -8.77
C GLY A 11 -4.72 -1.76 -7.85
N LEU A 12 -4.68 -1.49 -6.54
CA LEU A 12 -4.99 -2.52 -5.56
C LEU A 12 -6.32 -2.21 -4.85
N VAL A 13 -6.51 -0.95 -4.51
CA VAL A 13 -7.74 -0.52 -3.83
C VAL A 13 -8.96 -0.74 -4.71
N LYS A 14 -10.13 -0.80 -4.07
CA LYS A 14 -11.37 -1.01 -4.80
C LYS A 14 -12.26 0.23 -4.71
N ARG A 15 -13.05 0.47 -5.75
CA ARG A 15 -13.94 1.62 -5.79
C ARG A 15 -14.89 1.62 -4.59
N ARG A 16 -14.55 2.41 -3.57
CA ARG A 16 -15.36 2.51 -2.37
C ARG A 16 -14.89 3.65 -1.49
N VAL A 17 -15.82 4.52 -1.10
CA VAL A 17 -15.51 5.66 -0.26
C VAL A 17 -14.48 6.57 -0.91
N LEU A 18 -14.42 7.82 -0.47
CA LEU A 18 -13.48 8.79 -1.01
C LEU A 18 -12.31 9.02 -0.06
N ALA A 19 -11.35 9.82 -0.49
CA ALA A 19 -10.18 10.12 0.32
C ALA A 19 -9.36 8.86 0.60
N THR A 20 -9.79 8.08 1.60
CA THR A 20 -9.10 6.86 1.97
C THR A 20 -9.98 5.98 2.85
N ASP A 21 -10.04 6.30 4.15
CA ASP A 21 -10.83 5.55 5.10
C ASP A 21 -10.15 4.25 5.53
N MET A 22 -9.04 3.91 4.87
CA MET A 22 -8.31 2.69 5.20
C MET A 22 -7.48 2.89 6.46
N CYS A 23 -7.03 4.12 6.70
CA CYS A 23 -6.22 4.43 7.86
C CYS A 23 -7.05 4.38 9.14
N ASN A 24 -8.37 4.45 9.00
CA ASN A 24 -9.27 4.40 10.14
C ASN A 24 -9.80 2.99 10.38
N VAL A 25 -10.22 2.35 9.30
CA VAL A 25 -10.74 0.99 9.39
C VAL A 25 -9.71 0.03 9.99
N GLY A 26 -8.44 0.35 9.81
CA GLY A 26 -7.37 -0.48 10.33
C GLY A 26 -6.65 -1.25 9.24
N ALA A 27 -6.64 -0.69 8.03
CA ALA A 27 -5.98 -1.32 6.90
C ALA A 27 -4.76 -0.53 6.47
N VAL A 28 -4.06 0.06 7.43
CA VAL A 28 -2.87 0.85 7.14
C VAL A 28 -1.81 0.66 8.23
N TRP A 29 -0.77 -0.11 7.91
CA TRP A 29 0.31 -0.36 8.85
C TRP A 29 1.64 -0.45 8.12
N LEU A 30 2.51 0.53 8.35
CA LEU A 30 3.82 0.58 7.72
C LEU A 30 4.89 0.00 8.63
N ASN A 31 5.51 -1.10 8.20
CA ASN A 31 6.56 -1.74 8.99
C ASN A 31 6.06 -2.11 10.38
N GLY A 32 4.94 -2.81 10.45
CA GLY A 32 4.38 -3.22 11.72
C GLY A 32 4.09 -2.04 12.62
N SER A 33 3.65 -0.93 12.02
CA SER A 33 3.33 0.28 12.78
C SER A 33 2.13 1.00 12.17
N CYS A 34 1.10 1.20 12.99
CA CYS A 34 -0.11 1.88 12.52
C CYS A 34 0.21 3.29 12.04
N ALA A 35 -0.32 3.64 10.88
CA ALA A 35 -0.09 4.96 10.31
C ALA A 35 -1.37 5.53 9.72
N LYS A 36 -1.40 6.86 9.53
CA LYS A 36 -2.57 7.53 8.98
C LYS A 36 -2.58 7.43 7.45
N ALA A 37 -3.41 8.25 6.81
CA ALA A 37 -3.51 8.26 5.36
C ALA A 37 -2.62 9.34 4.75
N SER A 38 -1.55 9.68 5.44
CA SER A 38 -0.62 10.71 4.97
C SER A 38 0.81 10.40 5.41
N LYS A 39 1.10 9.12 5.58
CA LYS A 39 2.43 8.69 6.00
C LYS A 39 3.29 8.32 4.80
N GLU A 40 4.34 9.08 4.56
CA GLU A 40 5.25 8.82 3.45
C GLU A 40 6.01 7.51 3.65
N VAL A 41 6.08 6.71 2.58
CA VAL A 41 6.77 5.43 2.65
C VAL A 41 8.10 5.49 1.90
N LYS A 42 8.91 4.45 2.07
CA LYS A 42 10.21 4.39 1.41
C LYS A 42 10.39 3.05 0.70
N ALA A 43 11.54 2.88 0.06
CA ALA A 43 11.85 1.64 -0.65
C ALA A 43 12.27 0.54 0.32
N GLY A 44 12.08 -0.72 -0.11
CA GLY A 44 12.46 -1.84 0.73
C GLY A 44 11.69 -1.86 2.04
N ASP A 45 10.47 -1.32 2.02
CA ASP A 45 9.64 -1.29 3.21
C ASP A 45 8.46 -2.24 3.07
N THR A 46 7.85 -2.59 4.21
CA THR A 46 6.71 -3.51 4.21
C THR A 46 5.41 -2.74 4.03
N ILE A 47 4.37 -3.46 3.62
CA ILE A 47 3.05 -2.85 3.40
C ILE A 47 1.93 -3.79 3.83
N SER A 48 1.37 -3.54 5.00
CA SER A 48 0.29 -4.37 5.53
C SER A 48 -1.06 -3.90 5.00
N LEU A 49 -2.02 -4.83 4.96
CA LEU A 49 -3.36 -4.52 4.47
C LEU A 49 -4.40 -5.37 5.20
N HIS A 50 -5.39 -4.71 5.78
CA HIS A 50 -6.45 -5.40 6.51
C HIS A 50 -7.63 -5.73 5.59
N TYR A 51 -8.16 -6.95 5.73
CA TYR A 51 -9.28 -7.38 4.91
C TYR A 51 -10.25 -8.22 5.74
N LEU A 52 -11.37 -8.58 5.13
CA LEU A 52 -12.38 -9.40 5.81
C LEU A 52 -11.93 -10.86 5.91
N LYS A 53 -11.18 -11.30 4.91
CA LYS A 53 -10.68 -12.67 4.88
C LYS A 53 -9.42 -12.82 5.72
N GLY A 54 -8.66 -11.74 5.83
CA GLY A 54 -7.43 -11.77 6.60
C GLY A 54 -6.60 -10.53 6.43
N ILE A 55 -5.29 -10.71 6.27
CA ILE A 55 -4.37 -9.59 6.09
C ILE A 55 -3.28 -9.92 5.09
N GLU A 56 -2.93 -8.94 4.25
CA GLU A 56 -1.88 -9.13 3.25
C GLU A 56 -0.73 -8.15 3.47
N GLU A 57 0.48 -8.68 3.57
CA GLU A 57 1.66 -7.86 3.79
C GLU A 57 2.57 -7.89 2.57
N TYR A 58 2.63 -6.75 1.87
CA TYR A 58 3.47 -6.64 0.68
C TYR A 58 4.83 -6.03 1.02
N THR A 59 5.68 -5.87 0.02
CA THR A 59 7.01 -5.30 0.21
C THR A 59 7.36 -4.36 -0.92
N ILE A 60 7.74 -3.14 -0.57
CA ILE A 60 8.11 -2.13 -1.56
C ILE A 60 9.53 -2.37 -2.09
N LEU A 61 9.62 -2.63 -3.39
CA LEU A 61 10.91 -2.89 -4.01
C LEU A 61 11.60 -1.58 -4.39
N GLN A 62 10.82 -0.50 -4.48
CA GLN A 62 11.38 0.81 -4.83
C GLN A 62 10.29 1.89 -4.76
N ILE A 63 10.71 3.14 -4.87
CA ILE A 63 9.78 4.26 -4.83
C ILE A 63 9.95 5.18 -6.03
N PRO A 64 9.16 4.96 -7.09
CA PRO A 64 9.23 5.77 -8.32
C PRO A 64 8.73 7.19 -8.11
N ALA A 65 8.07 7.42 -6.98
CA ALA A 65 7.53 8.75 -6.67
C ALA A 65 6.54 9.20 -7.73
N LEU A 66 5.84 8.25 -8.33
CA LEU A 66 4.85 8.56 -9.36
C LEU A 66 3.50 8.86 -8.75
N LYS A 67 2.50 9.08 -9.61
CA LYS A 67 1.15 9.38 -9.14
C LYS A 67 0.20 8.23 -9.45
N ASN A 68 0.44 7.55 -10.57
CA ASN A 68 -0.40 6.44 -10.98
C ASN A 68 0.35 5.51 -11.94
N VAL A 69 0.38 4.23 -11.59
CA VAL A 69 1.08 3.24 -12.41
C VAL A 69 0.08 2.28 -13.06
N PRO A 70 0.25 1.98 -14.37
CA PRO A 70 -0.64 1.07 -15.09
C PRO A 70 -0.55 -0.36 -14.57
N ARG A 71 -1.11 -1.30 -15.34
CA ARG A 71 -1.09 -2.71 -14.95
C ARG A 71 0.05 -3.44 -15.64
N LYS A 72 1.18 -2.76 -15.82
CA LYS A 72 2.34 -3.35 -16.46
C LYS A 72 3.58 -3.19 -15.59
N ASP A 73 3.77 -2.00 -15.03
CA ASP A 73 4.91 -1.73 -14.17
C ASP A 73 4.48 -1.70 -12.70
N THR A 74 3.43 -2.45 -12.37
CA THR A 74 2.92 -2.50 -11.01
C THR A 74 3.36 -3.79 -10.32
N HIS A 75 4.50 -4.32 -10.74
CA HIS A 75 5.04 -5.55 -10.16
C HIS A 75 6.54 -5.44 -9.92
N LEU A 76 7.07 -4.22 -10.00
CA LEU A 76 8.49 -3.99 -9.78
C LEU A 76 8.73 -3.04 -8.60
N TYR A 77 7.65 -2.47 -8.07
CA TYR A 77 7.77 -1.54 -6.94
C TYR A 77 7.14 -2.13 -5.68
N ILE A 78 6.22 -3.09 -5.86
CA ILE A 78 5.56 -3.72 -4.73
C ILE A 78 5.11 -5.14 -5.09
N ALA A 79 5.24 -6.04 -4.14
CA ALA A 79 4.84 -7.44 -4.35
C ALA A 79 4.38 -8.09 -3.05
N PRO A 80 3.43 -9.03 -3.14
CA PRO A 80 2.91 -9.73 -1.95
C PRO A 80 3.90 -10.72 -1.38
N LYS A 81 4.49 -10.37 -0.24
CA LYS A 81 5.47 -11.23 0.42
C LYS A 81 4.80 -12.47 0.99
N THR A 82 4.96 -13.59 0.29
CA THR A 82 4.37 -14.86 0.74
C THR A 82 5.31 -16.02 0.45
N LYS A 83 5.37 -16.97 1.39
CA LYS A 83 6.22 -18.14 1.23
C LYS A 83 5.52 -19.40 1.74
N GLU A 84 4.21 -19.43 1.61
CA GLU A 84 3.42 -20.57 2.06
C GLU A 84 2.94 -21.40 0.87
N MET A 1 6.36 9.08 -1.82
CA MET A 1 4.99 8.53 -1.86
C MET A 1 4.50 8.15 -0.46
N ARG A 2 3.21 7.90 -0.33
CA ARG A 2 2.61 7.52 0.95
C ARG A 2 1.71 6.30 0.80
N ILE A 3 1.54 5.55 1.88
CA ILE A 3 0.70 4.36 1.87
C ILE A 3 -0.68 4.65 1.29
N ASP A 4 -1.10 5.91 1.37
CA ASP A 4 -2.41 6.31 0.85
C ASP A 4 -2.42 6.31 -0.68
N LYS A 5 -1.50 7.05 -1.28
CA LYS A 5 -1.42 7.16 -2.72
C LYS A 5 -0.50 6.08 -3.33
N PHE A 6 0.15 5.30 -2.48
CA PHE A 6 1.07 4.27 -2.95
C PHE A 6 0.34 3.02 -3.46
N LEU A 7 -0.28 2.29 -2.55
CA LEU A 7 -0.99 1.06 -2.91
C LEU A 7 -2.33 1.35 -3.57
N GLN A 8 -2.78 2.59 -3.45
CA GLN A 8 -4.06 3.00 -4.03
C GLN A 8 -3.88 3.49 -5.47
N SER A 9 -2.65 3.83 -5.84
CA SER A 9 -2.36 4.31 -7.18
C SER A 9 -1.82 3.19 -8.07
N VAL A 10 -0.92 2.39 -7.52
CA VAL A 10 -0.32 1.29 -8.26
C VAL A 10 -1.38 0.38 -8.88
N GLY A 11 -2.37 0.01 -8.08
CA GLY A 11 -3.44 -0.85 -8.55
C GLY A 11 -3.77 -1.97 -7.59
N LEU A 12 -4.16 -1.60 -6.37
CA LEU A 12 -4.50 -2.58 -5.35
C LEU A 12 -5.90 -2.33 -4.82
N VAL A 13 -6.22 -1.05 -4.61
CA VAL A 13 -7.54 -0.67 -4.11
C VAL A 13 -7.97 0.68 -4.70
N LYS A 14 -9.23 0.77 -5.10
CA LYS A 14 -9.76 2.00 -5.68
C LYS A 14 -9.62 3.17 -4.72
N ARG A 15 -9.71 4.38 -5.26
CA ARG A 15 -9.59 5.59 -4.44
C ARG A 15 -10.57 6.66 -4.89
N ARG A 16 -10.47 7.84 -4.30
CA ARG A 16 -11.36 8.95 -4.63
C ARG A 16 -12.77 8.69 -4.13
N VAL A 17 -13.03 9.05 -2.88
CA VAL A 17 -14.34 8.85 -2.28
C VAL A 17 -14.47 9.64 -0.97
N LEU A 18 -14.02 10.89 -1.00
CA LEU A 18 -14.08 11.75 0.18
C LEU A 18 -13.23 11.18 1.31
N ALA A 19 -12.03 11.71 1.46
CA ALA A 19 -11.12 11.27 2.51
C ALA A 19 -10.78 9.80 2.34
N THR A 20 -9.71 9.36 3.01
CA THR A 20 -9.27 7.97 2.94
C THR A 20 -10.19 7.06 3.74
N ASP A 21 -9.92 5.76 3.69
CA ASP A 21 -10.73 4.79 4.41
C ASP A 21 -9.86 3.82 5.20
N MET A 22 -8.78 3.35 4.57
CA MET A 22 -7.86 2.42 5.20
C MET A 22 -7.46 2.90 6.60
N CYS A 23 -7.06 4.17 6.69
CA CYS A 23 -6.66 4.75 7.96
C CYS A 23 -7.80 4.72 8.98
N ASN A 24 -9.03 4.57 8.47
CA ASN A 24 -10.20 4.53 9.34
C ASN A 24 -10.57 3.08 9.69
N VAL A 25 -10.65 2.24 8.67
CA VAL A 25 -11.00 0.84 8.87
C VAL A 25 -9.92 0.11 9.67
N GLY A 26 -8.69 0.58 9.56
CA GLY A 26 -7.59 -0.04 10.29
C GLY A 26 -6.80 -0.99 9.42
N ALA A 27 -6.33 -0.52 8.28
CA ALA A 27 -5.55 -1.34 7.36
C ALA A 27 -4.14 -0.80 7.19
N VAL A 28 -4.02 0.53 7.19
CA VAL A 28 -2.72 1.17 7.03
C VAL A 28 -1.75 0.74 8.13
N TRP A 29 -0.76 -0.06 7.75
CA TRP A 29 0.23 -0.54 8.69
C TRP A 29 1.62 -0.57 8.05
N LEU A 30 2.45 0.40 8.42
CA LEU A 30 3.80 0.49 7.88
C LEU A 30 4.81 -0.12 8.84
N ASN A 31 5.58 -1.09 8.35
CA ASN A 31 6.59 -1.75 9.17
C ASN A 31 5.95 -2.45 10.37
N GLY A 32 4.71 -2.89 10.20
CA GLY A 32 4.02 -3.56 11.29
C GLY A 32 3.51 -2.61 12.33
N SER A 33 3.23 -1.38 11.92
CA SER A 33 2.73 -0.35 12.85
C SER A 33 1.64 0.48 12.18
N CYS A 34 0.57 0.77 12.93
CA CYS A 34 -0.53 1.56 12.42
C CYS A 34 -0.06 2.95 11.97
N ALA A 35 -0.47 3.35 10.78
CA ALA A 35 -0.08 4.66 10.25
C ALA A 35 -1.32 5.50 9.94
N LYS A 36 -1.10 6.63 9.28
CA LYS A 36 -2.19 7.53 8.94
C LYS A 36 -2.41 7.55 7.43
N ALA A 37 -3.22 8.50 6.97
CA ALA A 37 -3.51 8.63 5.54
C ALA A 37 -2.61 9.67 4.89
N SER A 38 -1.44 9.89 5.47
CA SER A 38 -0.48 10.86 4.94
C SER A 38 0.94 10.54 5.43
N LYS A 39 1.19 9.27 5.72
CA LYS A 39 2.50 8.85 6.18
C LYS A 39 3.39 8.44 5.01
N GLU A 40 4.41 9.25 4.73
CA GLU A 40 5.33 8.99 3.63
C GLU A 40 6.00 7.63 3.81
N VAL A 41 6.10 6.88 2.70
CA VAL A 41 6.72 5.56 2.73
C VAL A 41 8.10 5.59 2.07
N LYS A 42 8.74 4.43 2.03
CA LYS A 42 10.07 4.32 1.42
C LYS A 42 10.21 3.01 0.65
N ALA A 43 11.31 2.86 -0.08
CA ALA A 43 11.57 1.65 -0.84
C ALA A 43 12.01 0.52 0.07
N GLY A 44 11.80 -0.72 -0.39
CA GLY A 44 12.17 -1.88 0.39
C GLY A 44 11.47 -1.92 1.73
N ASP A 45 10.25 -1.38 1.77
CA ASP A 45 9.47 -1.37 3.01
C ASP A 45 8.32 -2.36 2.93
N THR A 46 7.67 -2.60 4.06
CA THR A 46 6.54 -3.53 4.12
C THR A 46 5.21 -2.77 4.18
N ILE A 47 4.25 -3.24 3.40
CA ILE A 47 2.93 -2.62 3.36
C ILE A 47 1.86 -3.59 3.83
N SER A 48 1.43 -3.44 5.08
CA SER A 48 0.41 -4.31 5.65
C SER A 48 -0.99 -3.82 5.30
N LEU A 49 -1.94 -4.74 5.30
CA LEU A 49 -3.34 -4.42 5.00
C LEU A 49 -4.28 -5.37 5.72
N HIS A 50 -4.99 -4.83 6.70
CA HIS A 50 -5.94 -5.63 7.49
C HIS A 50 -7.28 -5.74 6.77
N TYR A 51 -7.66 -6.97 6.43
CA TYR A 51 -8.92 -7.22 5.75
C TYR A 51 -9.77 -8.23 6.51
N LEU A 52 -10.92 -8.58 5.95
CA LEU A 52 -11.83 -9.53 6.58
C LEU A 52 -11.23 -10.93 6.58
N LYS A 53 -10.84 -11.40 5.40
CA LYS A 53 -10.25 -12.72 5.25
C LYS A 53 -8.96 -12.84 6.06
N GLY A 54 -8.28 -11.70 6.25
CA GLY A 54 -7.04 -11.70 7.00
C GLY A 54 -6.15 -10.54 6.63
N ILE A 55 -4.87 -10.84 6.38
CA ILE A 55 -3.90 -9.82 6.01
C ILE A 55 -3.13 -10.22 4.76
N GLU A 56 -2.79 -9.23 3.94
CA GLU A 56 -2.05 -9.47 2.72
C GLU A 56 -0.54 -9.29 2.94
N GLU A 57 -0.17 -8.14 3.48
CA GLU A 57 1.23 -7.84 3.74
C GLU A 57 2.05 -7.83 2.46
N TYR A 58 2.40 -6.63 1.99
CA TYR A 58 3.19 -6.48 0.78
C TYR A 58 4.56 -5.90 1.10
N THR A 59 5.37 -5.71 0.06
CA THR A 59 6.71 -5.17 0.23
C THR A 59 7.10 -4.27 -0.94
N ILE A 60 7.38 -3.01 -0.65
CA ILE A 60 7.77 -2.06 -1.68
C ILE A 60 9.16 -2.35 -2.23
N LEU A 61 9.25 -2.57 -3.53
CA LEU A 61 10.52 -2.88 -4.17
C LEU A 61 11.24 -1.60 -4.61
N GLN A 62 10.49 -0.50 -4.71
CA GLN A 62 11.07 0.77 -5.12
C GLN A 62 10.01 1.88 -5.08
N ILE A 63 10.48 3.12 -4.96
CA ILE A 63 9.58 4.27 -4.92
C ILE A 63 9.79 5.19 -6.13
N PRO A 64 9.12 4.91 -7.24
CA PRO A 64 9.24 5.71 -8.47
C PRO A 64 8.60 7.09 -8.33
N ALA A 65 7.87 7.30 -7.23
CA ALA A 65 7.21 8.57 -6.98
C ALA A 65 6.15 8.86 -8.05
N LEU A 66 5.53 7.80 -8.55
CA LEU A 66 4.50 7.92 -9.58
C LEU A 66 3.11 8.01 -8.95
N LYS A 67 2.36 9.03 -9.35
CA LYS A 67 1.02 9.24 -8.82
C LYS A 67 0.05 8.17 -9.36
N ASN A 68 0.39 7.59 -10.51
CA ASN A 68 -0.45 6.57 -11.13
C ASN A 68 0.39 5.67 -12.04
N VAL A 69 0.53 4.41 -11.64
CA VAL A 69 1.29 3.44 -12.42
C VAL A 69 0.37 2.55 -13.24
N PRO A 70 0.67 2.36 -14.54
CA PRO A 70 -0.13 1.53 -15.43
C PRO A 70 0.01 0.04 -15.12
N ARG A 71 -0.62 -0.80 -15.93
CA ARG A 71 -0.56 -2.24 -15.74
C ARG A 71 0.61 -2.85 -16.53
N LYS A 72 1.80 -2.27 -16.36
CA LYS A 72 2.98 -2.75 -17.05
C LYS A 72 4.15 -2.95 -16.08
N ASP A 73 4.58 -1.86 -15.45
CA ASP A 73 5.68 -1.90 -14.50
C ASP A 73 5.17 -1.75 -13.07
N THR A 74 3.92 -2.18 -12.84
CA THR A 74 3.31 -2.10 -11.52
C THR A 74 3.57 -3.38 -10.71
N HIS A 75 4.02 -4.42 -11.39
CA HIS A 75 4.29 -5.69 -10.73
C HIS A 75 5.77 -5.81 -10.35
N LEU A 76 6.43 -4.67 -10.20
CA LEU A 76 7.85 -4.66 -9.83
C LEU A 76 8.13 -3.58 -8.78
N TYR A 77 7.08 -3.05 -8.17
CA TYR A 77 7.23 -2.02 -7.15
C TYR A 77 6.67 -2.49 -5.81
N ILE A 78 5.80 -3.50 -5.84
CA ILE A 78 5.20 -4.03 -4.62
C ILE A 78 4.79 -5.48 -4.81
N ALA A 79 5.08 -6.31 -3.81
CA ALA A 79 4.74 -7.73 -3.87
C ALA A 79 4.20 -8.22 -2.52
N PRO A 80 3.25 -9.17 -2.55
CA PRO A 80 2.65 -9.73 -1.34
C PRO A 80 3.60 -10.66 -0.59
N LYS A 81 4.11 -10.20 0.54
CA LYS A 81 5.03 -10.99 1.35
C LYS A 81 4.27 -11.72 2.46
N THR A 82 4.82 -12.85 2.91
CA THR A 82 4.21 -13.63 3.96
C THR A 82 5.25 -14.49 4.69
N LYS A 83 4.92 -14.89 5.91
CA LYS A 83 5.82 -15.70 6.72
C LYS A 83 5.05 -16.76 7.50
N GLU A 84 5.77 -17.66 8.15
CA GLU A 84 5.16 -18.72 8.93
C GLU A 84 5.29 -18.43 10.43
N MET A 1 6.05 8.28 -2.45
CA MET A 1 4.68 7.70 -2.50
C MET A 1 4.17 7.35 -1.11
N ARG A 2 2.85 7.40 -0.93
CA ARG A 2 2.24 7.09 0.36
C ARG A 2 1.33 5.87 0.24
N ILE A 3 1.18 5.14 1.34
CA ILE A 3 0.34 3.95 1.37
C ILE A 3 -1.04 4.22 0.77
N ASP A 4 -1.47 5.47 0.84
CA ASP A 4 -2.78 5.84 0.31
C ASP A 4 -2.79 5.77 -1.22
N LYS A 5 -1.86 6.47 -1.85
CA LYS A 5 -1.78 6.48 -3.31
C LYS A 5 -0.86 5.38 -3.85
N PHE A 6 -0.21 4.64 -2.95
CA PHE A 6 0.71 3.58 -3.35
C PHE A 6 -0.02 2.32 -3.80
N LEU A 7 -0.67 1.63 -2.87
CA LEU A 7 -1.39 0.40 -3.17
C LEU A 7 -2.74 0.67 -3.82
N GLN A 8 -3.18 1.91 -3.78
CA GLN A 8 -4.47 2.28 -4.36
C GLN A 8 -4.30 2.70 -5.82
N SER A 9 -3.09 3.07 -6.20
CA SER A 9 -2.80 3.49 -7.57
C SER A 9 -2.34 2.31 -8.43
N VAL A 10 -1.56 1.43 -7.82
CA VAL A 10 -1.04 0.26 -8.53
C VAL A 10 -2.17 -0.54 -9.18
N GLY A 11 -3.36 -0.47 -8.59
CA GLY A 11 -4.51 -1.18 -9.13
C GLY A 11 -4.99 -2.28 -8.21
N LEU A 12 -5.05 -1.97 -6.91
CA LEU A 12 -5.51 -2.94 -5.92
C LEU A 12 -6.80 -2.45 -5.26
N VAL A 13 -6.82 -1.17 -4.91
CA VAL A 13 -7.98 -0.57 -4.26
C VAL A 13 -8.62 0.48 -5.16
N LYS A 14 -9.46 0.04 -6.08
CA LYS A 14 -10.14 0.95 -7.00
C LYS A 14 -11.56 1.24 -6.52
N ARG A 15 -11.73 1.32 -5.21
CA ARG A 15 -13.04 1.59 -4.62
C ARG A 15 -13.01 2.89 -3.82
N ARG A 16 -13.79 3.87 -4.25
CA ARG A 16 -13.85 5.15 -3.57
C ARG A 16 -12.51 5.86 -3.61
N VAL A 17 -12.49 7.08 -4.14
CA VAL A 17 -11.27 7.85 -4.24
C VAL A 17 -11.21 8.95 -3.17
N LEU A 18 -12.39 9.45 -2.79
CA LEU A 18 -12.48 10.50 -1.79
C LEU A 18 -12.31 9.93 -0.38
N ALA A 19 -11.41 10.53 0.39
CA ALA A 19 -11.15 10.09 1.75
C ALA A 19 -10.66 8.65 1.77
N THR A 20 -9.99 8.27 2.86
CA THR A 20 -9.46 6.92 3.01
C THR A 20 -9.87 6.33 4.36
N ASP A 21 -10.81 5.38 4.32
CA ASP A 21 -11.28 4.74 5.54
C ASP A 21 -10.28 3.71 6.04
N MET A 22 -9.38 3.27 5.16
CA MET A 22 -8.37 2.27 5.52
C MET A 22 -7.53 2.75 6.69
N CYS A 23 -7.05 3.99 6.62
CA CYS A 23 -6.22 4.56 7.67
C CYS A 23 -6.99 4.65 8.98
N ASN A 24 -8.32 4.74 8.89
CA ASN A 24 -9.16 4.83 10.08
C ASN A 24 -9.54 3.45 10.59
N VAL A 25 -10.10 2.63 9.70
CA VAL A 25 -10.51 1.27 10.07
C VAL A 25 -9.34 0.47 10.63
N GLY A 26 -8.14 0.75 10.14
CA GLY A 26 -6.96 0.05 10.60
C GLY A 26 -6.31 -0.78 9.52
N ALA A 27 -6.56 -0.42 8.26
CA ALA A 27 -5.98 -1.14 7.14
C ALA A 27 -4.74 -0.43 6.61
N VAL A 28 -4.04 0.27 7.50
CA VAL A 28 -2.83 1.00 7.12
C VAL A 28 -1.74 0.81 8.17
N TRP A 29 -0.72 0.04 7.82
CA TRP A 29 0.39 -0.22 8.73
C TRP A 29 1.73 -0.20 7.98
N LEU A 30 2.53 0.83 8.24
CA LEU A 30 3.83 0.96 7.60
C LEU A 30 4.94 0.45 8.49
N ASN A 31 5.70 -0.53 8.00
CA ASN A 31 6.79 -1.11 8.75
C ASN A 31 6.30 -1.69 10.08
N GLY A 32 5.10 -2.26 10.06
CA GLY A 32 4.54 -2.85 11.26
C GLY A 32 4.12 -1.79 12.28
N SER A 33 3.51 -0.72 11.80
CA SER A 33 3.05 0.36 12.67
C SER A 33 1.92 1.15 12.02
N CYS A 34 0.92 1.52 12.81
CA CYS A 34 -0.21 2.28 12.31
C CYS A 34 0.25 3.55 11.59
N ALA A 35 -0.31 3.78 10.41
CA ALA A 35 0.05 4.96 9.62
C ALA A 35 -1.19 5.61 9.03
N LYS A 36 -1.14 6.94 8.89
CA LYS A 36 -2.26 7.68 8.32
C LYS A 36 -2.31 7.54 6.81
N ALA A 37 -3.14 8.35 6.17
CA ALA A 37 -3.28 8.33 4.72
C ALA A 37 -2.41 9.40 4.06
N SER A 38 -1.32 9.76 4.71
CA SER A 38 -0.41 10.77 4.19
C SER A 38 1.03 10.48 4.61
N LYS A 39 1.33 9.20 4.82
CA LYS A 39 2.67 8.80 5.23
C LYS A 39 3.43 8.19 4.06
N GLU A 40 4.54 8.84 3.68
CA GLU A 40 5.36 8.37 2.57
C GLU A 40 6.04 7.05 2.93
N VAL A 41 6.12 6.15 1.97
CA VAL A 41 6.74 4.84 2.18
C VAL A 41 8.18 4.84 1.65
N LYS A 42 8.87 3.73 1.88
CA LYS A 42 10.26 3.59 1.43
C LYS A 42 10.48 2.24 0.76
N ALA A 43 11.56 2.14 -0.01
CA ALA A 43 11.88 0.90 -0.71
C ALA A 43 12.27 -0.20 0.27
N GLY A 44 12.03 -1.44 -0.12
CA GLY A 44 12.36 -2.57 0.74
C GLY A 44 11.66 -2.50 2.08
N ASP A 45 10.39 -2.06 2.06
CA ASP A 45 9.61 -1.95 3.28
C ASP A 45 8.41 -2.89 3.26
N THR A 46 7.70 -2.98 4.37
CA THR A 46 6.53 -3.85 4.48
C THR A 46 5.24 -3.02 4.42
N ILE A 47 4.21 -3.60 3.82
CA ILE A 47 2.92 -2.93 3.70
C ILE A 47 1.79 -3.85 4.15
N SER A 48 1.32 -3.65 5.37
CA SER A 48 0.24 -4.45 5.92
C SER A 48 -1.12 -3.91 5.49
N LEU A 49 -2.11 -4.79 5.44
CA LEU A 49 -3.46 -4.39 5.04
C LEU A 49 -4.50 -5.19 5.82
N HIS A 50 -5.55 -4.51 6.27
CA HIS A 50 -6.63 -5.15 7.02
C HIS A 50 -7.76 -5.58 6.11
N TYR A 51 -8.13 -6.86 6.17
CA TYR A 51 -9.21 -7.39 5.34
C TYR A 51 -10.12 -8.29 6.17
N LEU A 52 -11.16 -8.82 5.52
CA LEU A 52 -12.11 -9.71 6.19
C LEU A 52 -11.50 -11.09 6.41
N LYS A 53 -10.73 -11.55 5.43
CA LYS A 53 -10.08 -12.86 5.52
C LYS A 53 -8.87 -12.82 6.44
N GLY A 54 -8.22 -11.66 6.50
CA GLY A 54 -7.04 -11.50 7.33
C GLY A 54 -6.13 -10.38 6.85
N ILE A 55 -4.83 -10.65 6.84
CA ILE A 55 -3.85 -9.66 6.40
C ILE A 55 -3.02 -10.20 5.25
N GLU A 56 -2.78 -9.34 4.25
CA GLU A 56 -1.99 -9.74 3.08
C GLU A 56 -0.51 -9.48 3.33
N GLU A 57 -0.19 -8.27 3.78
CA GLU A 57 1.19 -7.89 4.06
C GLU A 57 2.04 -7.96 2.79
N TYR A 58 2.23 -6.81 2.15
CA TYR A 58 3.03 -6.73 0.93
C TYR A 58 4.44 -6.24 1.22
N THR A 59 5.25 -6.13 0.18
CA THR A 59 6.63 -5.67 0.33
C THR A 59 6.99 -4.68 -0.77
N ILE A 60 7.53 -3.53 -0.38
CA ILE A 60 7.92 -2.50 -1.34
C ILE A 60 9.31 -2.78 -1.90
N LEU A 61 9.44 -2.68 -3.21
CA LEU A 61 10.71 -2.92 -3.88
C LEU A 61 11.41 -1.61 -4.25
N GLN A 62 10.63 -0.54 -4.34
CA GLN A 62 11.18 0.77 -4.68
C GLN A 62 10.10 1.86 -4.63
N ILE A 63 10.54 3.11 -4.58
CA ILE A 63 9.62 4.24 -4.53
C ILE A 63 9.95 5.27 -5.61
N PRO A 64 9.24 5.21 -6.76
CA PRO A 64 9.47 6.14 -7.87
C PRO A 64 8.92 7.54 -7.59
N ALA A 65 8.11 7.66 -6.54
CA ALA A 65 7.52 8.93 -6.17
C ALA A 65 6.55 9.42 -7.24
N LEU A 66 5.61 8.56 -7.62
CA LEU A 66 4.63 8.89 -8.63
C LEU A 66 3.22 8.97 -8.04
N LYS A 67 2.22 9.03 -8.90
CA LYS A 67 0.83 9.11 -8.46
C LYS A 67 0.04 7.89 -8.94
N ASN A 68 -0.09 7.78 -10.26
CA ASN A 68 -0.83 6.67 -10.86
C ASN A 68 0.10 5.80 -11.71
N VAL A 69 0.42 4.61 -11.21
CA VAL A 69 1.30 3.68 -11.92
C VAL A 69 0.54 2.96 -13.04
N PRO A 70 1.14 2.84 -14.23
CA PRO A 70 0.51 2.17 -15.37
C PRO A 70 0.41 0.66 -15.16
N ARG A 71 0.08 -0.06 -16.23
CA ARG A 71 -0.06 -1.51 -16.17
C ARG A 71 1.20 -2.19 -16.68
N LYS A 72 2.34 -1.51 -16.53
CA LYS A 72 3.62 -2.06 -16.98
C LYS A 72 4.65 -2.04 -15.85
N ASP A 73 4.68 -0.95 -15.08
CA ASP A 73 5.62 -0.83 -13.98
C ASP A 73 4.90 -0.93 -12.63
N THR A 74 3.77 -1.63 -12.61
CA THR A 74 3.01 -1.81 -11.39
C THR A 74 3.28 -3.17 -10.76
N HIS A 75 4.48 -3.70 -11.02
CA HIS A 75 4.88 -4.99 -10.47
C HIS A 75 6.35 -4.99 -10.07
N LEU A 76 6.92 -3.80 -9.89
CA LEU A 76 8.32 -3.67 -9.52
C LEU A 76 8.48 -2.75 -8.31
N TYR A 77 7.36 -2.29 -7.75
CA TYR A 77 7.38 -1.41 -6.60
C TYR A 77 6.79 -2.08 -5.37
N ILE A 78 5.87 -3.01 -5.58
CA ILE A 78 5.23 -3.74 -4.49
C ILE A 78 4.78 -5.12 -4.95
N ALA A 79 5.00 -6.12 -4.10
CA ALA A 79 4.62 -7.49 -4.42
C ALA A 79 4.17 -8.23 -3.16
N PRO A 80 3.09 -9.03 -3.26
CA PRO A 80 2.57 -9.79 -2.12
C PRO A 80 3.64 -10.68 -1.49
N LYS A 81 3.84 -10.51 -0.18
CA LYS A 81 4.83 -11.29 0.55
C LYS A 81 4.16 -12.26 1.52
N THR A 82 3.21 -13.04 0.99
CA THR A 82 2.49 -14.00 1.81
C THR A 82 2.99 -15.42 1.55
N LYS A 83 2.37 -16.40 2.23
CA LYS A 83 2.75 -17.80 2.08
C LYS A 83 4.27 -17.98 2.16
N GLU A 84 4.74 -19.18 1.84
CA GLU A 84 6.16 -19.48 1.87
C GLU A 84 6.73 -19.58 0.48
N MET A 1 6.92 9.33 -1.99
CA MET A 1 5.60 8.64 -2.04
C MET A 1 5.11 8.31 -0.63
N ARG A 2 3.88 7.84 -0.53
CA ARG A 2 3.30 7.48 0.75
C ARG A 2 2.33 6.31 0.61
N ILE A 3 2.02 5.64 1.72
CA ILE A 3 1.10 4.51 1.72
C ILE A 3 -0.25 4.90 1.11
N ASP A 4 -0.58 6.19 1.17
CA ASP A 4 -1.84 6.68 0.64
C ASP A 4 -1.78 6.78 -0.89
N LYS A 5 -0.71 7.37 -1.40
CA LYS A 5 -0.53 7.53 -2.84
C LYS A 5 0.21 6.35 -3.48
N PHE A 6 0.67 5.40 -2.65
CA PHE A 6 1.42 4.25 -3.15
C PHE A 6 0.50 3.13 -3.63
N LEU A 7 -0.18 2.47 -2.69
CA LEU A 7 -1.06 1.35 -3.03
C LEU A 7 -2.37 1.82 -3.66
N GLN A 8 -2.63 3.12 -3.57
CA GLN A 8 -3.85 3.68 -4.12
C GLN A 8 -3.64 4.12 -5.56
N SER A 9 -2.41 4.53 -5.89
CA SER A 9 -2.08 4.97 -7.23
C SER A 9 -1.88 3.79 -8.17
N VAL A 10 -1.37 2.69 -7.62
CA VAL A 10 -1.13 1.49 -8.42
C VAL A 10 -2.41 0.98 -9.05
N GLY A 11 -3.52 1.17 -8.36
CA GLY A 11 -4.81 0.72 -8.87
C GLY A 11 -5.44 -0.35 -8.01
N LEU A 12 -5.14 -0.33 -6.71
CA LEU A 12 -5.69 -1.30 -5.77
C LEU A 12 -6.87 -0.72 -5.00
N VAL A 13 -6.71 0.52 -4.54
CA VAL A 13 -7.76 1.19 -3.79
C VAL A 13 -9.05 1.28 -4.59
N LYS A 14 -10.18 1.14 -3.92
CA LYS A 14 -11.49 1.21 -4.57
C LYS A 14 -11.65 2.52 -5.32
N ARG A 15 -10.91 3.54 -4.90
CA ARG A 15 -10.97 4.85 -5.54
C ARG A 15 -12.33 5.50 -5.33
N ARG A 16 -12.83 5.44 -4.10
CA ARG A 16 -14.13 6.02 -3.77
C ARG A 16 -14.44 5.86 -2.29
N VAL A 17 -15.50 6.51 -1.83
CA VAL A 17 -15.90 6.44 -0.43
C VAL A 17 -14.86 7.07 0.48
N LEU A 18 -15.05 8.35 0.80
CA LEU A 18 -14.13 9.08 1.67
C LEU A 18 -12.71 9.07 1.08
N ALA A 19 -11.79 9.71 1.79
CA ALA A 19 -10.41 9.79 1.35
C ALA A 19 -9.53 8.81 2.13
N THR A 20 -9.24 7.65 1.52
CA THR A 20 -8.42 6.64 2.16
C THR A 20 -9.05 6.17 3.46
N ASP A 21 -10.03 5.27 3.35
CA ASP A 21 -10.71 4.73 4.51
C ASP A 21 -9.87 3.66 5.21
N MET A 22 -8.90 3.11 4.48
CA MET A 22 -8.02 2.08 5.03
C MET A 22 -7.41 2.51 6.36
N CYS A 23 -7.08 3.79 6.47
CA CYS A 23 -6.48 4.34 7.68
C CYS A 23 -7.50 4.35 8.82
N ASN A 24 -8.78 4.50 8.47
CA ASN A 24 -9.85 4.53 9.47
C ASN A 24 -10.22 3.12 9.91
N VAL A 25 -10.37 2.22 8.95
CA VAL A 25 -10.73 0.84 9.23
C VAL A 25 -9.62 0.13 9.99
N GLY A 26 -8.37 0.41 9.60
CA GLY A 26 -7.23 -0.21 10.26
C GLY A 26 -6.42 -1.07 9.31
N ALA A 27 -6.31 -0.63 8.06
CA ALA A 27 -5.56 -1.37 7.05
C ALA A 27 -4.16 -0.80 6.89
N VAL A 28 -4.06 0.52 6.82
CA VAL A 28 -2.78 1.19 6.67
C VAL A 28 -1.82 0.82 7.81
N TRP A 29 -0.77 0.08 7.46
CA TRP A 29 0.22 -0.34 8.44
C TRP A 29 1.62 -0.37 7.83
N LEU A 30 2.48 0.51 8.31
CA LEU A 30 3.85 0.60 7.81
C LEU A 30 4.84 0.12 8.87
N ASN A 31 5.78 -0.72 8.46
CA ASN A 31 6.79 -1.24 9.37
C ASN A 31 6.15 -2.00 10.53
N GLY A 32 5.02 -2.65 10.24
CA GLY A 32 4.33 -3.42 11.27
C GLY A 32 3.68 -2.52 12.31
N SER A 33 3.32 -1.30 11.91
CA SER A 33 2.68 -0.36 12.81
C SER A 33 1.53 0.37 12.12
N CYS A 34 0.46 0.61 12.86
CA CYS A 34 -0.71 1.30 12.32
C CYS A 34 -0.34 2.69 11.83
N ALA A 35 -0.61 2.96 10.56
CA ALA A 35 -0.31 4.26 9.97
C ALA A 35 -1.59 4.97 9.51
N LYS A 36 -1.46 6.24 9.19
CA LYS A 36 -2.60 7.04 8.73
C LYS A 36 -2.67 7.07 7.21
N ALA A 37 -3.45 8.00 6.68
CA ALA A 37 -3.59 8.14 5.23
C ALA A 37 -2.64 9.20 4.67
N SER A 38 -1.52 9.40 5.37
CA SER A 38 -0.53 10.39 4.95
C SER A 38 0.86 10.01 5.46
N LYS A 39 1.09 8.72 5.66
CA LYS A 39 2.37 8.23 6.15
C LYS A 39 3.34 7.99 5.00
N GLU A 40 4.45 8.74 5.01
CA GLU A 40 5.45 8.61 3.96
C GLU A 40 6.04 7.21 3.93
N VAL A 41 6.27 6.69 2.73
CA VAL A 41 6.83 5.36 2.57
C VAL A 41 8.19 5.41 1.91
N LYS A 42 9.01 4.39 2.15
CA LYS A 42 10.34 4.33 1.58
C LYS A 42 10.56 3.00 0.84
N ALA A 43 11.53 2.98 -0.06
CA ALA A 43 11.83 1.78 -0.83
C ALA A 43 12.26 0.64 0.08
N GLY A 44 11.98 -0.58 -0.33
CA GLY A 44 12.34 -1.75 0.46
C GLY A 44 11.62 -1.77 1.79
N ASP A 45 10.42 -1.20 1.83
CA ASP A 45 9.63 -1.16 3.06
C ASP A 45 8.48 -2.16 2.99
N THR A 46 7.84 -2.39 4.13
CA THR A 46 6.73 -3.33 4.21
C THR A 46 5.39 -2.59 4.12
N ILE A 47 4.38 -3.28 3.59
CA ILE A 47 3.05 -2.71 3.44
C ILE A 47 1.97 -3.71 3.83
N SER A 48 1.43 -3.55 5.04
CA SER A 48 0.40 -4.45 5.53
C SER A 48 -0.99 -3.92 5.17
N LEU A 49 -1.96 -4.83 5.07
CA LEU A 49 -3.33 -4.47 4.74
C LEU A 49 -4.31 -5.29 5.56
N HIS A 50 -5.36 -4.63 6.04
CA HIS A 50 -6.38 -5.29 6.85
C HIS A 50 -7.62 -5.60 6.02
N TYR A 51 -8.16 -6.81 6.18
CA TYR A 51 -9.34 -7.23 5.45
C TYR A 51 -10.16 -8.23 6.26
N LEU A 52 -11.24 -8.72 5.67
CA LEU A 52 -12.10 -9.69 6.33
C LEU A 52 -11.67 -11.12 6.01
N LYS A 53 -11.16 -11.32 4.80
CA LYS A 53 -10.70 -12.64 4.37
C LYS A 53 -9.36 -12.99 5.00
N GLY A 54 -8.53 -11.97 5.22
CA GLY A 54 -7.22 -12.18 5.80
C GLY A 54 -6.31 -10.98 5.66
N ILE A 55 -5.16 -11.03 6.31
CA ILE A 55 -4.20 -9.94 6.25
C ILE A 55 -3.14 -10.20 5.18
N GLU A 56 -2.63 -9.12 4.60
CA GLU A 56 -1.61 -9.22 3.55
C GLU A 56 -0.47 -8.24 3.81
N GLU A 57 0.75 -8.76 3.85
CA GLU A 57 1.93 -7.93 4.08
C GLU A 57 2.81 -7.87 2.84
N TYR A 58 2.73 -6.76 2.11
CA TYR A 58 3.52 -6.59 0.90
C TYR A 58 4.84 -5.88 1.20
N THR A 59 5.64 -5.66 0.17
CA THR A 59 6.93 -5.00 0.33
C THR A 59 7.24 -4.13 -0.88
N ILE A 60 7.56 -2.86 -0.62
CA ILE A 60 7.88 -1.91 -1.68
C ILE A 60 9.29 -2.17 -2.23
N LEU A 61 9.37 -2.43 -3.52
CA LEU A 61 10.65 -2.70 -4.17
C LEU A 61 11.36 -1.40 -4.54
N GLN A 62 10.59 -0.31 -4.62
CA GLN A 62 11.16 0.98 -4.97
C GLN A 62 10.09 2.08 -4.95
N ILE A 63 10.53 3.33 -5.00
CA ILE A 63 9.61 4.47 -4.98
C ILE A 63 9.88 5.41 -6.15
N PRO A 64 9.20 5.19 -7.29
CA PRO A 64 9.37 6.02 -8.48
C PRO A 64 8.74 7.41 -8.32
N ALA A 65 7.95 7.58 -7.27
CA ALA A 65 7.28 8.85 -7.01
C ALA A 65 6.34 9.23 -8.15
N LEU A 66 5.44 8.32 -8.48
CA LEU A 66 4.47 8.56 -9.55
C LEU A 66 3.06 8.74 -9.00
N LYS A 67 2.12 9.08 -9.88
CA LYS A 67 0.74 9.28 -9.48
C LYS A 67 -0.18 8.22 -10.08
N ASN A 68 0.41 7.23 -10.76
CA ASN A 68 -0.36 6.16 -11.37
C ASN A 68 0.57 5.12 -12.00
N VAL A 69 0.58 3.93 -11.42
CA VAL A 69 1.42 2.84 -11.91
C VAL A 69 0.59 1.81 -12.69
N PRO A 70 0.92 1.57 -13.96
CA PRO A 70 0.20 0.60 -14.79
C PRO A 70 0.11 -0.77 -14.14
N ARG A 71 -0.74 -1.63 -14.69
CA ARG A 71 -0.92 -2.98 -14.17
C ARG A 71 0.28 -3.87 -14.50
N LYS A 72 1.10 -3.43 -15.45
CA LYS A 72 2.27 -4.20 -15.86
C LYS A 72 3.50 -3.82 -15.03
N ASP A 73 3.52 -2.58 -14.57
CA ASP A 73 4.64 -2.09 -13.77
C ASP A 73 4.34 -2.23 -12.27
N THR A 74 3.06 -2.30 -11.92
CA THR A 74 2.66 -2.45 -10.53
C THR A 74 3.26 -3.70 -9.89
N HIS A 75 3.67 -4.64 -10.73
CA HIS A 75 4.27 -5.89 -10.25
C HIS A 75 5.78 -5.77 -10.10
N LEU A 76 6.29 -4.53 -10.14
CA LEU A 76 7.72 -4.30 -10.01
C LEU A 76 8.03 -3.28 -8.91
N TYR A 77 6.99 -2.81 -8.22
CA TYR A 77 7.17 -1.83 -7.15
C TYR A 77 6.71 -2.40 -5.80
N ILE A 78 5.86 -3.42 -5.85
CA ILE A 78 5.36 -4.05 -4.62
C ILE A 78 5.03 -5.52 -4.86
N ALA A 79 5.40 -6.36 -3.90
CA ALA A 79 5.14 -7.79 -4.01
C ALA A 79 4.81 -8.40 -2.64
N PRO A 80 3.82 -9.31 -2.58
CA PRO A 80 3.43 -9.96 -1.33
C PRO A 80 4.58 -10.67 -0.66
N LYS A 81 5.04 -10.14 0.47
CA LYS A 81 6.15 -10.73 1.21
C LYS A 81 5.64 -11.50 2.43
N THR A 82 6.32 -12.59 2.76
CA THR A 82 5.94 -13.42 3.90
C THR A 82 7.15 -14.15 4.47
N LYS A 83 7.07 -14.49 5.74
CA LYS A 83 8.15 -15.19 6.42
C LYS A 83 7.61 -16.16 7.46
N GLU A 84 6.43 -16.71 7.19
CA GLU A 84 5.80 -17.65 8.10
C GLU A 84 5.20 -18.83 7.35
N MET A 1 6.65 8.54 -1.60
CA MET A 1 5.17 8.50 -1.67
C MET A 1 4.57 8.14 -0.31
N ARG A 2 3.29 7.80 -0.30
CA ARG A 2 2.61 7.44 0.94
C ARG A 2 1.68 6.24 0.72
N ILE A 3 1.53 5.41 1.76
CA ILE A 3 0.68 4.23 1.70
C ILE A 3 -0.68 4.55 1.09
N ASP A 4 -1.11 5.80 1.22
CA ASP A 4 -2.39 6.21 0.67
C ASP A 4 -2.37 6.19 -0.86
N LYS A 5 -1.41 6.88 -1.44
CA LYS A 5 -1.29 6.94 -2.90
C LYS A 5 -0.38 5.83 -3.45
N PHE A 6 0.23 5.06 -2.57
CA PHE A 6 1.14 3.99 -3.00
C PHE A 6 0.39 2.77 -3.51
N LEU A 7 -0.33 2.09 -2.61
CA LEU A 7 -1.06 0.88 -2.99
C LEU A 7 -2.40 1.21 -3.64
N GLN A 8 -2.84 2.46 -3.54
CA GLN A 8 -4.09 2.89 -4.12
C GLN A 8 -3.89 3.39 -5.56
N SER A 9 -2.64 3.66 -5.91
CA SER A 9 -2.31 4.15 -7.26
C SER A 9 -1.92 3.00 -8.17
N VAL A 10 -1.09 2.09 -7.64
CA VAL A 10 -0.64 0.94 -8.41
C VAL A 10 -1.81 0.12 -8.95
N GLY A 11 -2.95 0.24 -8.28
CA GLY A 11 -4.13 -0.49 -8.72
C GLY A 11 -4.41 -1.69 -7.83
N LEU A 12 -3.98 -1.61 -6.57
CA LEU A 12 -4.19 -2.69 -5.63
C LEU A 12 -5.60 -2.66 -5.05
N VAL A 13 -6.04 -1.46 -4.65
CA VAL A 13 -7.38 -1.29 -4.08
C VAL A 13 -8.32 -0.67 -5.10
N LYS A 14 -9.62 -0.88 -4.90
CA LYS A 14 -10.64 -0.34 -5.79
C LYS A 14 -11.78 0.29 -5.00
N ARG A 15 -11.44 0.91 -3.88
CA ARG A 15 -12.43 1.56 -3.03
C ARG A 15 -12.02 2.99 -2.70
N ARG A 16 -12.48 3.92 -3.51
CA ARG A 16 -12.17 5.34 -3.30
C ARG A 16 -13.43 6.20 -3.36
N VAL A 17 -13.84 6.72 -2.20
CA VAL A 17 -15.03 7.55 -2.13
C VAL A 17 -14.69 9.03 -2.34
N LEU A 18 -13.95 9.60 -1.40
CA LEU A 18 -13.55 11.00 -1.49
C LEU A 18 -12.06 11.17 -1.28
N ALA A 19 -11.61 10.93 -0.04
CA ALA A 19 -10.20 11.05 0.29
C ALA A 19 -9.56 9.69 0.54
N THR A 20 -9.81 9.13 1.72
CA THR A 20 -9.26 7.83 2.08
C THR A 20 -10.20 7.08 3.01
N ASP A 21 -9.88 5.82 3.28
CA ASP A 21 -10.70 4.98 4.16
C ASP A 21 -9.85 3.92 4.86
N MET A 22 -8.95 3.30 4.11
CA MET A 22 -8.06 2.27 4.66
C MET A 22 -7.44 2.72 5.98
N CYS A 23 -7.08 3.99 6.05
CA CYS A 23 -6.47 4.54 7.26
C CYS A 23 -7.43 4.49 8.44
N ASN A 24 -8.73 4.50 8.14
CA ASN A 24 -9.74 4.46 9.18
C ASN A 24 -10.09 3.02 9.56
N VAL A 25 -10.43 2.22 8.56
CA VAL A 25 -10.78 0.81 8.79
C VAL A 25 -9.65 0.07 9.47
N GLY A 26 -8.41 0.49 9.20
CA GLY A 26 -7.26 -0.15 9.81
C GLY A 26 -6.44 -0.93 8.80
N ALA A 27 -6.50 -0.51 7.54
CA ALA A 27 -5.75 -1.17 6.47
C ALA A 27 -4.45 -0.44 6.17
N VAL A 28 -3.89 0.20 7.19
CA VAL A 28 -2.65 0.95 7.04
C VAL A 28 -1.68 0.64 8.17
N TRP A 29 -0.63 -0.12 7.86
CA TRP A 29 0.37 -0.48 8.85
C TRP A 29 1.76 -0.54 8.21
N LEU A 30 2.53 0.53 8.41
CA LEU A 30 3.87 0.60 7.85
C LEU A 30 4.90 -0.06 8.77
N ASN A 31 5.46 -1.17 8.31
CA ASN A 31 6.46 -1.91 9.09
C ASN A 31 5.89 -2.32 10.45
N GLY A 32 4.60 -2.65 10.48
CA GLY A 32 3.97 -3.05 11.71
C GLY A 32 3.66 -1.88 12.62
N SER A 33 2.90 -0.91 12.11
CA SER A 33 2.53 0.27 12.86
C SER A 33 1.38 1.01 12.20
N CYS A 34 0.25 1.09 12.89
CA CYS A 34 -0.93 1.78 12.36
C CYS A 34 -0.60 3.21 11.97
N ALA A 35 -0.58 3.48 10.67
CA ALA A 35 -0.27 4.81 10.16
C ALA A 35 -1.49 5.44 9.52
N LYS A 36 -1.66 6.74 9.72
CA LYS A 36 -2.79 7.47 9.15
C LYS A 36 -2.64 7.61 7.64
N ALA A 37 -3.39 8.53 7.05
CA ALA A 37 -3.34 8.75 5.61
C ALA A 37 -2.36 9.85 5.25
N SER A 38 -1.34 10.04 6.08
CA SER A 38 -0.34 11.06 5.85
C SER A 38 1.05 10.55 6.22
N LYS A 39 1.22 9.23 6.18
CA LYS A 39 2.51 8.62 6.50
C LYS A 39 3.32 8.36 5.24
N GLU A 40 4.62 8.67 5.31
CA GLU A 40 5.51 8.48 4.16
C GLU A 40 6.06 7.05 4.14
N VAL A 41 6.23 6.50 2.95
CA VAL A 41 6.75 5.16 2.79
C VAL A 41 8.05 5.17 2.01
N LYS A 42 8.91 4.18 2.28
CA LYS A 42 10.20 4.07 1.61
C LYS A 42 10.29 2.78 0.82
N ALA A 43 11.42 2.60 0.13
CA ALA A 43 11.64 1.39 -0.67
C ALA A 43 12.10 0.23 0.20
N GLY A 44 11.93 -0.98 -0.32
CA GLY A 44 12.35 -2.17 0.42
C GLY A 44 11.65 -2.28 1.76
N ASP A 45 10.46 -1.70 1.87
CA ASP A 45 9.68 -1.74 3.10
C ASP A 45 8.52 -2.71 2.99
N THR A 46 7.80 -2.91 4.09
CA THR A 46 6.66 -3.82 4.12
C THR A 46 5.35 -3.05 4.25
N ILE A 47 4.35 -3.47 3.49
CA ILE A 47 3.04 -2.83 3.53
C ILE A 47 1.98 -3.79 4.05
N SER A 48 1.61 -3.62 5.32
CA SER A 48 0.60 -4.47 5.94
C SER A 48 -0.81 -4.04 5.58
N LEU A 49 -1.76 -4.96 5.69
CA LEU A 49 -3.15 -4.67 5.38
C LEU A 49 -4.08 -5.51 6.22
N HIS A 50 -4.78 -4.87 7.16
CA HIS A 50 -5.71 -5.58 8.03
C HIS A 50 -7.06 -5.76 7.36
N TYR A 51 -7.44 -7.03 7.17
CA TYR A 51 -8.71 -7.35 6.52
C TYR A 51 -9.53 -8.27 7.42
N LEU A 52 -10.84 -8.35 7.14
CA LEU A 52 -11.74 -9.19 7.92
C LEU A 52 -11.42 -10.67 7.69
N LYS A 53 -10.95 -10.99 6.50
CA LYS A 53 -10.62 -12.37 6.15
C LYS A 53 -9.22 -12.73 6.64
N GLY A 54 -8.34 -11.73 6.72
CA GLY A 54 -6.99 -11.97 7.18
C GLY A 54 -6.05 -10.83 6.83
N ILE A 55 -4.81 -11.16 6.49
CA ILE A 55 -3.82 -10.16 6.14
C ILE A 55 -2.99 -10.59 4.93
N GLU A 56 -2.58 -9.62 4.12
CA GLU A 56 -1.78 -9.90 2.93
C GLU A 56 -0.31 -9.56 3.17
N GLU A 57 -0.06 -8.34 3.60
CA GLU A 57 1.30 -7.89 3.87
C GLU A 57 2.14 -7.88 2.60
N TYR A 58 2.23 -6.72 1.96
CA TYR A 58 3.00 -6.58 0.73
C TYR A 58 4.41 -6.07 1.04
N THR A 59 5.21 -5.89 0.00
CA THR A 59 6.58 -5.42 0.16
C THR A 59 6.95 -4.42 -0.93
N ILE A 60 7.42 -3.25 -0.53
CA ILE A 60 7.81 -2.22 -1.48
C ILE A 60 9.22 -2.49 -2.03
N LEU A 61 9.34 -2.47 -3.35
CA LEU A 61 10.62 -2.71 -4.00
C LEU A 61 11.31 -1.41 -4.36
N GLN A 62 10.52 -0.34 -4.48
CA GLN A 62 11.07 0.97 -4.82
C GLN A 62 9.97 2.03 -4.81
N ILE A 63 10.38 3.31 -4.87
CA ILE A 63 9.43 4.41 -4.87
C ILE A 63 9.64 5.32 -6.08
N PRO A 64 8.95 5.02 -7.20
CA PRO A 64 9.07 5.82 -8.42
C PRO A 64 8.51 7.24 -8.25
N ALA A 65 7.76 7.44 -7.18
CA ALA A 65 7.17 8.75 -6.90
C ALA A 65 6.22 9.16 -8.01
N LEU A 66 5.49 8.20 -8.56
CA LEU A 66 4.54 8.48 -9.64
C LEU A 66 3.15 8.74 -9.07
N LYS A 67 2.19 8.99 -9.96
CA LYS A 67 0.81 9.26 -9.56
C LYS A 67 -0.10 8.12 -9.97
N ASN A 68 0.26 7.41 -11.03
CA ASN A 68 -0.53 6.30 -11.53
C ASN A 68 0.35 5.27 -12.24
N VAL A 69 0.18 4.00 -11.87
CA VAL A 69 0.96 2.92 -12.47
C VAL A 69 0.16 2.20 -13.56
N PRO A 70 0.36 2.58 -14.83
CA PRO A 70 -0.34 1.97 -15.96
C PRO A 70 0.05 0.50 -16.15
N ARG A 71 -0.45 -0.10 -17.23
CA ARG A 71 -0.15 -1.50 -17.53
C ARG A 71 1.24 -1.63 -18.14
N LYS A 72 2.26 -1.25 -17.37
CA LYS A 72 3.63 -1.33 -17.83
C LYS A 72 4.49 -2.15 -16.86
N ASP A 73 4.33 -1.88 -15.56
CA ASP A 73 5.08 -2.59 -14.54
C ASP A 73 4.17 -3.02 -13.39
N THR A 74 3.92 -2.12 -12.45
CA THR A 74 3.07 -2.39 -11.29
C THR A 74 3.38 -3.77 -10.70
N HIS A 75 4.63 -4.20 -10.82
CA HIS A 75 5.05 -5.49 -10.31
C HIS A 75 6.39 -5.39 -9.57
N LEU A 76 7.23 -4.47 -10.01
CA LEU A 76 8.55 -4.29 -9.40
C LEU A 76 8.53 -3.11 -8.42
N TYR A 77 7.34 -2.73 -7.97
CA TYR A 77 7.20 -1.63 -7.03
C TYR A 77 6.56 -2.10 -5.72
N ILE A 78 5.70 -3.12 -5.82
CA ILE A 78 5.03 -3.67 -4.66
C ILE A 78 4.38 -5.01 -4.98
N ALA A 79 4.54 -5.97 -4.08
CA ALA A 79 3.96 -7.30 -4.26
C ALA A 79 3.50 -7.89 -2.94
N PRO A 80 2.45 -8.74 -2.99
CA PRO A 80 1.91 -9.38 -1.78
C PRO A 80 2.82 -10.46 -1.23
N LYS A 81 3.22 -10.31 0.03
CA LYS A 81 4.10 -11.27 0.69
C LYS A 81 3.29 -12.33 1.43
N THR A 82 3.54 -13.59 1.09
CA THR A 82 2.82 -14.70 1.71
C THR A 82 3.81 -15.82 2.10
N LYS A 83 3.94 -16.04 3.41
CA LYS A 83 4.85 -17.07 3.91
C LYS A 83 4.37 -17.59 5.26
N GLU A 84 4.25 -18.91 5.38
CA GLU A 84 3.80 -19.53 6.62
C GLU A 84 2.41 -19.05 7.00
N MET A 1 6.39 8.88 -1.66
CA MET A 1 5.05 8.24 -1.82
C MET A 1 4.44 7.91 -0.47
N ARG A 2 3.14 7.61 -0.48
CA ARG A 2 2.42 7.27 0.75
C ARG A 2 1.51 6.06 0.53
N ILE A 3 1.30 5.29 1.59
CA ILE A 3 0.45 4.11 1.53
C ILE A 3 -0.91 4.43 0.92
N ASP A 4 -1.32 5.69 1.02
CA ASP A 4 -2.60 6.11 0.48
C ASP A 4 -2.57 6.15 -1.05
N LYS A 5 -1.62 6.90 -1.61
CA LYS A 5 -1.49 7.04 -3.05
C LYS A 5 -0.56 5.97 -3.65
N PHE A 6 0.07 5.17 -2.78
CA PHE A 6 1.00 4.15 -3.24
C PHE A 6 0.28 2.91 -3.79
N LEU A 7 -0.40 2.19 -2.92
CA LEU A 7 -1.11 0.97 -3.32
C LEU A 7 -2.44 1.29 -4.00
N GLN A 8 -2.91 2.52 -3.88
CA GLN A 8 -4.16 2.92 -4.47
C GLN A 8 -3.96 3.46 -5.89
N SER A 9 -2.75 3.88 -6.21
CA SER A 9 -2.43 4.42 -7.52
C SER A 9 -1.95 3.32 -8.47
N VAL A 10 -1.24 2.35 -7.91
CA VAL A 10 -0.72 1.23 -8.70
C VAL A 10 -1.83 0.55 -9.48
N GLY A 11 -3.05 0.64 -8.97
CA GLY A 11 -4.19 0.02 -9.64
C GLY A 11 -4.73 -1.17 -8.87
N LEU A 12 -4.52 -1.16 -7.56
CA LEU A 12 -4.99 -2.25 -6.70
C LEU A 12 -6.38 -1.94 -6.15
N VAL A 13 -6.49 -0.83 -5.42
CA VAL A 13 -7.75 -0.42 -4.84
C VAL A 13 -8.15 0.97 -5.31
N LYS A 14 -9.31 1.06 -5.96
CA LYS A 14 -9.80 2.33 -6.48
C LYS A 14 -11.17 2.66 -5.87
N ARG A 15 -11.26 2.61 -4.56
CA ARG A 15 -12.50 2.90 -3.86
C ARG A 15 -12.25 3.67 -2.57
N ARG A 16 -13.30 4.20 -1.97
CA ARG A 16 -13.20 4.96 -0.73
C ARG A 16 -12.33 6.20 -0.94
N VAL A 17 -12.97 7.28 -1.39
CA VAL A 17 -12.26 8.54 -1.62
C VAL A 17 -12.60 9.57 -0.55
N LEU A 18 -12.91 9.09 0.65
CA LEU A 18 -13.26 9.96 1.76
C LEU A 18 -12.17 9.94 2.82
N ALA A 19 -11.07 10.62 2.54
CA ALA A 19 -9.94 10.68 3.47
C ALA A 19 -9.36 9.29 3.74
N THR A 20 -9.66 8.35 2.85
CA THR A 20 -9.17 6.98 2.99
C THR A 20 -9.49 6.41 4.37
N ASP A 21 -10.56 5.62 4.44
CA ASP A 21 -10.99 5.02 5.69
C ASP A 21 -10.06 3.87 6.10
N MET A 22 -9.27 3.38 5.14
CA MET A 22 -8.35 2.28 5.41
C MET A 22 -7.45 2.59 6.60
N CYS A 23 -7.13 3.86 6.80
CA CYS A 23 -6.29 4.28 7.91
C CYS A 23 -7.06 4.28 9.22
N ASN A 24 -8.38 4.41 9.12
CA ASN A 24 -9.24 4.42 10.30
C ASN A 24 -9.65 3.02 10.69
N VAL A 25 -9.98 2.19 9.70
CA VAL A 25 -10.39 0.82 9.94
C VAL A 25 -9.25 0.00 10.54
N GLY A 26 -8.03 0.29 10.13
CA GLY A 26 -6.87 -0.42 10.64
C GLY A 26 -6.16 -1.22 9.56
N ALA A 27 -6.25 -0.76 8.32
CA ALA A 27 -5.61 -1.43 7.20
C ALA A 27 -4.27 -0.78 6.85
N VAL A 28 -4.01 0.40 7.42
CA VAL A 28 -2.77 1.11 7.16
C VAL A 28 -1.76 0.89 8.29
N TRP A 29 -0.73 0.11 8.00
CA TRP A 29 0.31 -0.18 8.99
C TRP A 29 1.67 -0.27 8.31
N LEU A 30 2.44 0.81 8.40
CA LEU A 30 3.76 0.87 7.80
C LEU A 30 4.78 0.08 8.62
N ASN A 31 5.27 -1.02 8.05
CA ASN A 31 6.25 -1.86 8.72
C ASN A 31 5.77 -2.27 10.11
N GLY A 32 4.51 -2.68 10.20
CA GLY A 32 3.95 -3.09 11.47
C GLY A 32 3.74 -1.92 12.42
N SER A 33 3.23 -0.82 11.89
CA SER A 33 2.98 0.37 12.69
C SER A 33 1.81 1.18 12.11
N CYS A 34 0.77 1.34 12.92
CA CYS A 34 -0.42 2.09 12.50
C CYS A 34 -0.04 3.49 12.02
N ALA A 35 -0.55 3.86 10.84
CA ALA A 35 -0.26 5.17 10.27
C ALA A 35 -1.49 5.74 9.58
N LYS A 36 -1.63 7.06 9.61
CA LYS A 36 -2.75 7.73 8.98
C LYS A 36 -2.79 7.46 7.48
N ALA A 37 -3.62 8.20 6.76
CA ALA A 37 -3.75 8.04 5.33
C ALA A 37 -2.88 9.05 4.57
N SER A 38 -1.80 9.51 5.22
CA SER A 38 -0.91 10.48 4.61
C SER A 38 0.53 10.28 5.10
N LYS A 39 0.85 9.03 5.45
CA LYS A 39 2.19 8.72 5.93
C LYS A 39 3.10 8.31 4.78
N GLU A 40 4.19 9.05 4.60
CA GLU A 40 5.14 8.77 3.54
C GLU A 40 5.80 7.40 3.75
N VAL A 41 6.11 6.72 2.65
CA VAL A 41 6.73 5.41 2.71
C VAL A 41 8.13 5.44 2.08
N LYS A 42 8.90 4.38 2.31
CA LYS A 42 10.24 4.28 1.77
C LYS A 42 10.43 2.96 1.03
N ALA A 43 11.48 2.89 0.21
CA ALA A 43 11.77 1.69 -0.56
C ALA A 43 12.24 0.56 0.34
N GLY A 44 11.83 -0.66 0.03
CA GLY A 44 12.23 -1.80 0.82
C GLY A 44 11.46 -1.90 2.13
N ASP A 45 10.24 -1.39 2.13
CA ASP A 45 9.40 -1.42 3.32
C ASP A 45 8.30 -2.47 3.18
N THR A 46 7.65 -2.80 4.29
CA THR A 46 6.57 -3.78 4.29
C THR A 46 5.21 -3.11 4.44
N ILE A 47 4.46 -3.05 3.34
CA ILE A 47 3.14 -2.44 3.36
C ILE A 47 2.09 -3.42 3.89
N SER A 48 1.69 -3.24 5.15
CA SER A 48 0.71 -4.11 5.77
C SER A 48 -0.71 -3.69 5.41
N LEU A 49 -1.61 -4.65 5.35
CA LEU A 49 -3.00 -4.39 5.03
C LEU A 49 -3.92 -5.39 5.71
N HIS A 50 -5.06 -4.91 6.21
CA HIS A 50 -6.01 -5.77 6.89
C HIS A 50 -7.31 -5.91 6.10
N TYR A 51 -7.74 -7.15 5.89
CA TYR A 51 -8.97 -7.42 5.15
C TYR A 51 -9.93 -8.25 6.00
N LEU A 52 -11.04 -8.65 5.40
CA LEU A 52 -12.04 -9.46 6.10
C LEU A 52 -11.67 -10.94 6.06
N LYS A 53 -10.89 -11.33 5.06
CA LYS A 53 -10.47 -12.71 4.90
C LYS A 53 -9.12 -12.96 5.57
N GLY A 54 -8.32 -11.91 5.69
CA GLY A 54 -7.01 -12.04 6.31
C GLY A 54 -6.07 -10.90 5.94
N ILE A 55 -4.83 -10.98 6.39
CA ILE A 55 -3.83 -9.96 6.10
C ILE A 55 -2.93 -10.37 4.94
N GLU A 56 -2.64 -9.42 4.05
CA GLU A 56 -1.79 -9.68 2.90
C GLU A 56 -0.33 -9.36 3.21
N GLU A 57 -0.08 -8.14 3.65
CA GLU A 57 1.26 -7.69 3.98
C GLU A 57 2.18 -7.72 2.76
N TYR A 58 2.29 -6.58 2.10
CA TYR A 58 3.12 -6.46 0.91
C TYR A 58 4.48 -5.84 1.27
N THR A 59 5.34 -5.68 0.26
CA THR A 59 6.65 -5.10 0.47
C THR A 59 7.07 -4.25 -0.73
N ILE A 60 7.49 -3.01 -0.45
CA ILE A 60 7.91 -2.11 -1.51
C ILE A 60 9.31 -2.44 -1.99
N LEU A 61 9.46 -2.63 -3.29
CA LEU A 61 10.75 -2.96 -3.88
C LEU A 61 11.51 -1.69 -4.29
N GLN A 62 10.80 -0.58 -4.38
CA GLN A 62 11.41 0.68 -4.77
C GLN A 62 10.38 1.81 -4.76
N ILE A 63 10.87 3.05 -4.76
CA ILE A 63 10.00 4.22 -4.76
C ILE A 63 10.34 5.16 -5.91
N PRO A 64 9.74 4.96 -7.09
CA PRO A 64 9.99 5.80 -8.26
C PRO A 64 9.41 7.19 -8.11
N ALA A 65 8.59 7.39 -7.08
CA ALA A 65 7.98 8.70 -6.83
C ALA A 65 7.07 9.10 -7.98
N LEU A 66 6.16 8.20 -8.35
CA LEU A 66 5.23 8.47 -9.44
C LEU A 66 3.86 8.86 -8.90
N LYS A 67 2.91 9.08 -9.80
CA LYS A 67 1.56 9.47 -9.41
C LYS A 67 0.58 8.33 -9.67
N ASN A 68 0.85 7.54 -10.71
CA ASN A 68 -0.02 6.42 -11.05
C ASN A 68 0.74 5.41 -11.93
N VAL A 69 0.66 4.14 -11.54
CA VAL A 69 1.33 3.08 -12.28
C VAL A 69 0.33 2.22 -13.05
N PRO A 70 0.23 2.41 -14.38
CA PRO A 70 -0.70 1.64 -15.22
C PRO A 70 -0.60 0.14 -14.97
N ARG A 71 -1.49 -0.61 -15.62
CA ARG A 71 -1.50 -2.07 -15.46
C ARG A 71 -0.45 -2.72 -16.36
N LYS A 72 0.80 -2.67 -15.92
CA LYS A 72 1.90 -3.26 -16.68
C LYS A 72 3.16 -3.37 -15.82
N ASP A 73 3.62 -2.23 -15.31
CA ASP A 73 4.81 -2.19 -14.46
C ASP A 73 4.43 -2.04 -13.00
N THR A 74 3.27 -2.59 -12.64
CA THR A 74 2.79 -2.52 -11.27
C THR A 74 3.11 -3.80 -10.50
N HIS A 75 4.17 -4.49 -10.92
CA HIS A 75 4.57 -5.73 -10.28
C HIS A 75 6.07 -5.72 -9.94
N LEU A 76 6.68 -4.54 -9.98
CA LEU A 76 8.10 -4.42 -9.69
C LEU A 76 8.34 -3.40 -8.56
N TYR A 77 7.28 -2.82 -8.02
CA TYR A 77 7.39 -1.85 -6.95
C TYR A 77 6.87 -2.42 -5.64
N ILE A 78 5.95 -3.38 -5.73
CA ILE A 78 5.38 -4.00 -4.55
C ILE A 78 5.01 -5.45 -4.82
N ALA A 79 5.19 -6.31 -3.81
CA ALA A 79 4.87 -7.72 -3.96
C ALA A 79 4.41 -8.32 -2.62
N PRO A 80 3.34 -9.12 -2.64
CA PRO A 80 2.80 -9.74 -1.43
C PRO A 80 3.85 -10.54 -0.67
N LYS A 81 4.05 -10.20 0.60
CA LYS A 81 5.03 -10.88 1.44
C LYS A 81 4.34 -11.73 2.51
N THR A 82 5.14 -12.33 3.38
CA THR A 82 4.61 -13.16 4.45
C THR A 82 3.86 -14.36 3.88
N LYS A 83 3.77 -15.43 4.67
CA LYS A 83 3.07 -16.64 4.24
C LYS A 83 2.37 -17.30 5.41
N GLU A 84 1.12 -16.92 5.65
CA GLU A 84 0.33 -17.48 6.73
C GLU A 84 0.12 -18.98 6.54
N MET A 1 7.07 8.51 -1.42
CA MET A 1 5.62 8.31 -1.64
C MET A 1 4.88 8.12 -0.32
N ARG A 2 3.62 7.72 -0.39
CA ARG A 2 2.81 7.51 0.79
C ARG A 2 2.16 6.12 0.77
N ILE A 3 1.05 5.97 1.49
CA ILE A 3 0.34 4.69 1.54
C ILE A 3 -1.03 4.79 0.89
N ASP A 4 -1.59 6.00 0.87
CA ASP A 4 -2.90 6.23 0.28
C ASP A 4 -2.83 6.24 -1.24
N LYS A 5 -1.89 7.00 -1.79
CA LYS A 5 -1.74 7.11 -3.24
C LYS A 5 -0.77 6.07 -3.80
N PHE A 6 -0.13 5.30 -2.93
CA PHE A 6 0.84 4.31 -3.38
C PHE A 6 0.19 2.98 -3.80
N LEU A 7 -0.34 2.25 -2.83
CA LEU A 7 -0.97 0.96 -3.12
C LEU A 7 -2.32 1.13 -3.81
N GLN A 8 -2.83 2.35 -3.79
CA GLN A 8 -4.12 2.64 -4.42
C GLN A 8 -3.94 3.07 -5.87
N SER A 9 -2.75 3.58 -6.19
CA SER A 9 -2.46 4.04 -7.55
C SER A 9 -1.67 2.99 -8.33
N VAL A 10 -0.83 2.23 -7.62
CA VAL A 10 -0.01 1.20 -8.24
C VAL A 10 -0.84 0.30 -9.14
N GLY A 11 -1.97 -0.17 -8.63
CA GLY A 11 -2.84 -1.03 -9.40
C GLY A 11 -3.56 -2.04 -8.53
N LEU A 12 -4.04 -1.59 -7.38
CA LEU A 12 -4.76 -2.45 -6.45
C LEU A 12 -6.14 -1.89 -6.16
N VAL A 13 -6.19 -0.63 -5.77
CA VAL A 13 -7.45 0.04 -5.47
C VAL A 13 -7.85 0.99 -6.59
N LYS A 14 -9.09 0.89 -7.03
CA LYS A 14 -9.59 1.74 -8.11
C LYS A 14 -10.36 2.93 -7.56
N ARG A 15 -9.94 3.42 -6.39
CA ARG A 15 -10.59 4.56 -5.76
C ARG A 15 -12.05 4.25 -5.45
N ARG A 16 -12.38 4.13 -4.17
CA ARG A 16 -13.74 3.83 -3.75
C ARG A 16 -14.45 5.10 -3.27
N VAL A 17 -13.81 5.82 -2.37
CA VAL A 17 -14.39 7.05 -1.83
C VAL A 17 -13.39 8.20 -1.92
N LEU A 18 -13.83 9.39 -1.51
CA LEU A 18 -12.98 10.58 -1.54
C LEU A 18 -12.17 10.71 -0.25
N ALA A 19 -12.75 10.23 0.85
CA ALA A 19 -12.10 10.30 2.15
C ALA A 19 -11.36 9.00 2.46
N THR A 20 -10.30 9.10 3.24
CA THR A 20 -9.50 7.93 3.60
C THR A 20 -10.11 7.22 4.81
N ASP A 21 -10.56 5.99 4.61
CA ASP A 21 -11.15 5.21 5.69
C ASP A 21 -10.22 4.08 6.13
N MET A 22 -9.38 3.63 5.20
CA MET A 22 -8.43 2.56 5.48
C MET A 22 -7.54 2.90 6.67
N CYS A 23 -7.19 4.18 6.78
CA CYS A 23 -6.34 4.65 7.88
C CYS A 23 -7.09 4.62 9.21
N ASN A 24 -8.42 4.76 9.13
CA ASN A 24 -9.25 4.76 10.33
C ASN A 24 -9.62 3.33 10.74
N VAL A 25 -10.09 2.54 9.77
CA VAL A 25 -10.48 1.17 10.02
C VAL A 25 -9.32 0.36 10.57
N GLY A 26 -8.11 0.65 10.09
CA GLY A 26 -6.93 -0.07 10.55
C GLY A 26 -6.28 -0.88 9.45
N ALA A 27 -6.45 -0.43 8.21
CA ALA A 27 -5.86 -1.13 7.07
C ALA A 27 -4.46 -0.62 6.77
N VAL A 28 -4.21 0.65 7.09
CA VAL A 28 -2.91 1.26 6.86
C VAL A 28 -1.91 0.83 7.93
N TRP A 29 -0.83 0.19 7.50
CA TRP A 29 0.20 -0.28 8.42
C TRP A 29 1.58 -0.19 7.78
N LEU A 30 2.41 0.72 8.27
CA LEU A 30 3.76 0.90 7.74
C LEU A 30 4.79 0.30 8.67
N ASN A 31 5.66 -0.56 8.11
CA ASN A 31 6.71 -1.20 8.90
C ASN A 31 6.11 -1.99 10.06
N GLY A 32 4.96 -2.61 9.83
CA GLY A 32 4.32 -3.39 10.86
C GLY A 32 3.78 -2.52 11.98
N SER A 33 3.40 -1.29 11.66
CA SER A 33 2.86 -0.35 12.64
C SER A 33 1.70 0.44 12.06
N CYS A 34 0.71 0.72 12.90
CA CYS A 34 -0.47 1.47 12.47
C CYS A 34 -0.07 2.83 11.93
N ALA A 35 -0.44 3.09 10.68
CA ALA A 35 -0.12 4.37 10.04
C ALA A 35 -1.39 5.12 9.63
N LYS A 36 -1.27 6.43 9.47
CA LYS A 36 -2.40 7.26 9.09
C LYS A 36 -2.48 7.41 7.57
N ALA A 37 -3.24 8.40 7.12
CA ALA A 37 -3.40 8.65 5.69
C ALA A 37 -2.41 9.71 5.21
N SER A 38 -1.28 9.83 5.90
CA SER A 38 -0.27 10.80 5.53
C SER A 38 1.12 10.31 5.94
N LYS A 39 1.29 8.99 5.98
CA LYS A 39 2.57 8.40 6.35
C LYS A 39 3.40 8.08 5.12
N GLU A 40 4.41 8.90 4.84
CA GLU A 40 5.27 8.71 3.69
C GLU A 40 5.97 7.35 3.76
N VAL A 41 5.97 6.64 2.64
CA VAL A 41 6.60 5.33 2.57
C VAL A 41 7.95 5.40 1.87
N LYS A 42 8.70 4.31 1.92
CA LYS A 42 10.01 4.26 1.27
C LYS A 42 10.24 2.90 0.62
N ALA A 43 11.30 2.81 -0.18
CA ALA A 43 11.63 1.56 -0.87
C ALA A 43 12.08 0.49 0.13
N GLY A 44 11.78 -0.77 -0.19
CA GLY A 44 12.16 -1.86 0.68
C GLY A 44 11.43 -1.82 2.00
N ASP A 45 10.20 -1.32 1.99
CA ASP A 45 9.39 -1.23 3.20
C ASP A 45 8.25 -2.23 3.16
N THR A 46 7.59 -2.42 4.30
CA THR A 46 6.47 -3.35 4.41
C THR A 46 5.13 -2.61 4.36
N ILE A 47 4.19 -3.13 3.58
CA ILE A 47 2.88 -2.53 3.46
C ILE A 47 1.79 -3.52 3.85
N SER A 48 1.28 -3.39 5.06
CA SER A 48 0.23 -4.27 5.56
C SER A 48 -1.15 -3.74 5.18
N LEU A 49 -2.13 -4.64 5.15
CA LEU A 49 -3.50 -4.26 4.79
C LEU A 49 -4.51 -5.07 5.59
N HIS A 50 -5.64 -4.45 5.92
CA HIS A 50 -6.69 -5.12 6.68
C HIS A 50 -7.78 -5.65 5.77
N TYR A 51 -8.01 -6.95 5.83
CA TYR A 51 -9.03 -7.59 5.01
C TYR A 51 -9.94 -8.48 5.85
N LEU A 52 -10.92 -9.10 5.21
CA LEU A 52 -11.86 -9.98 5.90
C LEU A 52 -11.28 -11.38 6.04
N LYS A 53 -10.62 -11.85 4.98
CA LYS A 53 -10.01 -13.17 4.99
C LYS A 53 -8.70 -13.16 5.77
N GLY A 54 -8.04 -12.01 5.81
CA GLY A 54 -6.78 -11.90 6.52
C GLY A 54 -5.85 -10.88 5.90
N ILE A 55 -4.87 -10.43 6.68
CA ILE A 55 -3.91 -9.45 6.20
C ILE A 55 -3.06 -10.01 5.07
N GLU A 56 -2.72 -9.16 4.10
CA GLU A 56 -1.91 -9.58 2.96
C GLU A 56 -0.42 -9.37 3.24
N GLU A 57 -0.09 -8.21 3.79
CA GLU A 57 1.29 -7.89 4.11
C GLU A 57 2.15 -7.87 2.84
N TYR A 58 2.37 -6.68 2.30
CA TYR A 58 3.17 -6.53 1.09
C TYR A 58 4.53 -5.91 1.41
N THR A 59 5.34 -5.73 0.37
CA THR A 59 6.66 -5.14 0.54
C THR A 59 7.04 -4.28 -0.66
N ILE A 60 7.39 -3.02 -0.40
CA ILE A 60 7.75 -2.09 -1.46
C ILE A 60 9.14 -2.41 -2.00
N LEU A 61 9.22 -2.66 -3.30
CA LEU A 61 10.49 -2.97 -3.95
C LEU A 61 11.25 -1.71 -4.33
N GLN A 62 10.52 -0.60 -4.48
CA GLN A 62 11.14 0.67 -4.84
C GLN A 62 10.09 1.79 -4.89
N ILE A 63 10.56 3.02 -5.07
CA ILE A 63 9.67 4.17 -5.13
C ILE A 63 9.89 4.97 -6.42
N PRO A 64 9.05 4.75 -7.44
CA PRO A 64 9.16 5.46 -8.72
C PRO A 64 8.90 6.95 -8.59
N ALA A 65 8.35 7.36 -7.45
CA ALA A 65 8.04 8.76 -7.20
C ALA A 65 7.00 9.29 -8.17
N LEU A 66 5.93 8.52 -8.37
CA LEU A 66 4.86 8.92 -9.28
C LEU A 66 3.52 8.92 -8.55
N LYS A 67 2.46 9.26 -9.28
CA LYS A 67 1.12 9.30 -8.71
C LYS A 67 0.26 8.14 -9.21
N ASN A 68 0.63 7.59 -10.37
CA ASN A 68 -0.11 6.48 -10.96
C ASN A 68 0.83 5.51 -11.66
N VAL A 69 0.49 4.23 -11.65
CA VAL A 69 1.30 3.21 -12.28
C VAL A 69 0.46 2.34 -13.21
N PRO A 70 0.69 2.44 -14.53
CA PRO A 70 -0.06 1.65 -15.53
C PRO A 70 -0.06 0.17 -15.20
N ARG A 71 -0.95 -0.58 -15.85
CA ARG A 71 -1.06 -2.01 -15.63
C ARG A 71 0.00 -2.77 -16.43
N LYS A 72 1.22 -2.78 -15.91
CA LYS A 72 2.33 -3.46 -16.58
C LYS A 72 3.54 -3.54 -15.67
N ASP A 73 3.99 -2.38 -15.20
CA ASP A 73 5.15 -2.30 -14.31
C ASP A 73 4.72 -2.03 -12.87
N THR A 74 3.51 -2.48 -12.53
CA THR A 74 2.98 -2.29 -11.19
C THR A 74 3.37 -3.44 -10.26
N HIS A 75 3.86 -4.53 -10.84
CA HIS A 75 4.27 -5.69 -10.07
C HIS A 75 5.76 -5.66 -9.75
N LEU A 76 6.35 -4.47 -9.84
CA LEU A 76 7.78 -4.31 -9.56
C LEU A 76 8.01 -3.30 -8.44
N TYR A 77 6.94 -2.72 -7.92
CA TYR A 77 7.04 -1.74 -6.84
C TYR A 77 6.57 -2.33 -5.52
N ILE A 78 5.67 -3.30 -5.59
CA ILE A 78 5.14 -3.95 -4.41
C ILE A 78 4.80 -5.41 -4.68
N ALA A 79 5.14 -6.29 -3.75
CA ALA A 79 4.87 -7.71 -3.90
C ALA A 79 4.54 -8.36 -2.56
N PRO A 80 3.56 -9.29 -2.53
CA PRO A 80 3.16 -9.97 -1.30
C PRO A 80 4.33 -10.69 -0.63
N LYS A 81 4.70 -10.22 0.55
CA LYS A 81 5.81 -10.82 1.29
C LYS A 81 5.29 -11.60 2.49
N THR A 82 5.61 -12.90 2.52
CA THR A 82 5.18 -13.77 3.61
C THR A 82 6.07 -15.00 3.71
N LYS A 83 6.41 -15.38 4.94
CA LYS A 83 7.26 -16.55 5.16
C LYS A 83 6.68 -17.45 6.24
N GLU A 84 7.04 -18.73 6.21
CA GLU A 84 6.55 -19.69 7.18
C GLU A 84 7.64 -20.04 8.20
N MET A 1 5.66 10.20 -1.66
CA MET A 1 4.80 8.99 -1.79
C MET A 1 4.27 8.55 -0.43
N ARG A 2 3.12 7.87 -0.43
CA ARG A 2 2.51 7.39 0.80
C ARG A 2 1.65 6.17 0.55
N ILE A 3 1.47 5.35 1.57
CA ILE A 3 0.66 4.14 1.48
C ILE A 3 -0.70 4.42 0.87
N ASP A 4 -1.17 5.65 1.00
CA ASP A 4 -2.47 6.03 0.46
C ASP A 4 -2.42 6.15 -1.06
N LYS A 5 -1.49 6.95 -1.57
CA LYS A 5 -1.35 7.16 -3.01
C LYS A 5 -0.39 6.15 -3.65
N PHE A 6 0.25 5.32 -2.83
CA PHE A 6 1.20 4.33 -3.35
C PHE A 6 0.52 3.09 -3.90
N LEU A 7 -0.11 2.31 -3.02
CA LEU A 7 -0.78 1.07 -3.44
C LEU A 7 -2.11 1.35 -4.12
N GLN A 8 -2.61 2.57 -3.97
CA GLN A 8 -3.88 2.95 -4.57
C GLN A 8 -3.69 3.52 -5.98
N SER A 9 -2.47 3.97 -6.28
CA SER A 9 -2.17 4.54 -7.59
C SER A 9 -1.72 3.45 -8.55
N VAL A 10 -0.82 2.58 -8.10
CA VAL A 10 -0.30 1.49 -8.93
C VAL A 10 -1.44 0.63 -9.44
N GLY A 11 -2.53 0.56 -8.69
CA GLY A 11 -3.66 -0.25 -9.09
C GLY A 11 -3.85 -1.47 -8.22
N LEU A 12 -3.74 -1.28 -6.90
CA LEU A 12 -3.90 -2.38 -5.95
C LEU A 12 -5.26 -2.32 -5.28
N VAL A 13 -5.78 -1.11 -5.10
CA VAL A 13 -7.07 -0.92 -4.46
C VAL A 13 -8.19 -0.85 -5.51
N LYS A 14 -9.39 -1.23 -5.10
CA LYS A 14 -10.55 -1.21 -6.00
C LYS A 14 -11.83 -0.95 -5.23
N ARG A 15 -12.79 -0.30 -5.88
CA ARG A 15 -14.07 0.02 -5.26
C ARG A 15 -13.86 0.88 -4.01
N ARG A 16 -12.73 1.57 -3.95
CA ARG A 16 -12.43 2.43 -2.81
C ARG A 16 -11.41 3.50 -3.21
N VAL A 17 -11.85 4.47 -4.00
CA VAL A 17 -10.97 5.55 -4.46
C VAL A 17 -11.34 6.87 -3.79
N LEU A 18 -10.50 7.88 -3.98
CA LEU A 18 -10.73 9.20 -3.39
C LEU A 18 -10.68 9.13 -1.87
N ALA A 19 -11.76 8.67 -1.26
CA ALA A 19 -11.84 8.57 0.19
C ALA A 19 -10.97 7.44 0.71
N THR A 20 -10.23 7.71 1.77
CA THR A 20 -9.35 6.72 2.38
C THR A 20 -10.06 6.01 3.54
N ASP A 21 -10.42 4.75 3.33
CA ASP A 21 -11.11 3.96 4.35
C ASP A 21 -10.12 3.04 5.08
N MET A 22 -9.08 2.62 4.38
CA MET A 22 -8.08 1.73 4.96
C MET A 22 -7.48 2.34 6.21
N CYS A 23 -7.10 3.61 6.14
CA CYS A 23 -6.51 4.31 7.27
C CYS A 23 -7.50 4.41 8.42
N ASN A 24 -8.78 4.42 8.11
CA ASN A 24 -9.82 4.51 9.13
C ASN A 24 -10.13 3.15 9.73
N VAL A 25 -10.41 2.17 8.87
CA VAL A 25 -10.72 0.82 9.31
C VAL A 25 -9.58 0.24 10.15
N GLY A 26 -8.36 0.67 9.86
CA GLY A 26 -7.21 0.18 10.60
C GLY A 26 -6.40 -0.83 9.81
N ALA A 27 -6.32 -0.63 8.50
CA ALA A 27 -5.57 -1.52 7.63
C ALA A 27 -4.19 -0.97 7.33
N VAL A 28 -4.09 0.35 7.26
CA VAL A 28 -2.82 1.01 6.99
C VAL A 28 -1.82 0.77 8.11
N TRP A 29 -0.76 0.01 7.80
CA TRP A 29 0.27 -0.30 8.77
C TRP A 29 1.65 -0.27 8.13
N LEU A 30 2.42 0.77 8.43
CA LEU A 30 3.76 0.93 7.87
C LEU A 30 4.79 0.19 8.72
N ASN A 31 5.55 -0.71 8.08
CA ASN A 31 6.57 -1.47 8.76
C ASN A 31 6.02 -2.17 10.00
N GLY A 32 4.79 -2.65 9.89
CA GLY A 32 4.15 -3.33 11.00
C GLY A 32 3.74 -2.37 12.11
N SER A 33 3.44 -1.13 11.74
CA SER A 33 3.04 -0.12 12.71
C SER A 33 1.91 0.75 12.15
N CYS A 34 1.01 1.17 13.02
CA CYS A 34 -0.12 2.00 12.62
C CYS A 34 0.36 3.25 11.90
N ALA A 35 -0.36 3.64 10.84
CA ALA A 35 -0.01 4.81 10.06
C ALA A 35 -1.25 5.46 9.44
N LYS A 36 -1.40 6.75 9.65
CA LYS A 36 -2.54 7.49 9.12
C LYS A 36 -2.51 7.50 7.59
N ALA A 37 -3.31 8.36 6.99
CA ALA A 37 -3.39 8.48 5.54
C ALA A 37 -2.49 9.61 5.03
N SER A 38 -1.43 9.88 5.77
CA SER A 38 -0.49 10.94 5.39
C SER A 38 0.93 10.59 5.83
N LYS A 39 1.22 9.29 5.90
CA LYS A 39 2.54 8.83 6.31
C LYS A 39 3.36 8.42 5.09
N GLU A 40 4.50 9.09 4.90
CA GLU A 40 5.38 8.79 3.78
C GLU A 40 5.92 7.37 3.87
N VAL A 41 6.36 6.83 2.73
CA VAL A 41 6.90 5.49 2.68
C VAL A 41 8.27 5.46 2.02
N LYS A 42 8.95 4.33 2.10
CA LYS A 42 10.27 4.17 1.50
C LYS A 42 10.38 2.86 0.74
N ALA A 43 11.53 2.63 0.12
CA ALA A 43 11.76 1.41 -0.65
C ALA A 43 12.13 0.25 0.27
N GLY A 44 11.86 -0.96 -0.18
CA GLY A 44 12.17 -2.14 0.61
C GLY A 44 11.48 -2.13 1.95
N ASP A 45 10.27 -1.57 1.99
CA ASP A 45 9.49 -1.51 3.22
C ASP A 45 8.31 -2.47 3.17
N THR A 46 7.74 -2.77 4.34
CA THR A 46 6.60 -3.66 4.42
C THR A 46 5.29 -2.89 4.48
N ILE A 47 4.27 -3.40 3.81
CA ILE A 47 2.97 -2.75 3.78
C ILE A 47 1.88 -3.72 4.27
N SER A 48 1.47 -3.55 5.53
CA SER A 48 0.45 -4.41 6.11
C SER A 48 -0.95 -3.94 5.73
N LEU A 49 -1.90 -4.87 5.71
CA LEU A 49 -3.27 -4.56 5.35
C LEU A 49 -4.24 -5.49 6.07
N HIS A 50 -5.18 -4.90 6.81
CA HIS A 50 -6.17 -5.67 7.55
C HIS A 50 -7.44 -5.86 6.73
N TYR A 51 -7.82 -7.12 6.52
CA TYR A 51 -9.02 -7.42 5.75
C TYR A 51 -9.85 -8.50 6.45
N LEU A 52 -11.10 -8.63 6.04
CA LEU A 52 -11.99 -9.62 6.62
C LEU A 52 -11.47 -11.04 6.38
N LYS A 53 -10.84 -11.24 5.24
CA LYS A 53 -10.30 -12.56 4.89
C LYS A 53 -8.97 -12.80 5.62
N GLY A 54 -8.24 -11.72 5.87
CA GLY A 54 -6.96 -11.84 6.55
C GLY A 54 -5.96 -10.78 6.12
N ILE A 55 -4.77 -10.83 6.69
CA ILE A 55 -3.72 -9.87 6.36
C ILE A 55 -2.87 -10.38 5.19
N GLU A 56 -2.45 -9.45 4.33
CA GLU A 56 -1.63 -9.80 3.17
C GLU A 56 -0.17 -9.47 3.43
N GLU A 57 0.09 -8.26 3.92
CA GLU A 57 1.46 -7.83 4.21
C GLU A 57 2.30 -7.81 2.94
N TYR A 58 2.33 -6.66 2.27
CA TYR A 58 3.10 -6.51 1.04
C TYR A 58 4.47 -5.93 1.34
N THR A 59 5.28 -5.75 0.29
CA THR A 59 6.62 -5.20 0.43
C THR A 59 6.96 -4.29 -0.75
N ILE A 60 7.35 -3.06 -0.43
CA ILE A 60 7.70 -2.08 -1.47
C ILE A 60 9.07 -2.40 -2.07
N LEU A 61 9.08 -2.68 -3.37
CA LEU A 61 10.32 -2.99 -4.07
C LEU A 61 11.11 -1.73 -4.38
N GLN A 62 10.42 -0.59 -4.44
CA GLN A 62 11.06 0.68 -4.74
C GLN A 62 10.04 1.81 -4.76
N ILE A 63 10.53 3.05 -4.79
CA ILE A 63 9.65 4.21 -4.83
C ILE A 63 9.88 5.05 -6.08
N PRO A 64 9.12 4.77 -7.15
CA PRO A 64 9.25 5.51 -8.42
C PRO A 64 8.75 6.95 -8.32
N ALA A 65 8.06 7.25 -7.23
CA ALA A 65 7.53 8.60 -7.01
C ALA A 65 6.55 8.98 -8.12
N LEU A 66 5.77 8.01 -8.56
CA LEU A 66 4.79 8.23 -9.62
C LEU A 66 3.44 8.64 -9.03
N LYS A 67 2.50 8.99 -9.91
CA LYS A 67 1.17 9.39 -9.47
C LYS A 67 0.13 8.33 -9.83
N ASN A 68 0.39 7.58 -10.90
CA ASN A 68 -0.52 6.54 -11.34
C ASN A 68 0.17 5.61 -12.33
N VAL A 69 0.65 4.47 -11.83
CA VAL A 69 1.35 3.49 -12.67
C VAL A 69 0.34 2.62 -13.42
N PRO A 70 0.56 2.42 -14.73
CA PRO A 70 -0.34 1.61 -15.56
C PRO A 70 -0.13 0.11 -15.33
N ARG A 71 -0.71 -0.70 -16.21
CA ARG A 71 -0.59 -2.15 -16.10
C ARG A 71 0.68 -2.64 -16.76
N LYS A 72 1.79 -2.56 -16.03
CA LYS A 72 3.09 -3.01 -16.55
C LYS A 72 4.16 -2.91 -15.47
N ASP A 73 4.14 -1.81 -14.72
CA ASP A 73 5.12 -1.61 -13.66
C ASP A 73 4.46 -1.70 -12.28
N THR A 74 3.13 -1.61 -12.24
CA THR A 74 2.40 -1.68 -10.98
C THR A 74 2.77 -2.94 -10.20
N HIS A 75 3.14 -3.99 -10.91
CA HIS A 75 3.53 -5.25 -10.27
C HIS A 75 5.04 -5.36 -10.15
N LEU A 76 5.72 -4.22 -10.08
CA LEU A 76 7.17 -4.20 -9.95
C LEU A 76 7.63 -3.26 -8.84
N TYR A 77 6.67 -2.74 -8.07
CA TYR A 77 6.99 -1.83 -6.97
C TYR A 77 6.49 -2.37 -5.64
N ILE A 78 5.58 -3.34 -5.69
CA ILE A 78 5.02 -3.93 -4.47
C ILE A 78 4.56 -5.36 -4.72
N ALA A 79 4.84 -6.25 -3.77
CA ALA A 79 4.46 -7.64 -3.89
C ALA A 79 3.98 -8.19 -2.54
N PRO A 80 3.03 -9.14 -2.56
CA PRO A 80 2.49 -9.75 -1.34
C PRO A 80 3.49 -10.70 -0.68
N LYS A 81 4.02 -10.27 0.47
CA LYS A 81 4.98 -11.09 1.20
C LYS A 81 4.28 -12.23 1.93
N THR A 82 5.05 -13.26 2.28
CA THR A 82 4.51 -14.42 2.99
C THR A 82 5.53 -15.00 3.95
N LYS A 83 5.05 -15.61 5.02
CA LYS A 83 5.92 -16.22 6.03
C LYS A 83 5.28 -17.45 6.63
N GLU A 84 6.11 -18.43 6.98
CA GLU A 84 5.62 -19.67 7.58
C GLU A 84 5.12 -19.44 9.01
#